data_3EMJ
#
_entry.id   3EMJ
#
_cell.length_a   80.960
_cell.length_b   107.350
_cell.length_c   128.420
_cell.angle_alpha   90.000
_cell.angle_beta   96.050
_cell.angle_gamma   90.000
#
_symmetry.space_group_name_H-M   'P 1 21 1'
#
loop_
_entity.id
_entity.type
_entity.pdbx_description
1 polymer 'Inorganic pyrophosphatase'
2 non-polymer 'TETRAETHYLENE GLYCOL'
3 water water
#
_entity_poly.entity_id   1
_entity_poly.type   'polypeptide(L)'
_entity_poly.pdbx_seq_one_letter_code
;SMFIKKIKAKANNNEINVIIEIPMNSGPIKYEFDKESGALFVDRFMQTTMSYPCNYGFIPDTLSNDGDPVDVLVVAHHPV
VPGSVIKCRAIGVLMMEDESGLDEKIIAVPTSKLDITFDHIKELDDLCEMLKKRIVHFFEHYKDLEKGKWVKVTGWGDKV
KAETLIKEGIDRN
;
_entity_poly.pdbx_strand_id   A,B,C,D,E,F,G,H,I,J,K,L
#
loop_
_chem_comp.id
_chem_comp.type
_chem_comp.name
_chem_comp.formula
PG4 non-polymer 'TETRAETHYLENE GLYCOL' 'C8 H18 O5'
#
# COMPACT_ATOMS: atom_id res chain seq x y z
N ILE A 7 -4.85 30.68 -33.24
CA ILE A 7 -3.62 30.59 -34.07
C ILE A 7 -3.85 31.21 -35.43
N LYS A 8 -2.98 32.13 -35.80
CA LYS A 8 -3.11 32.85 -37.06
C LYS A 8 -2.58 32.01 -38.16
N ALA A 9 -3.12 32.26 -39.34
CA ALA A 9 -2.66 31.56 -40.57
C ALA A 9 -1.19 31.77 -40.77
N LYS A 10 -0.69 32.95 -40.41
CA LYS A 10 0.71 33.27 -40.70
C LYS A 10 1.51 33.71 -39.55
N ALA A 11 2.76 33.32 -39.62
CA ALA A 11 3.76 33.74 -38.67
C ALA A 11 4.60 34.84 -39.34
N ASN A 12 5.84 34.99 -38.92
CA ASN A 12 6.74 35.95 -39.57
C ASN A 12 7.45 35.41 -40.83
N ASN A 13 7.90 36.34 -41.65
CA ASN A 13 8.74 36.05 -42.80
C ASN A 13 8.01 35.25 -43.84
N ASN A 14 6.70 35.44 -43.94
CA ASN A 14 5.82 34.71 -44.85
C ASN A 14 5.69 33.20 -44.54
N GLU A 15 5.87 32.84 -43.29
CA GLU A 15 5.66 31.47 -42.81
C GLU A 15 4.22 31.24 -42.40
N ILE A 16 3.79 30.00 -42.46
CA ILE A 16 2.41 29.63 -42.12
C ILE A 16 2.43 28.70 -40.95
N ASN A 17 1.41 28.85 -40.17
CA ASN A 17 1.13 27.89 -39.17
C ASN A 17 0.26 26.81 -39.76
N VAL A 18 0.62 25.57 -39.52
CA VAL A 18 -0.21 24.41 -39.93
C VAL A 18 -0.53 23.46 -38.76
N ILE A 19 -1.83 23.26 -38.47
CA ILE A 19 -2.24 22.33 -37.41
C ILE A 19 -2.34 20.86 -37.98
N ILE A 20 -1.60 19.92 -37.39
CA ILE A 20 -1.53 18.51 -37.89
C ILE A 20 -2.69 17.68 -37.38
N GLU A 21 -3.41 17.11 -38.32
CA GLU A 21 -4.49 16.14 -38.02
C GLU A 21 -3.97 14.75 -38.04
N ILE A 22 -3.17 14.46 -39.07
CA ILE A 22 -2.71 13.13 -39.31
C ILE A 22 -1.20 13.07 -39.50
N PRO A 23 -0.48 12.24 -38.69
CA PRO A 23 0.95 12.12 -38.83
C PRO A 23 1.33 11.24 -39.95
N MET A 24 2.50 11.46 -40.52
CA MET A 24 3.01 10.60 -41.57
C MET A 24 3.21 9.16 -41.06
N ASN A 25 2.99 8.22 -41.97
CA ASN A 25 3.24 6.77 -41.73
C ASN A 25 2.54 6.22 -40.47
N SER A 26 1.39 6.78 -40.15
CA SER A 26 0.78 6.56 -38.85
C SER A 26 -0.41 5.58 -38.90
N GLY A 27 -0.59 4.92 -40.02
CA GLY A 27 -1.49 3.79 -40.06
C GLY A 27 -2.87 4.18 -40.46
N PRO A 28 -3.87 3.53 -39.89
CA PRO A 28 -5.18 3.61 -40.47
C PRO A 28 -6.10 4.69 -39.89
N ILE A 29 -5.69 5.40 -38.85
CA ILE A 29 -6.61 6.42 -38.33
C ILE A 29 -6.56 7.76 -39.03
N LYS A 30 -7.73 8.15 -39.46
CA LYS A 30 -7.88 9.36 -40.19
C LYS A 30 -8.54 10.37 -39.31
N TYR A 31 -7.74 11.25 -38.72
CA TYR A 31 -8.35 12.22 -37.80
C TYR A 31 -8.77 13.49 -38.53
N GLU A 32 -9.71 14.17 -37.94
CA GLU A 32 -10.08 15.45 -38.43
C GLU A 32 -10.59 16.33 -37.29
N PHE A 33 -10.11 17.57 -37.23
CA PHE A 33 -10.56 18.54 -36.20
C PHE A 33 -11.98 19.08 -36.51
N ASP A 34 -12.86 19.02 -35.52
CA ASP A 34 -14.15 19.65 -35.68
C ASP A 34 -13.95 21.15 -35.58
N LYS A 35 -14.18 21.82 -36.70
CA LYS A 35 -13.96 23.28 -36.82
C LYS A 35 -14.84 24.10 -35.87
N GLU A 36 -15.90 23.49 -35.39
CA GLU A 36 -16.79 24.11 -34.41
C GLU A 36 -16.25 24.03 -33.01
N SER A 37 -15.97 22.83 -32.54
CA SER A 37 -15.85 22.58 -31.10
C SER A 37 -14.38 22.49 -30.77
N GLY A 38 -13.59 22.37 -31.83
CA GLY A 38 -12.15 22.24 -31.72
C GLY A 38 -11.72 20.86 -31.27
N ALA A 39 -12.67 19.96 -31.14
CA ALA A 39 -12.34 18.55 -30.83
C ALA A 39 -11.66 17.82 -32.02
N LEU A 40 -10.69 16.97 -31.68
CA LEU A 40 -10.10 16.03 -32.64
C LEU A 40 -10.99 14.80 -32.76
N PHE A 41 -11.65 14.68 -33.91
CA PHE A 41 -12.54 13.56 -34.25
C PHE A 41 -11.84 12.49 -35.13
N VAL A 42 -12.27 11.25 -34.96
CA VAL A 42 -11.90 10.16 -35.84
C VAL A 42 -12.78 10.27 -37.06
N ASP A 43 -12.20 10.58 -38.21
CA ASP A 43 -13.08 10.63 -39.37
C ASP A 43 -13.48 9.22 -39.88
N ARG A 44 -12.49 8.37 -40.00
CA ARG A 44 -12.61 7.02 -40.52
C ARG A 44 -11.54 6.16 -39.97
N PHE A 45 -11.86 4.87 -39.78
CA PHE A 45 -10.81 3.86 -39.77
C PHE A 45 -10.57 3.38 -41.22
N MET A 46 -9.43 3.74 -41.79
CA MET A 46 -9.25 3.61 -43.20
C MET A 46 -9.04 2.15 -43.47
N GLN A 47 -9.42 1.73 -44.66
CA GLN A 47 -9.65 0.30 -44.99
C GLN A 47 -8.51 -0.32 -45.80
N THR A 48 -7.77 0.50 -46.53
CA THR A 48 -6.63 0.01 -47.30
C THR A 48 -5.48 -0.22 -46.38
N THR A 49 -4.36 -0.67 -46.95
CA THR A 49 -3.14 -0.80 -46.14
C THR A 49 -2.27 0.48 -46.26
N MET A 50 -2.80 1.56 -46.82
CA MET A 50 -1.99 2.78 -46.93
C MET A 50 -2.03 3.72 -45.70
N SER A 51 -0.89 4.32 -45.42
CA SER A 51 -0.87 5.42 -44.45
C SER A 51 -0.39 6.67 -45.13
N TYR A 52 -0.63 7.83 -44.50
CA TYR A 52 -0.34 9.12 -45.18
C TYR A 52 1.14 9.26 -45.43
N PRO A 53 1.50 9.84 -46.57
CA PRO A 53 2.92 9.92 -46.89
C PRO A 53 3.54 11.14 -46.21
N CYS A 54 2.68 11.96 -45.63
CA CYS A 54 3.11 13.24 -45.11
C CYS A 54 2.35 13.53 -43.85
N ASN A 55 2.91 14.43 -43.07
CA ASN A 55 2.13 15.06 -42.00
C ASN A 55 1.11 15.91 -42.69
N TYR A 56 -0.13 15.75 -42.24
CA TYR A 56 -1.24 16.36 -42.92
C TYR A 56 -2.10 17.20 -41.95
N GLY A 57 -2.53 18.36 -42.39
CA GLY A 57 -3.35 19.22 -41.51
C GLY A 57 -3.95 20.34 -42.29
N PHE A 58 -4.16 21.48 -41.61
CA PHE A 58 -4.77 22.67 -42.21
C PHE A 58 -4.18 23.98 -41.62
N ILE A 59 -4.44 25.09 -42.30
CA ILE A 59 -3.96 26.36 -41.86
C ILE A 59 -5.10 26.98 -41.13
N PRO A 60 -4.88 27.29 -39.85
CA PRO A 60 -5.96 27.93 -39.15
C PRO A 60 -6.24 29.31 -39.69
N ASP A 61 -7.49 29.68 -39.50
CA ASP A 61 -7.92 31.04 -39.78
C ASP A 61 -8.05 31.29 -41.30
N THR A 62 -8.22 30.20 -42.04
CA THR A 62 -8.40 30.28 -43.47
C THR A 62 -9.69 29.63 -43.88
N LEU A 63 -10.12 29.93 -45.09
CA LEU A 63 -11.35 29.36 -45.59
C LEU A 63 -11.31 29.09 -47.09
N SER A 64 -11.50 27.83 -47.44
CA SER A 64 -11.59 27.40 -48.84
C SER A 64 -12.95 27.67 -49.39
N ASN A 65 -13.09 27.55 -50.69
CA ASN A 65 -14.42 27.58 -51.30
C ASN A 65 -15.25 26.41 -50.78
N ASP A 66 -14.57 25.30 -50.47
CA ASP A 66 -15.27 24.11 -49.94
C ASP A 66 -15.83 24.37 -48.56
N GLY A 67 -15.43 25.47 -47.95
CA GLY A 67 -16.03 25.87 -46.69
C GLY A 67 -15.25 25.36 -45.53
N ASP A 68 -14.10 24.77 -45.83
CA ASP A 68 -13.20 24.31 -44.80
C ASP A 68 -11.84 24.98 -44.96
N PRO A 69 -11.01 24.93 -43.90
CA PRO A 69 -9.67 25.51 -43.92
C PRO A 69 -8.83 25.02 -45.06
N VAL A 70 -7.91 25.86 -45.50
CA VAL A 70 -6.93 25.45 -46.51
C VAL A 70 -6.13 24.27 -45.91
N ASP A 71 -6.08 23.13 -46.62
CA ASP A 71 -5.27 22.03 -46.11
C ASP A 71 -3.91 21.89 -46.75
N VAL A 72 -3.09 21.17 -46.02
CA VAL A 72 -1.67 21.23 -46.21
C VAL A 72 -1.09 19.88 -45.95
N LEU A 73 -0.15 19.50 -46.82
CA LEU A 73 0.73 18.39 -46.60
C LEU A 73 2.11 18.90 -46.26
N VAL A 74 2.56 18.56 -45.07
CA VAL A 74 3.89 18.95 -44.64
C VAL A 74 4.87 17.82 -44.85
N VAL A 75 5.84 18.07 -45.70
CA VAL A 75 6.89 17.14 -45.91
C VAL A 75 7.90 17.32 -44.83
N ALA A 76 8.14 16.28 -44.07
CA ALA A 76 9.06 16.37 -42.95
C ALA A 76 9.82 15.06 -42.83
N HIS A 77 10.85 15.00 -42.02
CA HIS A 77 11.55 13.76 -41.87
C HIS A 77 10.96 12.86 -40.79
N HIS A 78 9.96 13.38 -40.09
CA HIS A 78 9.42 12.73 -38.88
C HIS A 78 7.95 13.01 -38.67
N PRO A 79 7.23 12.04 -38.09
CA PRO A 79 5.84 12.22 -37.74
C PRO A 79 5.75 13.13 -36.54
N VAL A 80 4.55 13.63 -36.27
CA VAL A 80 4.34 14.58 -35.21
C VAL A 80 3.03 14.16 -34.59
N VAL A 81 2.81 14.44 -33.30
CA VAL A 81 1.55 14.04 -32.71
C VAL A 81 0.47 14.84 -33.40
N PRO A 82 -0.73 14.25 -33.46
CA PRO A 82 -1.89 14.96 -33.89
C PRO A 82 -2.21 16.11 -32.95
N GLY A 83 -2.62 17.20 -33.55
CA GLY A 83 -2.97 18.41 -32.84
C GLY A 83 -1.80 19.35 -32.64
N SER A 84 -0.60 18.90 -32.99
CA SER A 84 0.58 19.78 -32.94
C SER A 84 0.72 20.69 -34.15
N VAL A 85 1.51 21.73 -33.97
CA VAL A 85 1.56 22.87 -34.90
C VAL A 85 2.94 23.05 -35.45
N ILE A 86 3.06 22.88 -36.77
CA ILE A 86 4.32 23.05 -37.46
C ILE A 86 4.29 24.37 -38.23
N LYS A 87 5.31 25.18 -37.97
CA LYS A 87 5.56 26.41 -38.76
C LYS A 87 6.33 25.99 -39.99
N CYS A 88 5.75 26.32 -41.15
CA CYS A 88 6.26 25.88 -42.46
C CYS A 88 6.42 27.01 -43.49
N ARG A 89 7.14 26.69 -44.57
CA ARG A 89 6.95 27.45 -45.82
C ARG A 89 6.32 26.62 -46.95
N ALA A 90 5.38 27.28 -47.61
CA ALA A 90 4.70 26.77 -48.79
C ALA A 90 5.65 26.76 -49.94
N ILE A 91 5.61 25.68 -50.70
CA ILE A 91 6.51 25.53 -51.83
C ILE A 91 5.78 25.07 -53.07
N GLY A 92 4.46 24.92 -52.93
CA GLY A 92 3.67 24.34 -54.02
C GLY A 92 2.24 23.95 -53.69
N VAL A 93 1.56 23.43 -54.73
CA VAL A 93 0.19 22.92 -54.63
C VAL A 93 0.05 21.54 -55.32
N LEU A 94 -0.73 20.66 -54.71
CA LEU A 94 -1.24 19.44 -55.35
C LEU A 94 -2.68 19.66 -55.72
N MET A 95 -2.97 19.51 -57.00
CA MET A 95 -4.33 19.67 -57.50
C MET A 95 -5.00 18.38 -57.88
N MET A 96 -6.20 18.24 -57.36
CA MET A 96 -7.02 17.07 -57.55
C MET A 96 -8.46 17.37 -57.89
N GLU A 97 -9.08 16.35 -58.45
CA GLU A 97 -10.52 16.34 -58.50
C GLU A 97 -11.05 15.02 -57.89
N ASP A 98 -12.09 15.14 -57.09
CA ASP A 98 -12.78 13.97 -56.58
C ASP A 98 -14.24 13.95 -57.01
N GLU A 99 -15.04 13.15 -56.33
CA GLU A 99 -16.39 12.83 -56.87
C GLU A 99 -17.25 14.04 -56.61
N SER A 100 -16.74 14.92 -55.78
CA SER A 100 -17.53 16.05 -55.31
C SER A 100 -16.97 17.40 -55.73
N GLY A 101 -16.01 17.41 -56.64
CA GLY A 101 -15.41 18.67 -57.11
C GLY A 101 -13.90 18.79 -57.03
N LEU A 102 -13.44 20.03 -56.99
CA LEU A 102 -12.02 20.31 -57.04
C LEU A 102 -11.39 20.34 -55.65
N ASP A 103 -10.12 19.94 -55.62
CA ASP A 103 -9.40 19.86 -54.35
C ASP A 103 -7.94 20.20 -54.53
N GLU A 104 -7.46 21.08 -53.67
CA GLU A 104 -6.08 21.49 -53.74
C GLU A 104 -5.48 21.32 -52.40
N LYS A 105 -4.25 20.84 -52.36
CA LYS A 105 -3.49 20.74 -51.09
C LYS A 105 -2.16 21.45 -51.21
N ILE A 106 -1.92 22.38 -50.30
CA ILE A 106 -0.63 23.02 -50.24
C ILE A 106 0.36 21.98 -49.83
N ILE A 107 1.57 22.14 -50.33
CA ILE A 107 2.68 21.34 -49.99
C ILE A 107 3.68 22.29 -49.37
N ALA A 108 4.07 21.99 -48.13
CA ALA A 108 4.92 22.87 -47.36
C ALA A 108 6.00 22.07 -46.72
N VAL A 109 7.06 22.77 -46.29
CA VAL A 109 8.13 22.14 -45.58
C VAL A 109 8.40 22.91 -44.29
N PRO A 110 9.08 22.27 -43.36
CA PRO A 110 9.24 23.08 -42.15
C PRO A 110 10.15 24.21 -42.40
N THR A 111 9.98 25.27 -41.59
CA THR A 111 10.99 26.38 -41.63
C THR A 111 12.32 25.96 -41.13
N SER A 112 13.32 26.73 -41.50
CA SER A 112 14.70 26.32 -41.30
C SER A 112 15.02 26.40 -39.84
N LYS A 113 14.33 27.27 -39.14
CA LYS A 113 14.41 27.24 -37.68
C LYS A 113 13.87 25.95 -37.03
N LEU A 114 12.83 25.31 -37.58
CA LEU A 114 12.47 23.99 -37.06
C LEU A 114 13.41 22.96 -37.63
N ASP A 115 13.79 23.08 -38.88
CA ASP A 115 14.67 22.05 -39.49
C ASP A 115 15.49 22.56 -40.68
N ILE A 116 16.75 22.78 -40.39
CA ILE A 116 17.65 23.48 -41.28
C ILE A 116 17.81 22.70 -42.58
N THR A 117 17.50 21.38 -42.53
CA THR A 117 17.80 20.48 -43.65
C THR A 117 16.81 20.66 -44.80
N PHE A 118 15.77 21.42 -44.57
CA PHE A 118 14.86 21.73 -45.64
C PHE A 118 15.22 23.08 -46.35
N ASP A 119 16.38 23.64 -45.99
CA ASP A 119 16.62 25.03 -46.39
C ASP A 119 16.67 25.20 -47.91
N HIS A 120 17.38 24.28 -48.52
CA HIS A 120 17.58 24.19 -49.97
C HIS A 120 16.35 23.66 -50.75
N ILE A 121 15.25 23.41 -50.06
CA ILE A 121 14.02 23.09 -50.78
C ILE A 121 13.12 24.31 -50.91
N LYS A 122 13.15 24.91 -52.11
CA LYS A 122 12.43 26.12 -52.35
C LYS A 122 11.27 25.91 -53.30
N GLU A 123 11.35 24.85 -54.11
CA GLU A 123 10.38 24.56 -55.17
CA GLU A 123 10.27 24.55 -55.06
C GLU A 123 10.09 23.05 -55.18
N LEU A 124 9.00 22.70 -55.82
CA LEU A 124 8.49 21.31 -55.93
C LEU A 124 9.52 20.43 -56.63
N ASP A 125 10.18 21.03 -57.60
CA ASP A 125 11.24 20.38 -58.32
C ASP A 125 12.40 20.04 -57.41
N ASP A 126 12.31 20.45 -56.14
CA ASP A 126 13.42 20.17 -55.21
C ASP A 126 13.15 18.94 -54.36
N LEU A 127 11.89 18.52 -54.32
CA LEU A 127 11.54 17.26 -53.63
C LEU A 127 12.00 15.99 -54.33
N CYS A 128 12.17 14.97 -53.51
CA CYS A 128 12.31 13.62 -54.02
C CYS A 128 11.23 13.30 -55.03
N GLU A 129 11.75 12.72 -56.08
CA GLU A 129 10.93 12.36 -57.20
C GLU A 129 9.99 11.19 -56.82
N MET A 130 10.52 10.24 -56.08
CA MET A 130 9.71 9.10 -55.62
C MET A 130 8.70 9.58 -54.60
N LEU A 131 9.07 10.59 -53.82
CA LEU A 131 8.22 11.03 -52.74
C LEU A 131 7.00 11.60 -53.40
N LYS A 132 7.25 12.28 -54.53
CA LYS A 132 6.15 12.98 -55.18
C LYS A 132 5.19 11.95 -55.82
N LYS A 133 5.72 10.82 -56.27
CA LYS A 133 4.87 9.82 -56.89
C LYS A 133 4.14 9.08 -55.79
N ARG A 134 4.85 8.80 -54.70
CA ARG A 134 4.22 8.24 -53.48
C ARG A 134 3.03 9.01 -53.05
N ILE A 135 3.10 10.32 -53.17
CA ILE A 135 2.00 11.19 -52.77
C ILE A 135 0.81 11.06 -53.69
N VAL A 136 1.05 11.13 -54.99
CA VAL A 136 -0.03 11.01 -55.97
C VAL A 136 -0.69 9.62 -55.87
N HIS A 137 0.16 8.62 -55.68
CA HIS A 137 -0.32 7.26 -55.62
C HIS A 137 -1.24 7.16 -54.43
N PHE A 138 -0.87 7.85 -53.36
CA PHE A 138 -1.64 7.78 -52.10
C PHE A 138 -3.02 8.32 -52.31
N PHE A 139 -3.06 9.52 -52.85
CA PHE A 139 -4.37 10.16 -52.98
C PHE A 139 -5.27 9.48 -54.01
N GLU A 140 -4.68 8.92 -55.04
CA GLU A 140 -5.49 8.31 -56.09
C GLU A 140 -6.06 6.95 -55.72
N HIS A 141 -5.54 6.37 -54.65
CA HIS A 141 -5.92 5.00 -54.22
C HIS A 141 -6.46 4.81 -52.81
N TYR A 142 -6.33 5.79 -51.94
CA TYR A 142 -6.56 5.51 -50.54
C TYR A 142 -8.03 5.44 -50.18
N LYS A 143 -8.86 5.84 -51.12
CA LYS A 143 -10.29 5.78 -50.92
C LYS A 143 -10.97 4.64 -51.73
N ASP A 144 -10.15 3.83 -52.39
CA ASP A 144 -10.62 2.80 -53.32
C ASP A 144 -11.62 1.82 -52.66
N LEU A 145 -11.54 1.65 -51.36
CA LEU A 145 -12.42 0.72 -50.68
C LEU A 145 -13.55 1.48 -50.08
N GLU A 146 -13.66 2.75 -50.45
CA GLU A 146 -14.79 3.55 -50.01
C GLU A 146 -15.82 3.79 -51.10
N LYS A 147 -17.01 3.24 -50.88
CA LYS A 147 -18.05 3.34 -51.86
C LYS A 147 -18.29 4.72 -52.38
N GLY A 148 -18.10 4.90 -53.68
CA GLY A 148 -18.56 6.10 -54.37
C GLY A 148 -17.50 7.19 -54.42
N LYS A 149 -16.38 6.90 -53.80
CA LYS A 149 -15.29 7.86 -53.67
C LYS A 149 -14.26 7.63 -54.71
N TRP A 150 -13.86 8.71 -55.36
CA TRP A 150 -12.65 8.69 -56.16
C TRP A 150 -11.89 10.03 -56.10
N VAL A 151 -10.63 9.91 -56.50
CA VAL A 151 -9.66 11.01 -56.50
C VAL A 151 -8.74 10.82 -57.68
N LYS A 152 -8.58 11.92 -58.39
CA LYS A 152 -7.69 12.02 -59.49
C LYS A 152 -6.83 13.26 -59.37
N VAL A 153 -5.51 13.07 -59.42
CA VAL A 153 -4.57 14.19 -59.43
C VAL A 153 -4.45 14.76 -60.84
N THR A 154 -4.74 16.05 -60.94
CA THR A 154 -4.85 16.73 -62.22
C THR A 154 -3.64 17.59 -62.48
N GLY A 155 -2.88 17.84 -61.42
CA GLY A 155 -1.60 18.52 -61.59
C GLY A 155 -1.04 19.13 -60.34
N TRP A 156 -0.06 19.99 -60.54
CA TRP A 156 0.60 20.72 -59.46
C TRP A 156 0.64 22.22 -59.75
N GLY A 157 0.59 23.00 -58.69
CA GLY A 157 0.89 24.43 -58.77
C GLY A 157 2.22 24.83 -58.18
N ASP A 158 2.68 26.01 -58.53
CA ASP A 158 3.98 26.46 -58.02
C ASP A 158 3.83 27.25 -56.69
N LYS A 159 4.92 27.80 -56.17
CA LYS A 159 4.92 28.53 -54.87
C LYS A 159 3.99 29.73 -54.86
N VAL A 160 3.91 30.40 -55.99
CA VAL A 160 3.09 31.61 -56.10
C VAL A 160 1.62 31.23 -56.05
N LYS A 161 1.35 30.18 -56.79
CA LYS A 161 0.06 29.53 -56.82
C LYS A 161 -0.39 29.23 -55.38
N ALA A 162 0.45 28.51 -54.64
CA ALA A 162 0.23 28.27 -53.20
C ALA A 162 -0.06 29.56 -52.40
N GLU A 163 0.78 30.58 -52.63
CA GLU A 163 0.73 31.81 -51.84
C GLU A 163 -0.60 32.51 -52.14
N THR A 164 -1.06 32.33 -53.37
CA THR A 164 -2.32 32.98 -53.79
C THR A 164 -3.53 32.28 -53.13
N LEU A 165 -3.44 30.96 -53.12
CA LEU A 165 -4.46 30.09 -52.51
C LEU A 165 -4.57 30.42 -51.04
N ILE A 166 -3.42 30.55 -50.42
CA ILE A 166 -3.34 30.90 -49.02
C ILE A 166 -3.90 32.30 -48.79
N LYS A 167 -3.54 33.22 -49.67
CA LYS A 167 -4.02 34.60 -49.52
C LYS A 167 -5.53 34.62 -49.62
N GLU A 168 -6.03 34.03 -50.68
CA GLU A 168 -7.47 33.93 -50.90
C GLU A 168 -8.16 33.25 -49.72
N GLY A 169 -7.53 32.23 -49.17
CA GLY A 169 -8.13 31.52 -48.02
C GLY A 169 -8.25 32.45 -46.83
N ILE A 170 -7.20 33.25 -46.61
CA ILE A 170 -7.14 34.23 -45.54
C ILE A 170 -8.21 35.28 -45.77
N ASP A 171 -8.11 35.91 -46.92
CA ASP A 171 -9.03 36.96 -47.27
C ASP A 171 -10.46 36.47 -47.24
N ARG A 172 -10.66 35.18 -47.52
CA ARG A 172 -12.03 34.62 -47.58
C ARG A 172 -12.64 34.38 -46.21
N ASN A 173 -11.84 34.48 -45.14
CA ASN A 173 -12.31 34.10 -43.81
C ASN A 173 -13.20 35.21 -43.22
N ILE B 7 12.78 -27.87 -40.97
CA ILE B 7 11.30 -27.84 -40.67
C ILE B 7 10.47 -28.49 -41.78
N LYS B 8 9.55 -29.31 -41.33
CA LYS B 8 8.65 -30.03 -42.21
C LYS B 8 7.48 -29.12 -42.57
N ALA B 9 6.91 -29.39 -43.74
CA ALA B 9 5.87 -28.58 -44.31
C ALA B 9 4.62 -28.77 -43.49
N LYS B 10 4.48 -29.97 -42.95
CA LYS B 10 3.24 -30.34 -42.27
C LYS B 10 3.37 -30.47 -40.78
N ALA B 11 2.36 -29.94 -40.11
CA ALA B 11 2.28 -29.90 -38.66
C ALA B 11 1.38 -31.03 -38.10
N ASN B 12 0.29 -31.34 -38.78
CA ASN B 12 -0.55 -32.45 -38.41
C ASN B 12 -1.14 -32.92 -39.71
N ASN B 13 -2.37 -33.44 -39.67
CA ASN B 13 -2.99 -34.02 -40.88
C ASN B 13 -3.18 -32.92 -41.91
N ASN B 14 -3.86 -31.89 -41.43
CA ASN B 14 -4.33 -30.82 -42.26
C ASN B 14 -3.76 -29.54 -41.68
N GLU B 15 -2.47 -29.58 -41.38
CA GLU B 15 -1.78 -28.38 -40.90
C GLU B 15 -0.38 -28.23 -41.46
N ILE B 16 -0.04 -26.97 -41.72
CA ILE B 16 1.26 -26.60 -42.28
C ILE B 16 2.10 -25.69 -41.37
N ASN B 17 3.41 -25.82 -41.59
CA ASN B 17 4.37 -24.92 -40.99
C ASN B 17 4.64 -23.85 -42.01
N VAL B 18 4.61 -22.60 -41.55
CA VAL B 18 4.95 -21.44 -42.41
C VAL B 18 5.93 -20.53 -41.75
N ILE B 19 7.03 -20.30 -42.43
CA ILE B 19 8.09 -19.44 -41.93
C ILE B 19 7.77 -18.02 -42.43
N ILE B 20 7.61 -17.08 -41.49
CA ILE B 20 7.22 -15.73 -41.87
C ILE B 20 8.42 -14.91 -42.33
N GLU B 21 8.33 -14.36 -43.53
CA GLU B 21 9.28 -13.37 -43.97
C GLU B 21 8.87 -11.89 -43.72
N ILE B 22 7.60 -11.59 -43.88
CA ILE B 22 7.11 -10.21 -43.76
C ILE B 22 5.87 -10.18 -42.84
N PRO B 23 5.94 -9.45 -41.70
CA PRO B 23 4.85 -9.37 -40.78
C PRO B 23 3.76 -8.44 -41.26
N MET B 24 2.53 -8.71 -40.85
CA MET B 24 1.44 -7.84 -41.25
C MET B 24 1.67 -6.41 -40.71
N ASN B 25 1.38 -5.43 -41.54
CA ASN B 25 1.39 -4.00 -41.12
C ASN B 25 2.74 -3.52 -40.66
N SER B 26 3.77 -3.88 -41.38
CA SER B 26 5.08 -3.75 -40.78
C SER B 26 5.91 -2.72 -41.54
N GLY B 27 5.32 -1.92 -42.42
CA GLY B 27 6.08 -0.82 -43.01
C GLY B 27 6.60 -1.23 -44.36
N PRO B 28 7.65 -0.56 -44.85
CA PRO B 28 8.25 -0.58 -46.19
C PRO B 28 9.23 -1.70 -46.50
N ILE B 29 9.75 -2.32 -45.45
CA ILE B 29 10.72 -3.39 -45.67
C ILE B 29 10.15 -4.70 -46.15
N LYS B 30 10.65 -5.11 -47.32
CA LYS B 30 10.26 -6.36 -47.92
C LYS B 30 11.44 -7.31 -47.88
N TYR B 31 11.28 -8.28 -47.01
CA TYR B 31 12.25 -9.30 -46.75
C TYR B 31 12.02 -10.52 -47.63
N GLU B 32 13.11 -11.19 -47.94
CA GLU B 32 13.03 -12.52 -48.50
C GLU B 32 14.18 -13.40 -48.00
N PHE B 33 13.83 -14.56 -47.47
CA PHE B 33 14.80 -15.57 -47.05
C PHE B 33 15.57 -16.12 -48.23
N ASP B 34 16.88 -16.26 -48.04
CA ASP B 34 17.74 -16.87 -49.04
C ASP B 34 17.88 -18.37 -48.77
N LYS B 35 17.17 -19.18 -49.54
CA LYS B 35 17.14 -20.63 -49.25
C LYS B 35 18.56 -21.13 -49.07
N GLU B 36 19.38 -20.84 -50.06
CA GLU B 36 20.80 -21.23 -50.00
C GLU B 36 21.44 -20.97 -48.63
N SER B 37 21.58 -19.69 -48.29
CA SER B 37 22.22 -19.30 -47.03
C SER B 37 21.31 -19.57 -45.84
N GLY B 38 20.02 -19.40 -46.09
CA GLY B 38 19.01 -19.40 -45.05
C GLY B 38 19.09 -18.05 -44.37
N ALA B 39 19.80 -17.13 -45.03
CA ALA B 39 19.84 -15.73 -44.62
C ALA B 39 18.55 -15.01 -45.01
N LEU B 40 18.02 -14.19 -44.11
CA LEU B 40 16.97 -13.23 -44.42
C LEU B 40 17.54 -11.94 -45.03
N PHE B 41 17.32 -11.78 -46.33
CA PHE B 41 17.75 -10.61 -47.10
C PHE B 41 16.62 -9.61 -47.25
N VAL B 42 17.04 -8.34 -47.27
CA VAL B 42 16.15 -7.25 -47.68
C VAL B 42 15.98 -7.28 -49.20
N ASP B 43 14.75 -7.48 -49.62
CA ASP B 43 14.45 -7.52 -51.06
C ASP B 43 14.39 -6.13 -51.65
N ARG B 44 13.55 -5.34 -51.03
CA ARG B 44 13.49 -3.91 -51.26
C ARG B 44 12.90 -3.12 -50.11
N PHE B 45 13.19 -1.83 -50.19
CA PHE B 45 12.48 -0.85 -49.41
C PHE B 45 11.39 -0.43 -50.35
N MET B 46 10.15 -0.73 -49.99
CA MET B 46 9.04 -0.45 -50.88
C MET B 46 8.74 1.04 -50.90
N GLN B 47 8.28 1.52 -52.04
CA GLN B 47 8.15 2.94 -52.25
C GLN B 47 6.70 3.43 -52.14
N THR B 48 5.72 2.56 -52.01
CA THR B 48 4.38 3.08 -51.68
C THR B 48 4.19 3.24 -50.18
N THR B 49 3.02 3.73 -49.82
CA THR B 49 2.61 3.82 -48.44
C THR B 49 1.86 2.55 -47.99
N MET B 50 2.01 1.46 -48.76
CA MET B 50 1.37 0.17 -48.36
C MET B 50 2.21 -0.72 -47.41
N SER B 51 1.54 -1.30 -46.44
CA SER B 51 2.12 -2.40 -45.68
C SER B 51 1.34 -3.72 -45.91
N TYR B 52 2.03 -4.83 -45.67
CA TYR B 52 1.39 -6.15 -45.85
C TYR B 52 0.14 -6.22 -45.05
N PRO B 53 -0.94 -6.68 -45.69
CA PRO B 53 -2.24 -6.75 -45.06
C PRO B 53 -2.35 -7.93 -44.12
N CYS B 54 -1.35 -8.82 -44.17
CA CYS B 54 -1.19 -9.88 -43.16
C CYS B 54 0.19 -10.44 -43.13
N ASN B 55 0.40 -11.39 -42.26
CA ASN B 55 1.71 -12.08 -42.21
C ASN B 55 1.95 -12.88 -43.50
N TYR B 56 3.12 -12.73 -44.09
CA TYR B 56 3.41 -13.39 -45.34
C TYR B 56 4.72 -14.21 -45.27
N GLY B 57 4.62 -15.44 -45.79
CA GLY B 57 5.76 -16.38 -45.82
C GLY B 57 5.66 -17.50 -46.84
N PHE B 58 6.32 -18.60 -46.50
CA PHE B 58 6.30 -19.85 -47.29
C PHE B 58 6.31 -21.14 -46.46
N ILE B 59 6.11 -22.27 -47.13
CA ILE B 59 6.12 -23.56 -46.45
C ILE B 59 7.48 -24.18 -46.68
N PRO B 60 8.25 -24.32 -45.61
CA PRO B 60 9.52 -24.97 -45.83
C PRO B 60 9.32 -26.39 -46.38
N ASP B 61 10.26 -26.84 -47.19
CA ASP B 61 10.33 -28.25 -47.59
C ASP B 61 9.30 -28.49 -48.70
N THR B 62 9.05 -27.44 -49.48
CA THR B 62 8.09 -27.49 -50.58
C THR B 62 8.70 -26.80 -51.72
N LEU B 63 8.13 -27.09 -52.88
CA LEU B 63 8.66 -26.61 -54.14
C LEU B 63 7.49 -26.40 -55.08
N SER B 64 7.43 -25.17 -55.56
CA SER B 64 6.40 -24.72 -56.46
C SER B 64 6.82 -25.12 -57.80
N ASN B 65 5.91 -24.90 -58.73
CA ASN B 65 6.19 -25.16 -60.14
C ASN B 65 7.14 -24.12 -60.68
N ASP B 66 7.37 -23.10 -59.88
CA ASP B 66 8.17 -21.93 -60.28
C ASP B 66 9.53 -22.02 -59.66
N GLY B 67 9.73 -23.12 -58.95
CA GLY B 67 11.03 -23.43 -58.35
C GLY B 67 11.16 -22.93 -56.94
N ASP B 68 10.33 -21.94 -56.61
CA ASP B 68 10.38 -21.32 -55.28
C ASP B 68 9.46 -22.09 -54.36
N PRO B 69 9.50 -21.81 -53.06
CA PRO B 69 8.58 -22.65 -52.29
C PRO B 69 7.15 -22.18 -52.34
N VAL B 70 6.27 -22.92 -51.69
CA VAL B 70 4.87 -22.56 -51.71
C VAL B 70 4.67 -21.47 -50.67
N ASP B 71 4.20 -20.33 -51.15
CA ASP B 71 3.99 -19.18 -50.26
C ASP B 71 2.53 -19.00 -49.82
N VAL B 72 2.44 -18.38 -48.64
CA VAL B 72 1.21 -18.27 -47.89
C VAL B 72 1.13 -16.84 -47.33
N LEU B 73 -0.10 -16.37 -47.23
CA LEU B 73 -0.55 -15.24 -46.44
C LEU B 73 -1.29 -15.80 -45.24
N VAL B 74 -0.79 -15.51 -44.05
CA VAL B 74 -1.37 -16.03 -42.82
C VAL B 74 -2.13 -14.94 -42.20
N VAL B 75 -3.43 -15.15 -42.14
CA VAL B 75 -4.32 -14.19 -41.59
C VAL B 75 -4.20 -14.46 -40.09
N ALA B 76 -3.89 -13.39 -39.35
CA ALA B 76 -3.76 -13.47 -37.92
C ALA B 76 -4.18 -12.15 -37.29
N HIS B 77 -4.25 -12.17 -35.97
CA HIS B 77 -4.74 -11.03 -35.23
C HIS B 77 -3.62 -10.06 -34.99
N HIS B 78 -2.39 -10.53 -35.12
CA HIS B 78 -1.16 -9.74 -34.82
C HIS B 78 0.01 -10.07 -35.70
N PRO B 79 0.96 -9.12 -35.88
CA PRO B 79 2.22 -9.50 -36.50
C PRO B 79 3.14 -10.41 -35.70
N VAL B 80 4.10 -10.93 -36.40
CA VAL B 80 4.99 -11.91 -35.88
C VAL B 80 6.38 -11.48 -36.34
N VAL B 81 7.45 -11.84 -35.61
CA VAL B 81 8.77 -11.44 -36.09
C VAL B 81 9.10 -12.26 -37.33
N PRO B 82 9.77 -11.62 -38.29
CA PRO B 82 10.25 -12.36 -39.42
C PRO B 82 11.11 -13.54 -38.97
N GLY B 83 11.02 -14.64 -39.72
CA GLY B 83 11.84 -15.81 -39.44
C GLY B 83 11.13 -16.72 -38.47
N SER B 84 10.10 -16.22 -37.84
CA SER B 84 9.34 -17.08 -36.93
C SER B 84 8.30 -17.95 -37.67
N VAL B 85 7.85 -19.00 -37.01
CA VAL B 85 7.11 -20.03 -37.73
C VAL B 85 5.79 -20.22 -37.06
N ILE B 86 4.73 -20.07 -37.88
CA ILE B 86 3.35 -20.29 -37.47
C ILE B 86 2.77 -21.53 -38.04
N LYS B 87 2.24 -22.34 -37.16
CA LYS B 87 1.45 -23.50 -37.56
C LYS B 87 0.03 -23.08 -37.90
N CYS B 88 -0.36 -23.42 -39.12
CA CYS B 88 -1.64 -23.02 -39.73
C CYS B 88 -2.42 -24.13 -40.38
N ARG B 89 -3.62 -23.73 -40.81
CA ARG B 89 -4.41 -24.50 -41.75
C ARG B 89 -4.86 -23.64 -42.95
N ALA B 90 -4.68 -24.24 -44.11
CA ALA B 90 -5.03 -23.62 -45.38
C ALA B 90 -6.54 -23.59 -45.44
N ILE B 91 -7.06 -22.49 -45.99
CA ILE B 91 -8.48 -22.32 -46.13
C ILE B 91 -8.82 -21.88 -47.56
N GLY B 92 -7.82 -21.63 -48.34
CA GLY B 92 -8.08 -21.10 -49.64
C GLY B 92 -6.79 -20.70 -50.28
N VAL B 93 -6.98 -19.93 -51.35
CA VAL B 93 -5.92 -19.51 -52.20
C VAL B 93 -6.34 -18.24 -53.02
N LEU B 94 -5.35 -17.40 -53.21
CA LEU B 94 -5.53 -16.21 -53.98
C LEU B 94 -4.75 -16.42 -55.26
N MET B 95 -5.42 -16.13 -56.36
CA MET B 95 -4.85 -16.46 -57.67
C MET B 95 -4.62 -15.22 -58.44
N MET B 96 -3.38 -15.07 -58.86
CA MET B 96 -2.95 -13.85 -59.48
C MET B 96 -2.11 -14.09 -60.66
N GLU B 97 -1.91 -12.99 -61.36
CA GLU B 97 -0.92 -12.94 -62.40
C GLU B 97 -0.13 -11.65 -62.29
N ASP B 98 1.18 -11.76 -62.45
CA ASP B 98 2.04 -10.59 -62.57
C ASP B 98 2.74 -10.66 -63.92
N GLU B 99 3.79 -9.85 -64.04
CA GLU B 99 4.58 -9.71 -65.28
C GLU B 99 5.26 -11.03 -65.68
N SER B 100 5.51 -11.87 -64.67
CA SER B 100 6.20 -13.13 -64.88
C SER B 100 5.20 -14.28 -64.94
N GLY B 101 3.97 -13.94 -65.32
CA GLY B 101 2.84 -14.87 -65.40
C GLY B 101 2.21 -15.20 -64.06
N LEU B 102 1.76 -16.47 -63.97
CA LEU B 102 0.95 -16.97 -62.85
C LEU B 102 1.62 -16.92 -61.48
N ASP B 103 0.83 -16.55 -60.48
CA ASP B 103 1.25 -16.66 -59.08
C ASP B 103 0.05 -16.87 -58.21
N GLU B 104 0.09 -17.88 -57.37
CA GLU B 104 -0.99 -18.10 -56.43
C GLU B 104 -0.41 -18.13 -54.99
N LYS B 105 -1.21 -17.73 -54.02
CA LYS B 105 -0.82 -17.82 -52.63
C LYS B 105 -1.88 -18.50 -51.82
N ILE B 106 -1.45 -19.47 -51.03
CA ILE B 106 -2.30 -20.11 -50.02
C ILE B 106 -2.69 -19.04 -48.97
N ILE B 107 -3.97 -19.01 -48.62
CA ILE B 107 -4.46 -18.24 -47.50
C ILE B 107 -4.68 -19.21 -46.38
N ALA B 108 -4.12 -18.87 -45.20
CA ALA B 108 -4.11 -19.73 -44.00
C ALA B 108 -4.51 -19.01 -42.71
N VAL B 109 -4.88 -19.79 -41.70
CA VAL B 109 -5.12 -19.20 -40.40
C VAL B 109 -4.40 -20.05 -39.37
N PRO B 110 -3.94 -19.44 -38.26
CA PRO B 110 -3.33 -20.21 -37.17
C PRO B 110 -4.19 -21.38 -36.76
N THR B 111 -3.54 -22.50 -36.45
CA THR B 111 -4.29 -23.64 -35.88
C THR B 111 -4.94 -23.15 -34.60
N SER B 112 -5.86 -23.93 -34.08
CA SER B 112 -6.66 -23.55 -32.94
C SER B 112 -5.88 -23.75 -31.64
N LYS B 113 -4.89 -24.61 -31.67
CA LYS B 113 -3.90 -24.61 -30.61
C LYS B 113 -3.29 -23.19 -30.39
N LEU B 114 -2.91 -22.51 -31.49
CA LEU B 114 -2.18 -21.22 -31.41
C LEU B 114 -3.14 -20.05 -31.18
N ASP B 115 -4.38 -20.20 -31.65
CA ASP B 115 -5.40 -19.16 -31.49
C ASP B 115 -6.82 -19.59 -31.89
N ILE B 116 -7.52 -19.98 -30.85
CA ILE B 116 -8.81 -20.61 -30.91
C ILE B 116 -9.90 -19.74 -31.49
N THR B 117 -9.59 -18.45 -31.59
CA THR B 117 -10.56 -17.53 -32.10
C THR B 117 -10.66 -17.80 -33.60
N PHE B 118 -9.76 -18.61 -34.12
CA PHE B 118 -9.80 -18.88 -35.55
C PHE B 118 -10.58 -20.19 -35.87
N ASP B 119 -10.97 -20.88 -34.81
CA ASP B 119 -11.50 -22.25 -34.90
C ASP B 119 -12.61 -22.36 -35.94
N HIS B 120 -13.46 -21.34 -35.99
CA HIS B 120 -14.71 -21.36 -36.76
C HIS B 120 -14.54 -20.85 -38.18
N ILE B 121 -13.30 -20.55 -38.56
CA ILE B 121 -13.00 -20.10 -39.91
C ILE B 121 -12.42 -21.26 -40.72
N LYS B 122 -13.19 -21.76 -41.70
CA LYS B 122 -12.78 -23.00 -42.38
C LYS B 122 -12.62 -22.83 -43.86
N GLU B 123 -13.17 -21.71 -44.35
CA GLU B 123 -13.03 -21.28 -45.75
C GLU B 123 -13.06 -19.75 -45.92
N LEU B 124 -12.67 -19.38 -47.12
CA LEU B 124 -12.46 -17.99 -47.51
C LEU B 124 -13.68 -17.15 -47.17
N ASP B 125 -14.85 -17.78 -47.27
CA ASP B 125 -16.08 -17.04 -47.07
C ASP B 125 -16.35 -16.75 -45.63
N ASP B 126 -15.51 -17.26 -44.76
CA ASP B 126 -15.69 -16.97 -43.36
C ASP B 126 -14.79 -15.76 -42.99
N LEU B 127 -13.93 -15.35 -43.91
CA LEU B 127 -13.08 -14.16 -43.68
C LEU B 127 -13.88 -12.92 -43.93
N CYS B 128 -13.50 -11.88 -43.19
CA CYS B 128 -13.95 -10.49 -43.43
C CYS B 128 -13.82 -10.17 -44.89
N GLU B 129 -14.95 -9.75 -45.44
CA GLU B 129 -15.06 -9.33 -46.82
C GLU B 129 -14.16 -8.14 -47.06
N MET B 130 -14.06 -7.23 -46.08
CA MET B 130 -13.24 -6.02 -46.29
C MET B 130 -11.77 -6.40 -46.30
N LEU B 131 -11.43 -7.28 -45.38
CA LEU B 131 -10.08 -7.77 -45.33
C LEU B 131 -9.68 -8.42 -46.67
N LYS B 132 -10.54 -9.26 -47.21
CA LYS B 132 -10.28 -9.88 -48.53
C LYS B 132 -10.09 -8.81 -49.59
N LYS B 133 -10.96 -7.82 -49.59
CA LYS B 133 -10.85 -6.60 -50.48
C LYS B 133 -9.54 -5.81 -50.29
N ARG B 134 -9.16 -5.69 -49.03
CA ARG B 134 -7.87 -5.11 -48.61
C ARG B 134 -6.67 -5.85 -49.20
N ILE B 135 -6.68 -7.17 -49.09
CA ILE B 135 -5.58 -8.02 -49.61
C ILE B 135 -5.45 -7.84 -51.15
N VAL B 136 -6.58 -7.86 -51.82
CA VAL B 136 -6.53 -7.76 -53.28
C VAL B 136 -5.95 -6.42 -53.64
N HIS B 137 -6.44 -5.40 -52.96
CA HIS B 137 -6.11 -4.00 -53.32
C HIS B 137 -4.62 -3.82 -53.16
N PHE B 138 -4.12 -4.37 -52.10
CA PHE B 138 -2.71 -4.33 -51.84
C PHE B 138 -1.95 -4.93 -53.00
N PHE B 139 -2.31 -6.17 -53.35
CA PHE B 139 -1.52 -6.93 -54.31
C PHE B 139 -1.58 -6.22 -55.61
N GLU B 140 -2.74 -5.68 -55.91
CA GLU B 140 -2.92 -4.97 -57.18
C GLU B 140 -2.18 -3.63 -57.29
N HIS B 141 -1.69 -3.08 -56.16
CA HIS B 141 -1.04 -1.75 -56.17
C HIS B 141 0.32 -1.64 -55.53
N TYR B 142 0.79 -2.66 -54.83
CA TYR B 142 2.00 -2.46 -54.01
C TYR B 142 3.22 -2.36 -54.88
N LYS B 143 3.11 -2.79 -56.13
CA LYS B 143 4.26 -2.75 -57.08
C LYS B 143 4.17 -1.63 -58.10
N ASP B 144 3.09 -0.87 -57.99
CA ASP B 144 2.84 0.28 -58.86
C ASP B 144 4.00 1.23 -59.10
N LEU B 145 4.92 1.38 -58.19
CA LEU B 145 5.94 2.41 -58.38
C LEU B 145 7.25 1.75 -58.66
N GLU B 146 7.19 0.45 -58.98
CA GLU B 146 8.37 -0.28 -59.37
C GLU B 146 8.20 -0.59 -60.82
N LYS B 147 9.14 -0.12 -61.61
CA LYS B 147 9.12 -0.28 -63.08
C LYS B 147 9.12 -1.71 -63.59
N GLY B 148 8.36 -1.84 -64.67
CA GLY B 148 8.16 -3.12 -65.34
C GLY B 148 7.71 -4.12 -64.31
N LYS B 149 6.65 -3.76 -63.59
CA LYS B 149 6.11 -4.60 -62.51
C LYS B 149 4.65 -4.35 -62.31
N TRP B 150 3.89 -5.44 -62.32
CA TRP B 150 2.43 -5.35 -62.19
C TRP B 150 1.84 -6.67 -61.72
N VAL B 151 0.58 -6.55 -61.32
CA VAL B 151 -0.18 -7.63 -60.70
C VAL B 151 -1.65 -7.46 -60.93
N LYS B 152 -2.30 -8.52 -61.37
CA LYS B 152 -3.78 -8.59 -61.45
C LYS B 152 -4.25 -9.79 -60.69
N VAL B 153 -5.26 -9.63 -59.85
CA VAL B 153 -5.88 -10.77 -59.20
C VAL B 153 -6.95 -11.34 -60.13
N THR B 154 -6.85 -12.63 -60.42
CA THR B 154 -7.83 -13.28 -61.30
C THR B 154 -8.91 -14.05 -60.50
N GLY B 155 -8.66 -14.29 -59.22
CA GLY B 155 -9.70 -14.84 -58.36
C GLY B 155 -9.14 -15.61 -57.19
N TRP B 156 -10.01 -16.39 -56.56
CA TRP B 156 -9.66 -17.22 -55.41
C TRP B 156 -9.88 -18.71 -55.69
N GLY B 157 -9.10 -19.56 -55.03
CA GLY B 157 -9.44 -20.99 -54.92
C GLY B 157 -9.84 -21.41 -53.50
N ASP B 158 -10.52 -22.54 -53.41
CA ASP B 158 -11.01 -23.04 -52.13
C ASP B 158 -10.03 -23.93 -51.42
N LYS B 159 -10.47 -24.51 -50.31
CA LYS B 159 -9.54 -25.23 -49.44
C LYS B 159 -8.95 -26.41 -50.19
N VAL B 160 -9.83 -27.16 -50.83
CA VAL B 160 -9.47 -28.35 -51.58
C VAL B 160 -8.41 -27.96 -52.55
N LYS B 161 -8.69 -26.88 -53.25
CA LYS B 161 -7.69 -26.36 -54.19
C LYS B 161 -6.34 -26.05 -53.51
N ALA B 162 -6.39 -25.60 -52.27
CA ALA B 162 -5.16 -25.25 -51.54
C ALA B 162 -4.43 -26.53 -51.08
N GLU B 163 -5.20 -27.45 -50.52
CA GLU B 163 -4.63 -28.72 -50.06
C GLU B 163 -3.91 -29.39 -51.19
N THR B 164 -4.40 -29.13 -52.39
CA THR B 164 -3.82 -29.83 -53.55
C THR B 164 -2.53 -29.13 -53.96
N LEU B 165 -2.47 -27.81 -53.80
CA LEU B 165 -1.23 -27.05 -54.13
C LEU B 165 -0.12 -27.41 -53.13
N ILE B 166 -0.54 -27.64 -51.91
CA ILE B 166 0.41 -28.01 -50.89
C ILE B 166 0.91 -29.46 -51.11
N LYS B 167 -0.02 -30.38 -51.36
CA LYS B 167 0.38 -31.80 -51.60
C LYS B 167 1.34 -31.84 -52.79
N GLU B 168 1.01 -31.08 -53.80
CA GLU B 168 1.92 -30.99 -54.94
C GLU B 168 3.31 -30.56 -54.58
N GLY B 169 3.41 -29.47 -53.83
CA GLY B 169 4.71 -28.79 -53.61
C GLY B 169 5.55 -29.63 -52.69
N ILE B 170 4.87 -30.34 -51.80
CA ILE B 170 5.51 -31.40 -51.03
C ILE B 170 5.96 -32.52 -51.99
N ASP B 171 5.12 -32.89 -52.96
CA ASP B 171 5.41 -34.08 -53.79
C ASP B 171 6.50 -33.81 -54.80
N ARG B 172 6.88 -32.54 -54.85
CA ARG B 172 7.82 -32.05 -55.83
C ARG B 172 9.13 -31.68 -55.14
N LYS C 6 -5.20 26.82 -17.59
CA LYS C 6 -5.31 27.06 -16.12
C LYS C 6 -5.58 25.81 -15.26
N ILE C 7 -4.46 25.16 -14.96
CA ILE C 7 -4.32 24.05 -14.02
C ILE C 7 -3.52 24.59 -12.86
N LYS C 8 -3.93 24.21 -11.66
CA LYS C 8 -3.24 24.66 -10.45
C LYS C 8 -1.78 24.24 -10.44
N ALA C 9 -0.93 25.11 -9.89
CA ALA C 9 0.49 24.83 -9.77
C ALA C 9 0.73 23.64 -8.87
N LYS C 10 0.12 23.74 -7.68
CA LYS C 10 0.26 22.73 -6.62
C LYS C 10 -1.05 21.99 -6.43
N ALA C 11 -0.92 20.68 -6.41
CA ALA C 11 -2.09 19.81 -6.35
C ALA C 11 -2.47 19.79 -4.88
N ASN C 12 -1.44 20.05 -4.06
CA ASN C 12 -1.56 20.39 -2.65
C ASN C 12 -0.19 20.80 -2.15
N ASN C 13 -0.10 20.90 -0.83
CA ASN C 13 1.00 21.60 -0.16
C ASN C 13 2.39 21.16 -0.55
N ASN C 14 2.59 19.93 -0.99
CA ASN C 14 3.93 19.70 -1.56
C ASN C 14 4.02 19.03 -2.90
N GLU C 15 2.87 18.77 -3.46
CA GLU C 15 2.82 18.19 -4.78
C GLU C 15 2.62 19.27 -5.80
N ILE C 16 3.22 19.05 -6.95
CA ILE C 16 3.05 19.98 -8.07
C ILE C 16 2.41 19.30 -9.25
N ASN C 17 1.60 20.05 -10.00
CA ASN C 17 1.19 19.64 -11.38
C ASN C 17 2.19 20.05 -12.45
N VAL C 18 2.50 19.08 -13.29
CA VAL C 18 3.44 19.25 -14.35
C VAL C 18 2.90 18.78 -15.67
N ILE C 19 2.83 19.77 -16.57
CA ILE C 19 2.29 19.57 -17.89
C ILE C 19 3.44 19.15 -18.70
N ILE C 20 3.30 17.97 -19.31
CA ILE C 20 4.35 17.37 -20.11
C ILE C 20 4.32 17.90 -21.54
N GLU C 21 5.50 18.28 -22.04
CA GLU C 21 5.67 18.68 -23.40
C GLU C 21 6.34 17.59 -24.24
N ILE C 22 7.31 16.94 -23.62
CA ILE C 22 8.20 16.02 -24.33
C ILE C 22 8.37 14.75 -23.47
N PRO C 23 7.89 13.58 -23.99
CA PRO C 23 8.07 12.27 -23.35
C PRO C 23 9.51 11.79 -23.28
N MET C 24 9.83 11.10 -22.21
CA MET C 24 11.11 10.41 -22.18
C MET C 24 11.24 9.51 -23.42
N ASN C 25 12.45 9.42 -23.92
CA ASN C 25 12.84 8.52 -24.98
C ASN C 25 12.03 8.65 -26.23
N SER C 26 11.51 9.84 -26.49
CA SER C 26 10.53 10.03 -27.57
C SER C 26 11.03 10.50 -28.95
N GLY C 27 12.29 10.46 -29.24
CA GLY C 27 12.63 10.79 -30.60
C GLY C 27 13.04 12.24 -30.76
N PRO C 28 12.99 12.77 -32.00
CA PRO C 28 13.60 14.07 -32.26
C PRO C 28 12.69 15.28 -32.10
N ILE C 29 11.42 15.05 -31.83
CA ILE C 29 10.50 16.18 -31.77
C ILE C 29 10.54 16.89 -30.42
N LYS C 30 10.83 18.18 -30.51
CA LYS C 30 10.92 19.06 -29.33
C LYS C 30 9.72 19.96 -29.36
N TYR C 31 8.73 19.62 -28.57
CA TYR C 31 7.50 20.37 -28.52
C TYR C 31 7.58 21.48 -27.43
N GLU C 32 6.73 22.46 -27.58
CA GLU C 32 6.66 23.52 -26.65
C GLU C 32 5.28 24.10 -26.69
N PHE C 33 4.61 24.13 -25.55
CA PHE C 33 3.31 24.76 -25.47
C PHE C 33 3.42 26.26 -25.61
N ASP C 34 2.53 26.77 -26.42
CA ASP C 34 2.43 28.20 -26.52
C ASP C 34 1.36 28.62 -25.54
N LYS C 35 1.77 29.47 -24.61
CA LYS C 35 0.86 29.94 -23.54
C LYS C 35 -0.32 30.71 -24.11
N GLU C 36 -0.03 31.63 -25.00
CA GLU C 36 -1.07 32.53 -25.46
C GLU C 36 -2.19 31.73 -26.15
N SER C 37 -1.78 30.76 -26.94
CA SER C 37 -2.76 29.97 -27.68
C SER C 37 -3.14 28.74 -26.87
N GLY C 38 -2.22 28.24 -26.05
CA GLY C 38 -2.43 26.94 -25.40
C GLY C 38 -2.18 25.77 -26.33
N ALA C 39 -1.61 26.09 -27.47
CA ALA C 39 -1.32 25.14 -28.54
C ALA C 39 0.06 24.52 -28.39
N LEU C 40 0.11 23.22 -28.63
CA LEU C 40 1.35 22.47 -28.72
C LEU C 40 2.04 22.67 -30.06
N PHE C 41 3.12 23.45 -30.00
CA PHE C 41 3.98 23.74 -31.14
C PHE C 41 5.19 22.86 -31.25
N VAL C 42 5.56 22.55 -32.49
CA VAL C 42 6.80 21.87 -32.74
C VAL C 42 7.84 22.97 -32.72
N ASP C 43 8.77 22.87 -31.77
CA ASP C 43 9.87 23.86 -31.62
C ASP C 43 11.03 23.59 -32.57
N ARG C 44 11.54 22.36 -32.46
CA ARG C 44 12.56 21.83 -33.34
C ARG C 44 12.28 20.40 -33.80
N PHE C 45 12.82 20.09 -34.96
CA PHE C 45 13.25 18.73 -35.27
C PHE C 45 14.73 18.62 -34.88
N MET C 46 14.96 17.83 -33.85
CA MET C 46 16.26 17.85 -33.21
C MET C 46 17.17 17.04 -34.08
N GLN C 47 18.44 17.46 -34.11
CA GLN C 47 19.38 17.03 -35.10
C GLN C 47 20.33 15.92 -34.61
N THR C 48 20.57 15.77 -33.32
CA THR C 48 21.42 14.67 -32.87
C THR C 48 20.52 13.43 -32.69
N THR C 49 21.09 12.31 -32.24
CA THR C 49 20.38 11.03 -32.13
C THR C 49 19.86 10.83 -30.72
N MET C 50 19.84 11.92 -29.95
CA MET C 50 19.51 11.91 -28.52
C MET C 50 18.02 12.13 -28.27
N SER C 51 17.47 11.41 -27.31
CA SER C 51 16.09 11.63 -26.86
C SER C 51 16.10 12.20 -25.45
N TYR C 52 14.97 12.75 -25.01
CA TYR C 52 14.93 13.31 -23.66
C TYR C 52 15.06 12.14 -22.73
N PRO C 53 15.82 12.30 -21.62
CA PRO C 53 16.08 11.24 -20.62
C PRO C 53 14.93 11.03 -19.67
N CYS C 54 14.04 12.03 -19.66
CA CYS C 54 12.89 12.08 -18.77
C CYS C 54 11.74 12.70 -19.50
N ASN C 55 10.57 12.57 -18.92
CA ASN C 55 9.43 13.31 -19.36
C ASN C 55 9.72 14.77 -18.97
N TYR C 56 9.47 15.70 -19.88
CA TYR C 56 9.85 17.07 -19.62
C TYR C 56 8.70 17.98 -19.92
N GLY C 57 8.48 18.91 -18.99
CA GLY C 57 7.50 19.98 -19.17
C GLY C 57 7.64 21.07 -18.13
N PHE C 58 6.52 21.54 -17.64
CA PHE C 58 6.52 22.66 -16.70
C PHE C 58 5.30 22.70 -15.83
N ILE C 59 5.43 23.55 -14.81
CA ILE C 59 4.39 23.81 -13.86
C ILE C 59 3.60 25.01 -14.31
N PRO C 60 2.30 24.86 -14.47
CA PRO C 60 1.45 25.96 -14.86
C PRO C 60 1.38 26.97 -13.75
N ASP C 61 1.17 28.22 -14.15
CA ASP C 61 0.97 29.31 -13.20
C ASP C 61 2.20 29.66 -12.45
N THR C 62 3.34 29.43 -13.06
CA THR C 62 4.56 29.78 -12.42
C THR C 62 5.27 30.69 -13.38
N LEU C 63 6.21 31.43 -12.87
CA LEU C 63 7.03 32.33 -13.70
C LEU C 63 8.36 32.46 -13.06
N SER C 64 9.38 32.14 -13.84
CA SER C 64 10.75 32.31 -13.42
C SER C 64 11.21 33.70 -13.77
N ASN C 65 12.51 33.91 -13.61
CA ASN C 65 13.12 35.20 -13.85
C ASN C 65 13.33 35.41 -15.35
N ASP C 66 13.48 34.31 -16.07
CA ASP C 66 13.59 34.36 -17.56
C ASP C 66 12.27 34.70 -18.26
N GLY C 67 11.24 34.96 -17.45
CA GLY C 67 9.89 35.22 -17.94
C GLY C 67 9.20 34.02 -18.56
N ASP C 68 9.64 32.83 -18.19
CA ASP C 68 8.95 31.57 -18.57
C ASP C 68 8.61 30.73 -17.35
N PRO C 69 7.78 29.71 -17.56
CA PRO C 69 7.28 29.06 -16.34
C PRO C 69 8.36 28.17 -15.83
N VAL C 70 8.21 27.73 -14.58
CA VAL C 70 9.19 26.83 -14.01
C VAL C 70 9.03 25.46 -14.67
N ASP C 71 10.13 24.96 -15.21
CA ASP C 71 10.14 23.73 -15.97
C ASP C 71 10.85 22.60 -15.25
N VAL C 72 10.36 21.40 -15.56
CA VAL C 72 10.54 20.19 -14.76
C VAL C 72 10.88 18.97 -15.63
N LEU C 73 11.84 18.19 -15.13
CA LEU C 73 12.16 16.81 -15.55
C LEU C 73 11.51 15.81 -14.59
N VAL C 74 10.56 15.07 -15.10
CA VAL C 74 9.88 14.09 -14.28
C VAL C 74 10.50 12.80 -14.56
N VAL C 75 11.25 12.27 -13.59
CA VAL C 75 11.75 10.91 -13.65
C VAL C 75 10.56 9.99 -13.41
N ALA C 76 10.40 9.04 -14.31
CA ALA C 76 9.24 8.14 -14.32
C ALA C 76 9.62 6.87 -15.11
N HIS C 77 8.82 5.82 -15.02
CA HIS C 77 9.26 4.55 -15.61
C HIS C 77 8.86 4.48 -17.08
N HIS C 78 7.91 5.31 -17.44
CA HIS C 78 7.30 5.33 -18.78
C HIS C 78 7.01 6.74 -19.29
N PRO C 79 7.04 6.93 -20.65
CA PRO C 79 6.67 8.17 -21.32
C PRO C 79 5.22 8.28 -21.18
N VAL C 80 4.72 9.50 -21.32
CA VAL C 80 3.34 9.86 -21.14
C VAL C 80 3.01 10.80 -22.33
N VAL C 81 1.78 10.95 -22.80
CA VAL C 81 1.59 11.76 -24.00
C VAL C 81 1.79 13.24 -23.72
N PRO C 82 2.25 13.99 -24.74
CA PRO C 82 2.26 15.39 -24.67
C PRO C 82 0.90 15.96 -24.37
N GLY C 83 0.92 16.91 -23.44
CA GLY C 83 -0.24 17.60 -22.98
C GLY C 83 -0.83 16.97 -21.76
N SER C 84 -0.29 15.84 -21.39
CA SER C 84 -0.87 15.14 -20.22
C SER C 84 -0.20 15.72 -18.96
N VAL C 85 -0.88 15.59 -17.82
CA VAL C 85 -0.40 16.18 -16.57
C VAL C 85 0.02 15.11 -15.57
N ILE C 86 1.30 15.16 -15.19
CA ILE C 86 1.78 14.39 -14.04
C ILE C 86 1.81 15.18 -12.72
N LYS C 87 1.16 14.59 -11.74
CA LYS C 87 1.31 15.03 -10.35
C LYS C 87 2.57 14.43 -9.76
N CYS C 88 3.48 15.30 -9.28
CA CYS C 88 4.73 14.87 -8.69
C CYS C 88 5.17 15.62 -7.48
N ARG C 89 6.32 15.16 -7.01
CA ARG C 89 7.00 15.81 -5.98
C ARG C 89 8.45 16.07 -6.30
N ALA C 90 8.82 17.31 -6.06
CA ALA C 90 10.19 17.82 -6.32
C ALA C 90 11.23 17.19 -5.40
N ILE C 91 12.35 16.79 -5.95
CA ILE C 91 13.38 16.18 -5.12
C ILE C 91 14.70 16.88 -5.32
N GLY C 92 14.79 17.76 -6.32
CA GLY C 92 16.01 18.48 -6.52
C GLY C 92 16.01 19.44 -7.67
N VAL C 93 17.20 19.99 -7.98
CA VAL C 93 17.38 20.96 -9.07
C VAL C 93 18.64 20.69 -9.85
N LEU C 94 18.49 20.74 -11.16
CA LEU C 94 19.61 20.56 -12.05
C LEU C 94 19.91 21.98 -12.47
N MET C 95 21.16 22.37 -12.27
CA MET C 95 21.53 23.77 -12.42
C MET C 95 22.50 23.83 -13.56
N MET C 96 22.17 24.70 -14.50
CA MET C 96 22.94 24.88 -15.70
C MET C 96 23.03 26.32 -16.22
N GLU C 97 23.89 26.46 -17.20
CA GLU C 97 24.07 27.68 -17.95
C GLU C 97 24.15 27.35 -19.42
N ASP C 98 23.44 28.13 -20.22
CA ASP C 98 23.61 28.04 -21.64
C ASP C 98 24.13 29.38 -22.15
N GLU C 99 24.04 29.54 -23.46
CA GLU C 99 24.59 30.72 -24.13
C GLU C 99 23.75 31.96 -23.79
N SER C 100 22.55 31.72 -23.27
CA SER C 100 21.61 32.81 -22.97
C SER C 100 21.81 33.30 -21.55
N GLY C 101 22.54 32.50 -20.79
CA GLY C 101 22.65 32.74 -19.38
C GLY C 101 22.13 31.56 -18.61
N LEU C 102 21.61 31.87 -17.43
CA LEU C 102 21.31 30.86 -16.43
C LEU C 102 19.99 30.11 -16.56
N ASP C 103 20.01 28.88 -16.04
CA ASP C 103 18.87 27.95 -16.17
C ASP C 103 18.82 26.84 -15.12
N GLU C 104 17.62 26.59 -14.64
CA GLU C 104 17.46 25.57 -13.65
C GLU C 104 16.26 24.73 -14.01
N LYS C 105 16.45 23.43 -13.87
CA LYS C 105 15.36 22.51 -14.02
C LYS C 105 15.17 21.75 -12.75
N ILE C 106 13.96 21.85 -12.25
CA ILE C 106 13.46 20.96 -11.19
C ILE C 106 13.42 19.50 -11.63
N ILE C 107 13.90 18.65 -10.72
CA ILE C 107 13.82 17.19 -10.82
C ILE C 107 12.71 16.74 -9.89
N ALA C 108 11.69 16.12 -10.50
CA ALA C 108 10.53 15.62 -9.76
C ALA C 108 10.32 14.11 -10.01
N VAL C 109 9.55 13.48 -9.16
CA VAL C 109 9.12 12.08 -9.38
C VAL C 109 7.61 12.09 -9.13
N PRO C 110 6.90 11.03 -9.60
CA PRO C 110 5.49 10.93 -9.40
C PRO C 110 5.13 10.81 -7.93
N THR C 111 3.98 11.34 -7.56
CA THR C 111 3.48 11.05 -6.21
C THR C 111 3.18 9.56 -6.09
N SER C 112 2.99 9.13 -4.84
CA SER C 112 2.92 7.71 -4.55
C SER C 112 1.55 7.18 -4.95
N LYS C 113 0.57 8.07 -5.04
CA LYS C 113 -0.69 7.74 -5.67
C LYS C 113 -0.45 7.37 -7.12
N LEU C 114 0.39 8.11 -7.84
CA LEU C 114 0.66 7.75 -9.24
C LEU C 114 1.55 6.50 -9.37
N ASP C 115 2.57 6.41 -8.55
CA ASP C 115 3.52 5.30 -8.63
C ASP C 115 4.36 5.12 -7.38
N ILE C 116 3.92 4.12 -6.62
CA ILE C 116 4.34 3.84 -5.25
C ILE C 116 5.75 3.48 -5.26
N THR C 117 6.30 3.13 -6.41
CA THR C 117 7.64 2.65 -6.47
C THR C 117 8.66 3.81 -6.37
N PHE C 118 8.19 5.06 -6.33
CA PHE C 118 9.07 6.23 -6.21
C PHE C 118 9.07 6.71 -4.73
N ASP C 119 8.31 6.01 -3.92
CA ASP C 119 8.00 6.35 -2.53
C ASP C 119 9.26 6.66 -1.74
N HIS C 120 10.21 5.78 -1.92
CA HIS C 120 11.54 5.77 -1.27
CA HIS C 120 11.47 5.93 -1.20
C HIS C 120 12.54 6.73 -1.95
N ILE C 121 12.05 7.49 -2.90
CA ILE C 121 12.93 8.41 -3.56
C ILE C 121 12.60 9.83 -3.14
N LYS C 122 13.42 10.36 -2.23
CA LYS C 122 13.18 11.64 -1.60
C LYS C 122 14.26 12.70 -1.81
N GLU C 123 15.46 12.30 -2.22
CA GLU C 123 16.54 13.23 -2.56
CA GLU C 123 16.51 13.25 -2.59
C GLU C 123 17.26 12.76 -3.83
N LEU C 124 18.02 13.64 -4.44
CA LEU C 124 18.75 13.26 -5.62
C LEU C 124 19.65 12.02 -5.43
N ASP C 125 20.20 11.80 -4.24
CA ASP C 125 21.19 10.72 -4.13
C ASP C 125 20.48 9.38 -4.13
N ASP C 126 19.15 9.44 -3.95
CA ASP C 126 18.32 8.23 -4.09
C ASP C 126 18.14 7.77 -5.55
N LEU C 127 18.44 8.63 -6.51
CA LEU C 127 18.34 8.30 -7.95
C LEU C 127 19.55 7.53 -8.44
N CYS C 128 19.27 6.65 -9.39
CA CYS C 128 20.32 5.91 -10.11
C CYS C 128 21.37 6.89 -10.60
N GLU C 129 22.62 6.58 -10.28
CA GLU C 129 23.73 7.46 -10.57
C GLU C 129 23.91 7.62 -12.07
N MET C 130 23.72 6.50 -12.80
CA MET C 130 23.82 6.52 -14.26
C MET C 130 22.69 7.34 -14.83
N LEU C 131 21.49 7.23 -14.29
CA LEU C 131 20.42 8.05 -14.77
C LEU C 131 20.87 9.51 -14.69
N LYS C 132 21.48 9.89 -13.58
CA LYS C 132 21.88 11.29 -13.35
C LYS C 132 22.98 11.62 -14.33
N LYS C 133 23.92 10.70 -14.50
CA LYS C 133 24.93 10.89 -15.53
C LYS C 133 24.31 11.12 -16.94
N ARG C 134 23.33 10.29 -17.27
CA ARG C 134 22.60 10.37 -18.55
C ARG C 134 21.84 11.70 -18.77
N ILE C 135 21.28 12.27 -17.72
CA ILE C 135 20.53 13.54 -17.80
C ILE C 135 21.51 14.69 -18.14
N VAL C 136 22.66 14.68 -17.48
CA VAL C 136 23.70 15.75 -17.63
C VAL C 136 24.29 15.73 -19.02
N HIS C 137 24.68 14.53 -19.41
CA HIS C 137 25.15 14.23 -20.75
C HIS C 137 24.14 14.72 -21.78
N PHE C 138 22.87 14.47 -21.52
CA PHE C 138 21.88 14.86 -22.52
C PHE C 138 21.94 16.39 -22.75
N PHE C 139 21.71 17.09 -21.68
CA PHE C 139 21.67 18.55 -21.72
C PHE C 139 22.95 19.20 -22.21
N GLU C 140 24.09 18.56 -21.97
CA GLU C 140 25.39 19.15 -22.32
C GLU C 140 25.72 18.92 -23.75
N HIS C 141 24.98 18.01 -24.39
CA HIS C 141 25.20 17.72 -25.81
C HIS C 141 24.02 17.86 -26.74
N TYR C 142 22.80 17.99 -26.22
CA TYR C 142 21.64 17.90 -27.16
C TYR C 142 21.57 19.04 -28.20
N LYS C 143 22.40 20.04 -28.03
CA LYS C 143 22.30 21.20 -28.90
C LYS C 143 23.58 21.44 -29.64
N ASP C 144 24.46 20.43 -29.63
CA ASP C 144 25.79 20.55 -30.21
C ASP C 144 25.74 20.86 -31.69
N LEU C 145 24.59 20.60 -32.28
CA LEU C 145 24.50 20.67 -33.73
C LEU C 145 23.67 21.86 -34.09
N GLU C 146 23.34 22.63 -33.08
CA GLU C 146 22.72 23.91 -33.32
C GLU C 146 23.73 25.05 -33.09
N LYS C 147 24.07 25.72 -34.18
CA LYS C 147 25.08 26.77 -34.15
C LYS C 147 24.84 27.79 -33.05
N GLY C 148 25.91 28.08 -32.32
CA GLY C 148 25.87 29.09 -31.28
C GLY C 148 25.43 28.54 -29.94
N LYS C 149 24.94 27.31 -29.92
CA LYS C 149 24.26 26.85 -28.76
C LYS C 149 25.18 25.97 -28.00
N TRP C 150 25.19 26.21 -26.69
CA TRP C 150 25.86 25.36 -25.70
C TRP C 150 25.15 25.37 -24.37
N VAL C 151 25.39 24.30 -23.61
CA VAL C 151 24.94 24.15 -22.22
C VAL C 151 26.01 23.57 -21.28
N LYS C 152 26.17 24.23 -20.14
CA LYS C 152 27.02 23.74 -19.05
C LYS C 152 26.24 23.46 -17.79
N VAL C 153 26.31 22.21 -17.37
CA VAL C 153 25.76 21.81 -16.08
C VAL C 153 26.75 22.24 -15.00
N THR C 154 26.28 23.03 -14.06
CA THR C 154 27.12 23.67 -13.07
C THR C 154 26.90 22.98 -11.74
N GLY C 155 25.86 22.16 -11.67
CA GLY C 155 25.64 21.35 -10.46
C GLY C 155 24.21 21.02 -10.18
N TRP C 156 23.97 20.60 -8.95
CA TRP C 156 22.67 20.19 -8.49
C TRP C 156 22.26 20.92 -7.23
N GLY C 157 20.97 21.12 -7.09
CA GLY C 157 20.42 21.64 -5.88
C GLY C 157 19.61 20.57 -5.20
N ASP C 158 19.32 20.81 -3.94
CA ASP C 158 18.58 19.88 -3.11
C ASP C 158 17.11 20.24 -3.07
N LYS C 159 16.38 19.51 -2.27
CA LYS C 159 14.94 19.58 -2.29
C LYS C 159 14.43 20.94 -1.84
N VAL C 160 14.92 21.38 -0.69
CA VAL C 160 14.69 22.74 -0.19
C VAL C 160 14.90 23.75 -1.29
N LYS C 161 16.03 23.71 -1.96
CA LYS C 161 16.26 24.64 -3.06
C LYS C 161 15.10 24.58 -4.11
N ALA C 162 14.87 23.38 -4.60
CA ALA C 162 13.82 23.16 -5.60
C ALA C 162 12.54 23.82 -5.13
N GLU C 163 12.23 23.51 -3.85
CA GLU C 163 10.94 23.89 -3.24
C GLU C 163 10.86 25.42 -3.08
N THR C 164 12.01 26.04 -2.97
CA THR C 164 12.10 27.52 -2.97
C THR C 164 11.79 28.12 -4.34
N LEU C 165 12.45 27.56 -5.35
CA LEU C 165 12.26 27.91 -6.75
C LEU C 165 10.82 27.90 -7.17
N ILE C 166 10.14 26.85 -6.73
CA ILE C 166 8.74 26.62 -7.03
C ILE C 166 7.92 27.67 -6.35
N LYS C 167 8.31 27.99 -5.12
CA LYS C 167 7.54 28.95 -4.31
C LYS C 167 7.61 30.31 -4.95
N GLU C 168 8.82 30.69 -5.28
CA GLU C 168 9.09 31.96 -5.96
C GLU C 168 8.39 32.09 -7.31
N GLY C 169 8.47 31.00 -8.10
CA GLY C 169 7.83 30.92 -9.39
C GLY C 169 6.36 31.05 -9.24
N ILE C 170 5.79 30.46 -8.19
CA ILE C 170 4.37 30.63 -7.92
C ILE C 170 4.06 32.08 -7.49
N ASP C 171 4.87 32.65 -6.62
CA ASP C 171 4.58 34.00 -6.12
C ASP C 171 4.76 35.04 -7.19
N ARG C 172 5.67 34.77 -8.12
CA ARG C 172 6.06 35.75 -9.15
C ARG C 172 4.98 35.84 -10.23
N ASN C 173 4.31 34.72 -10.47
CA ASN C 173 3.26 34.69 -11.47
C ASN C 173 2.13 35.59 -11.04
N PHE D 3 23.18 -22.80 -33.72
CA PHE D 3 23.70 -21.84 -32.71
C PHE D 3 23.32 -22.30 -31.31
N ILE D 4 22.17 -22.95 -31.16
CA ILE D 4 21.79 -23.35 -29.80
C ILE D 4 22.79 -24.42 -29.34
N LYS D 5 23.48 -25.01 -30.32
CA LYS D 5 24.47 -26.09 -30.09
C LYS D 5 25.89 -25.55 -29.99
N LYS D 6 26.08 -24.34 -30.45
CA LYS D 6 27.41 -23.75 -30.52
C LYS D 6 27.62 -22.79 -29.38
N ILE D 7 26.57 -22.67 -28.57
CA ILE D 7 26.61 -21.83 -27.39
C ILE D 7 26.66 -22.66 -26.15
N LYS D 8 27.61 -22.28 -25.32
CA LYS D 8 27.84 -22.90 -24.03
C LYS D 8 26.85 -22.33 -23.03
N ALA D 9 26.58 -23.11 -22.00
CA ALA D 9 25.61 -22.77 -20.97
C ALA D 9 26.19 -21.75 -19.99
N LYS D 10 27.50 -21.82 -19.78
CA LYS D 10 28.19 -20.86 -18.89
C LYS D 10 29.18 -19.99 -19.63
N ALA D 11 29.08 -18.69 -19.35
CA ALA D 11 29.91 -17.68 -20.04
C ALA D 11 31.23 -17.59 -19.27
N ASN D 12 31.19 -18.19 -18.08
CA ASN D 12 32.35 -18.53 -17.25
C ASN D 12 31.84 -19.04 -15.90
N ASN D 13 32.56 -18.76 -14.83
CA ASN D 13 32.18 -19.30 -13.52
C ASN D 13 30.95 -18.62 -12.92
N ASN D 14 30.77 -17.34 -13.21
CA ASN D 14 29.70 -16.58 -12.57
C ASN D 14 28.46 -16.68 -13.44
N GLU D 15 28.70 -16.92 -14.71
CA GLU D 15 27.82 -16.37 -15.72
C GLU D 15 27.28 -17.35 -16.71
N ILE D 16 26.01 -17.15 -17.03
CA ILE D 16 25.22 -17.97 -17.95
C ILE D 16 24.81 -17.20 -19.21
N ASN D 17 24.97 -17.88 -20.34
CA ASN D 17 24.42 -17.44 -21.62
C ASN D 17 22.96 -17.84 -21.68
N VAL D 18 22.10 -16.85 -21.90
CA VAL D 18 20.67 -17.07 -21.97
C VAL D 18 20.10 -16.62 -23.29
N ILE D 19 19.47 -17.58 -23.98
CA ILE D 19 18.83 -17.32 -25.27
C ILE D 19 17.40 -16.89 -25.03
N ILE D 20 17.09 -15.66 -25.45
CA ILE D 20 15.78 -15.04 -25.25
CA ILE D 20 15.77 -15.12 -25.20
C ILE D 20 14.76 -15.49 -26.30
N GLU D 21 13.60 -15.93 -25.82
CA GLU D 21 12.47 -16.29 -26.67
C GLU D 21 11.39 -15.22 -26.70
N ILE D 22 11.05 -14.71 -25.53
CA ILE D 22 10.05 -13.65 -25.37
C ILE D 22 10.52 -12.34 -24.68
N PRO D 23 10.52 -11.20 -25.42
CA PRO D 23 10.86 -9.92 -24.73
C PRO D 23 9.85 -9.42 -23.72
N MET D 24 10.39 -8.77 -22.72
CA MET D 24 9.62 -7.89 -21.82
C MET D 24 8.55 -7.09 -22.54
N ASN D 25 7.39 -6.95 -21.94
CA ASN D 25 6.41 -5.98 -22.37
C ASN D 25 6.15 -6.03 -23.84
N SER D 26 6.14 -7.25 -24.32
CA SER D 26 5.95 -7.52 -25.74
C SER D 26 4.50 -7.91 -25.94
N GLY D 27 4.10 -8.01 -27.15
CA GLY D 27 2.68 -8.20 -27.28
C GLY D 27 2.17 -9.51 -26.72
N PRO D 28 1.23 -10.10 -27.45
CA PRO D 28 0.58 -11.36 -27.18
C PRO D 28 1.40 -12.53 -27.71
N ILE D 29 2.47 -12.30 -28.44
CA ILE D 29 3.13 -13.46 -29.03
C ILE D 29 4.07 -14.26 -28.11
N LYS D 30 3.69 -15.50 -27.87
CA LYS D 30 4.49 -16.43 -27.08
C LYS D 30 5.33 -17.36 -27.97
N TYR D 31 6.59 -16.94 -28.13
CA TYR D 31 7.59 -17.64 -28.90
C TYR D 31 8.31 -18.71 -28.09
N GLU D 32 8.67 -19.77 -28.81
CA GLU D 32 9.46 -20.91 -28.26
C GLU D 32 10.42 -21.45 -29.30
N PHE D 33 11.71 -21.49 -28.96
CA PHE D 33 12.69 -22.14 -29.84
C PHE D 33 12.53 -23.67 -29.85
N ASP D 34 12.58 -24.21 -31.04
CA ASP D 34 12.60 -25.62 -31.16
C ASP D 34 14.05 -25.99 -31.22
N LYS D 35 14.53 -26.70 -30.21
CA LYS D 35 15.96 -27.05 -30.16
C LYS D 35 16.31 -28.16 -31.13
N GLU D 36 15.31 -28.84 -31.71
CA GLU D 36 15.65 -29.66 -32.86
C GLU D 36 16.32 -28.70 -33.82
N SER D 37 15.49 -27.85 -34.42
CA SER D 37 15.87 -27.15 -35.62
C SER D 37 16.40 -25.76 -35.38
N GLY D 38 16.17 -25.26 -34.18
CA GLY D 38 16.68 -23.94 -33.81
C GLY D 38 15.81 -22.88 -34.44
N ALA D 39 14.70 -23.36 -34.99
CA ALA D 39 13.56 -22.54 -35.44
C ALA D 39 12.76 -21.93 -34.29
N LEU D 40 12.48 -20.64 -34.45
CA LEU D 40 11.56 -19.94 -33.57
C LEU D 40 10.09 -20.12 -33.97
N PHE D 41 9.37 -20.79 -33.09
CA PHE D 41 7.96 -21.08 -33.27
C PHE D 41 7.04 -20.25 -32.46
N VAL D 42 5.91 -19.90 -33.08
CA VAL D 42 4.83 -19.31 -32.31
C VAL D 42 4.12 -20.38 -31.54
N ASP D 43 4.24 -20.31 -30.25
CA ASP D 43 3.63 -21.28 -29.41
C ASP D 43 2.15 -20.94 -29.31
N ARG D 44 1.87 -19.66 -29.22
CA ARG D 44 0.51 -19.20 -28.99
CA ARG D 44 0.53 -19.19 -28.91
C ARG D 44 0.41 -17.73 -29.16
N PHE D 45 -0.78 -17.31 -29.52
CA PHE D 45 -1.22 -15.96 -29.40
C PHE D 45 -1.97 -15.90 -28.11
N MET D 46 -1.38 -15.24 -27.13
CA MET D 46 -1.90 -15.21 -25.77
C MET D 46 -3.14 -14.43 -25.80
N GLN D 47 -4.08 -14.80 -24.93
CA GLN D 47 -5.46 -14.35 -25.07
C GLN D 47 -5.85 -13.29 -24.02
N THR D 48 -5.03 -13.15 -22.99
CA THR D 48 -5.27 -12.08 -21.98
C THR D 48 -4.51 -10.83 -22.41
N THR D 49 -4.69 -9.76 -21.64
CA THR D 49 -4.09 -8.46 -21.98
C THR D 49 -2.66 -8.33 -21.44
N MET D 50 -2.19 -9.41 -20.82
CA MET D 50 -0.89 -9.45 -20.18
C MET D 50 0.26 -9.67 -21.13
N SER D 51 1.38 -8.98 -20.88
CA SER D 51 2.64 -9.39 -21.42
C SER D 51 3.68 -9.77 -20.40
N TYR D 52 4.71 -10.43 -20.90
CA TYR D 52 5.80 -10.88 -20.06
C TYR D 52 6.40 -9.70 -19.34
N PRO D 53 6.70 -9.88 -18.04
CA PRO D 53 7.21 -8.78 -17.20
C PRO D 53 8.74 -8.64 -17.29
N CYS D 54 9.38 -9.62 -17.87
CA CYS D 54 10.81 -9.56 -18.20
C CYS D 54 11.08 -10.32 -19.47
N ASN D 55 12.34 -10.23 -19.88
CA ASN D 55 12.85 -11.03 -21.00
C ASN D 55 12.93 -12.54 -20.59
N TYR D 56 12.33 -13.38 -21.42
CA TYR D 56 12.23 -14.81 -21.14
C TYR D 56 12.89 -15.70 -22.17
N GLY D 57 13.65 -16.66 -21.66
CA GLY D 57 14.36 -17.63 -22.53
C GLY D 57 14.87 -18.79 -21.70
N PHE D 58 16.00 -19.33 -22.11
CA PHE D 58 16.56 -20.55 -21.49
C PHE D 58 18.02 -20.60 -21.66
N ILE D 59 18.64 -21.44 -20.84
CA ILE D 59 20.10 -21.68 -20.97
C ILE D 59 20.33 -22.83 -21.96
N PRO D 60 21.07 -22.54 -23.04
CA PRO D 60 21.46 -23.60 -23.91
C PRO D 60 22.33 -24.67 -23.23
N ASP D 61 22.30 -25.86 -23.78
CA ASP D 61 23.10 -26.94 -23.28
C ASP D 61 22.77 -27.34 -21.87
N THR D 62 21.52 -27.14 -21.52
CA THR D 62 20.99 -27.63 -20.24
C THR D 62 19.81 -28.55 -20.45
N LEU D 63 19.52 -29.33 -19.42
CA LEU D 63 18.36 -30.22 -19.48
C LEU D 63 17.69 -30.21 -18.14
N SER D 64 16.48 -29.72 -18.08
CA SER D 64 15.77 -29.74 -16.82
C SER D 64 15.31 -31.17 -16.62
N ASN D 65 14.72 -31.43 -15.47
CA ASN D 65 14.34 -32.79 -15.19
C ASN D 65 13.36 -33.27 -16.23
N ASP D 66 12.49 -32.34 -16.62
CA ASP D 66 11.41 -32.56 -17.60
C ASP D 66 11.85 -32.54 -19.07
N GLY D 67 13.15 -32.58 -19.33
CA GLY D 67 13.64 -32.70 -20.69
C GLY D 67 13.65 -31.40 -21.47
N ASP D 68 13.16 -30.34 -20.87
CA ASP D 68 13.39 -29.05 -21.49
C ASP D 68 14.67 -28.43 -20.96
N PRO D 69 15.15 -27.36 -21.60
CA PRO D 69 16.27 -26.61 -21.03
C PRO D 69 15.87 -25.89 -19.75
N VAL D 70 16.88 -25.38 -19.07
CA VAL D 70 16.63 -24.52 -17.93
C VAL D 70 16.18 -23.15 -18.45
N ASP D 71 15.06 -22.72 -17.91
CA ASP D 71 14.43 -21.42 -18.15
C ASP D 71 14.96 -20.30 -17.30
N VAL D 72 14.94 -19.12 -17.88
CA VAL D 72 15.34 -17.89 -17.18
C VAL D 72 14.46 -16.67 -17.51
N LEU D 73 14.03 -15.98 -16.47
CA LEU D 73 13.50 -14.60 -16.56
C LEU D 73 14.69 -13.71 -16.35
N VAL D 74 15.07 -13.01 -17.42
CA VAL D 74 16.16 -12.05 -17.32
C VAL D 74 15.51 -10.71 -17.05
N VAL D 75 15.62 -10.31 -15.77
CA VAL D 75 15.26 -8.96 -15.37
C VAL D 75 16.21 -7.96 -16.03
N ALA D 76 15.63 -7.03 -16.76
CA ALA D 76 16.42 -6.09 -17.51
C ALA D 76 15.75 -4.73 -17.66
N HIS D 77 16.48 -3.68 -18.08
CA HIS D 77 15.81 -2.38 -18.27
C HIS D 77 15.00 -2.25 -19.58
N HIS D 78 15.28 -3.15 -20.51
CA HIS D 78 14.74 -3.08 -21.86
C HIS D 78 14.63 -4.47 -22.55
N PRO D 79 13.67 -4.59 -23.51
CA PRO D 79 13.45 -5.80 -24.25
C PRO D 79 14.55 -5.97 -25.20
N VAL D 80 14.86 -7.23 -25.48
CA VAL D 80 15.79 -7.58 -26.53
C VAL D 80 15.00 -8.34 -27.58
N VAL D 81 15.59 -8.44 -28.74
CA VAL D 81 15.01 -9.15 -29.90
C VAL D 81 14.99 -10.69 -29.69
N PRO D 82 13.85 -11.36 -29.99
CA PRO D 82 13.84 -12.84 -29.87
C PRO D 82 14.99 -13.51 -30.65
N GLY D 83 15.62 -14.48 -30.01
CA GLY D 83 16.77 -15.15 -30.64
C GLY D 83 18.12 -14.63 -30.16
N SER D 84 18.08 -13.44 -29.56
CA SER D 84 19.31 -12.78 -29.10
C SER D 84 19.67 -13.40 -27.77
N VAL D 85 20.95 -13.33 -27.44
CA VAL D 85 21.44 -13.96 -26.21
C VAL D 85 21.98 -12.93 -25.23
N ILE D 86 21.51 -12.98 -23.98
CA ILE D 86 22.19 -12.18 -22.97
C ILE D 86 23.01 -12.92 -21.92
N LYS D 87 24.22 -12.45 -21.69
CA LYS D 87 25.02 -12.96 -20.59
C LYS D 87 24.60 -12.32 -19.29
N CYS D 88 24.24 -13.16 -18.34
CA CYS D 88 23.78 -12.71 -17.05
C CYS D 88 24.40 -13.51 -15.97
N ARG D 89 23.89 -13.31 -14.77
CA ARG D 89 24.32 -14.05 -13.61
C ARG D 89 23.05 -14.22 -12.83
N ALA D 90 22.90 -15.37 -12.16
CA ALA D 90 21.64 -15.74 -11.51
C ALA D 90 21.66 -15.25 -10.14
N ILE D 91 20.49 -14.92 -9.64
CA ILE D 91 20.35 -14.36 -8.31
C ILE D 91 19.24 -15.06 -7.53
N GLY D 92 18.48 -15.88 -8.22
CA GLY D 92 17.32 -16.49 -7.60
C GLY D 92 16.63 -17.44 -8.54
N VAL D 93 15.60 -18.06 -8.00
CA VAL D 93 14.69 -18.87 -8.78
C VAL D 93 13.29 -18.63 -8.34
N LEU D 94 12.38 -18.73 -9.30
CA LEU D 94 10.95 -18.63 -8.99
C LEU D 94 10.38 -20.02 -9.04
N MET D 95 9.49 -20.34 -8.10
CA MET D 95 9.03 -21.71 -7.92
C MET D 95 7.54 -21.80 -7.93
N MET D 96 7.07 -22.66 -8.80
CA MET D 96 5.63 -22.83 -8.97
C MET D 96 5.20 -24.24 -9.40
N GLU D 97 3.89 -24.32 -9.61
CA GLU D 97 3.17 -25.51 -10.00
C GLU D 97 2.13 -25.17 -11.03
N ASP D 98 2.25 -25.81 -12.17
CA ASP D 98 1.17 -25.80 -13.15
C ASP D 98 0.46 -27.15 -13.17
N GLU D 99 -0.37 -27.33 -14.19
CA GLU D 99 -1.26 -28.47 -14.28
C GLU D 99 -0.46 -29.70 -14.55
N SER D 100 0.68 -29.49 -15.20
CA SER D 100 1.50 -30.62 -15.56
C SER D 100 2.67 -30.82 -14.60
N GLY D 101 2.49 -30.31 -13.37
CA GLY D 101 3.47 -30.52 -12.29
C GLY D 101 4.28 -29.32 -11.84
N LEU D 102 5.54 -29.58 -11.51
CA LEU D 102 6.42 -28.57 -10.94
C LEU D 102 7.16 -27.79 -12.02
N ASP D 103 7.44 -26.53 -11.70
CA ASP D 103 8.11 -25.60 -12.61
C ASP D 103 8.83 -24.52 -11.82
N GLU D 104 10.12 -24.49 -12.04
CA GLU D 104 11.01 -23.49 -11.50
C GLU D 104 11.68 -22.75 -12.60
N LYS D 105 11.83 -21.46 -12.42
CA LYS D 105 12.53 -20.65 -13.40
C LYS D 105 13.56 -19.81 -12.70
N ILE D 106 14.70 -19.68 -13.37
CA ILE D 106 15.80 -18.89 -12.85
C ILE D 106 15.63 -17.39 -13.05
N ILE D 107 16.04 -16.67 -12.02
CA ILE D 107 15.93 -15.21 -12.02
C ILE D 107 17.34 -14.72 -12.14
N ALA D 108 17.61 -13.98 -13.20
CA ALA D 108 18.95 -13.53 -13.49
C ALA D 108 18.97 -12.06 -13.88
N VAL D 109 20.13 -11.40 -13.77
CA VAL D 109 20.28 -10.08 -14.31
C VAL D 109 21.48 -9.99 -15.22
N PRO D 110 21.58 -8.95 -16.04
CA PRO D 110 22.73 -8.97 -16.90
C PRO D 110 24.03 -8.79 -16.12
N THR D 111 25.14 -9.13 -16.73
CA THR D 111 26.41 -8.92 -16.08
C THR D 111 26.75 -7.43 -16.23
N SER D 112 27.70 -7.01 -15.43
CA SER D 112 27.85 -5.58 -15.15
C SER D 112 28.60 -4.98 -16.34
N LYS D 113 29.22 -5.87 -17.11
CA LYS D 113 29.74 -5.54 -18.44
C LYS D 113 28.65 -5.16 -19.45
N LEU D 114 27.44 -5.66 -19.25
CA LEU D 114 26.33 -5.38 -20.18
C LEU D 114 25.61 -4.18 -19.65
N ASP D 115 25.39 -4.18 -18.33
CA ASP D 115 24.67 -3.10 -17.67
C ASP D 115 25.13 -2.95 -16.26
N ILE D 116 25.98 -1.96 -16.03
CA ILE D 116 26.59 -1.76 -14.70
C ILE D 116 25.58 -1.34 -13.71
N THR D 117 24.41 -0.90 -14.14
CA THR D 117 23.34 -0.51 -13.21
C THR D 117 22.75 -1.68 -12.43
N PHE D 118 23.21 -2.88 -12.76
CA PHE D 118 22.68 -4.08 -12.08
C PHE D 118 23.69 -4.62 -11.05
N ASP D 119 24.78 -3.87 -10.92
CA ASP D 119 25.88 -4.36 -10.10
C ASP D 119 25.54 -4.62 -8.64
N HIS D 120 24.68 -3.79 -8.09
CA HIS D 120 24.33 -3.94 -6.68
C HIS D 120 23.21 -4.95 -6.49
N ILE D 121 22.72 -5.52 -7.58
CA ILE D 121 21.63 -6.49 -7.47
C ILE D 121 22.27 -7.86 -7.34
N LYS D 122 22.20 -8.37 -6.12
CA LYS D 122 22.87 -9.62 -5.77
C LYS D 122 21.94 -10.74 -5.36
N GLU D 123 20.88 -10.40 -4.64
CA GLU D 123 19.92 -11.40 -4.25
C GLU D 123 18.55 -10.85 -4.58
N LEU D 124 17.56 -11.71 -4.48
CA LEU D 124 16.22 -11.33 -4.84
C LEU D 124 15.79 -10.09 -4.02
N ASP D 125 16.27 -10.03 -2.79
CA ASP D 125 15.75 -9.01 -1.85
C ASP D 125 16.07 -7.66 -2.39
N ASP D 126 17.03 -7.62 -3.31
CA ASP D 126 17.54 -6.38 -3.93
C ASP D 126 16.68 -5.89 -5.13
N LEU D 127 15.79 -6.75 -5.59
CA LEU D 127 14.89 -6.37 -6.66
C LEU D 127 13.74 -5.63 -6.05
N CYS D 128 13.24 -4.70 -6.83
CA CYS D 128 11.99 -4.00 -6.58
C CYS D 128 10.92 -4.98 -6.20
N GLU D 129 10.29 -4.72 -5.06
CA GLU D 129 9.22 -5.57 -4.58
C GLU D 129 8.01 -5.59 -5.53
N MET D 130 7.70 -4.44 -6.13
CA MET D 130 6.51 -4.35 -7.00
C MET D 130 6.76 -5.17 -8.27
N LEU D 131 8.01 -5.18 -8.72
CA LEU D 131 8.34 -5.97 -9.88
C LEU D 131 8.13 -7.49 -9.55
N LYS D 132 8.50 -7.90 -8.34
CA LYS D 132 8.36 -9.29 -7.94
C LYS D 132 6.88 -9.73 -7.87
N LYS D 133 6.04 -8.83 -7.46
CA LYS D 133 4.63 -9.05 -7.30
C LYS D 133 4.04 -9.13 -8.69
N ARG D 134 4.64 -8.37 -9.58
CA ARG D 134 4.19 -8.22 -10.96
C ARG D 134 4.54 -9.50 -11.69
N ILE D 135 5.75 -10.01 -11.46
CA ILE D 135 6.11 -11.32 -11.99
C ILE D 135 5.20 -12.45 -11.50
N VAL D 136 4.88 -12.46 -10.22
CA VAL D 136 4.06 -13.50 -9.63
C VAL D 136 2.67 -13.44 -10.29
N HIS D 137 2.14 -12.23 -10.27
CA HIS D 137 0.84 -11.93 -10.84
C HIS D 137 0.75 -12.44 -12.27
N PHE D 138 1.77 -12.14 -13.05
CA PHE D 138 1.74 -12.53 -14.42
C PHE D 138 1.56 -14.03 -14.55
N PHE D 139 2.50 -14.75 -13.95
CA PHE D 139 2.52 -16.24 -14.00
C PHE D 139 1.25 -16.85 -13.43
N GLU D 140 0.64 -16.19 -12.45
CA GLU D 140 -0.60 -16.71 -11.89
C GLU D 140 -1.85 -16.46 -12.75
N HIS D 141 -1.70 -15.71 -13.82
CA HIS D 141 -2.91 -15.29 -14.52
C HIS D 141 -2.89 -15.37 -16.02
N TYR D 142 -1.72 -15.49 -16.59
CA TYR D 142 -1.63 -15.39 -18.02
C TYR D 142 -2.11 -16.63 -18.74
N LYS D 143 -2.45 -17.69 -17.99
CA LYS D 143 -3.04 -18.92 -18.60
C LYS D 143 -4.50 -19.06 -18.30
N ASP D 144 -5.04 -18.06 -17.65
CA ASP D 144 -6.45 -18.05 -17.18
C ASP D 144 -7.48 -18.32 -18.27
N LEU D 145 -7.14 -18.04 -19.52
CA LEU D 145 -8.17 -18.09 -20.61
C LEU D 145 -7.91 -19.27 -21.49
N GLU D 146 -6.96 -20.07 -21.02
CA GLU D 146 -6.55 -21.26 -21.72
C GLU D 146 -7.09 -22.43 -20.94
N LYS D 147 -8.07 -23.11 -21.48
CA LYS D 147 -8.84 -24.08 -20.65
C LYS D 147 -8.02 -25.29 -20.22
N GLY D 148 -8.12 -25.56 -18.93
CA GLY D 148 -7.38 -26.67 -18.30
C GLY D 148 -5.99 -26.28 -17.82
N LYS D 149 -5.74 -24.99 -17.90
CA LYS D 149 -4.41 -24.46 -17.62
C LYS D 149 -4.42 -23.64 -16.35
N TRP D 150 -3.42 -23.88 -15.52
CA TRP D 150 -3.29 -23.14 -14.26
C TRP D 150 -1.85 -23.13 -13.73
N VAL D 151 -1.64 -22.27 -12.75
CA VAL D 151 -0.31 -22.01 -12.20
C VAL D 151 -0.45 -21.48 -10.78
N LYS D 152 0.22 -22.13 -9.83
CA LYS D 152 0.42 -21.54 -8.48
C LYS D 152 1.88 -21.32 -8.18
N VAL D 153 2.19 -20.14 -7.63
CA VAL D 153 3.55 -19.85 -7.21
C VAL D 153 3.79 -20.26 -5.74
N THR D 154 4.79 -21.12 -5.61
CA THR D 154 5.07 -21.87 -4.41
C THR D 154 5.94 -21.04 -3.49
N GLY D 155 6.88 -20.34 -4.12
CA GLY D 155 7.77 -19.45 -3.42
C GLY D 155 9.00 -19.19 -4.25
N TRP D 156 10.00 -18.61 -3.60
CA TRP D 156 11.28 -18.23 -4.23
C TRP D 156 12.46 -19.05 -3.66
N GLY D 157 13.39 -19.44 -4.53
CA GLY D 157 14.70 -19.90 -4.12
C GLY D 157 15.79 -18.84 -4.17
N ASP D 158 16.80 -19.03 -3.30
CA ASP D 158 17.97 -18.14 -3.28
C ASP D 158 18.95 -18.46 -4.35
N LYS D 159 20.02 -17.67 -4.35
CA LYS D 159 21.02 -17.77 -5.40
C LYS D 159 21.62 -19.18 -5.39
N VAL D 160 21.76 -19.77 -4.21
CA VAL D 160 22.47 -21.05 -4.08
C VAL D 160 21.59 -22.10 -4.76
N LYS D 161 20.30 -22.00 -4.50
CA LYS D 161 19.31 -22.82 -5.17
C LYS D 161 19.45 -22.72 -6.68
N ALA D 162 19.74 -21.51 -7.14
CA ALA D 162 19.71 -21.22 -8.58
C ALA D 162 20.85 -21.94 -9.22
N GLU D 163 22.03 -21.77 -8.61
CA GLU D 163 23.28 -22.29 -9.18
C GLU D 163 23.29 -23.80 -9.15
N THR D 164 22.53 -24.34 -8.20
CA THR D 164 22.36 -25.78 -8.01
C THR D 164 21.53 -26.26 -9.17
N LEU D 165 20.53 -25.44 -9.51
CA LEU D 165 19.68 -25.76 -10.65
C LEU D 165 20.47 -25.73 -11.95
N ILE D 166 21.32 -24.73 -12.08
CA ILE D 166 22.04 -24.60 -13.31
C ILE D 166 22.98 -25.79 -13.47
N LYS D 167 23.76 -26.07 -12.43
CA LYS D 167 24.76 -27.15 -12.43
C LYS D 167 24.12 -28.48 -12.83
N GLU D 168 23.11 -28.82 -12.08
CA GLU D 168 22.32 -29.99 -12.37
C GLU D 168 21.93 -30.12 -13.84
N GLY D 169 21.26 -29.09 -14.37
CA GLY D 169 20.78 -29.09 -15.73
C GLY D 169 21.94 -29.24 -16.70
N ILE D 170 23.08 -28.71 -16.30
CA ILE D 170 24.27 -28.83 -17.13
C ILE D 170 24.70 -30.28 -17.08
N ASP D 171 24.78 -30.83 -15.87
CA ASP D 171 25.32 -32.19 -15.64
C ASP D 171 24.37 -33.24 -16.16
N ARG D 172 23.10 -32.97 -15.98
CA ARG D 172 22.08 -33.67 -16.72
C ARG D 172 22.43 -33.31 -18.15
N GLU E 15 -26.39 7.14 -32.13
CA GLU E 15 -24.96 7.61 -32.22
C GLU E 15 -24.63 8.39 -31.00
N ILE E 16 -23.52 8.03 -30.37
CA ILE E 16 -22.97 8.72 -29.20
C ILE E 16 -21.57 9.13 -29.53
N ASN E 17 -21.16 10.26 -28.97
CA ASN E 17 -19.73 10.67 -29.02
C ASN E 17 -18.99 10.20 -27.80
N VAL E 18 -17.85 9.62 -28.04
CA VAL E 18 -17.04 9.14 -26.99
C VAL E 18 -15.63 9.70 -27.07
N ILE E 19 -15.25 10.47 -26.07
CA ILE E 19 -13.84 10.87 -25.94
C ILE E 19 -13.08 9.76 -25.33
N ILE E 20 -12.01 9.41 -26.01
CA ILE E 20 -11.09 8.38 -25.57
C ILE E 20 -10.02 8.93 -24.61
N GLU E 21 -9.97 8.29 -23.43
CA GLU E 21 -8.93 8.51 -22.44
C GLU E 21 -7.71 7.61 -22.56
N ILE E 22 -8.00 6.32 -22.81
CA ILE E 22 -7.02 5.26 -22.83
C ILE E 22 -7.22 4.35 -24.04
N PRO E 23 -6.23 4.32 -24.94
CA PRO E 23 -6.28 3.53 -26.17
C PRO E 23 -6.08 2.06 -25.89
N MET E 24 -6.58 1.20 -26.79
CA MET E 24 -6.43 -0.24 -26.63
C MET E 24 -5.00 -0.60 -26.70
N ASN E 25 -4.66 -1.60 -25.90
CA ASN E 25 -3.34 -2.21 -25.89
C ASN E 25 -2.18 -1.23 -25.71
N SER E 26 -2.43 -0.16 -24.93
CA SER E 26 -1.51 1.03 -24.87
C SER E 26 -0.38 0.95 -23.83
N GLY E 27 -0.45 0.07 -22.88
CA GLY E 27 0.69 0.03 -21.98
C GLY E 27 0.25 0.47 -20.60
N PRO E 28 1.18 1.00 -19.81
CA PRO E 28 0.86 1.10 -18.38
C PRO E 28 0.18 2.33 -17.98
N ILE E 29 0.04 3.30 -18.88
CA ILE E 29 -0.54 4.60 -18.47
C ILE E 29 -2.03 4.75 -18.45
N LYS E 30 -2.54 5.06 -17.28
CA LYS E 30 -3.95 5.26 -17.05
C LYS E 30 -4.34 6.73 -16.95
N TYR E 31 -4.83 7.25 -18.08
CA TYR E 31 -5.25 8.65 -18.19
C TYR E 31 -6.69 8.87 -17.78
N GLU E 32 -6.91 10.08 -17.29
CA GLU E 32 -8.21 10.50 -16.93
C GLU E 32 -8.37 12.04 -17.16
N PHE E 33 -9.46 12.44 -17.83
CA PHE E 33 -9.82 13.86 -18.02
C PHE E 33 -10.32 14.52 -16.75
N ASP E 34 -9.66 15.63 -16.40
CA ASP E 34 -10.18 16.51 -15.34
C ASP E 34 -11.30 17.36 -15.98
N LYS E 35 -12.50 17.28 -15.42
CA LYS E 35 -13.58 17.97 -16.10
C LYS E 35 -13.50 19.47 -15.78
N GLU E 36 -12.91 19.75 -14.63
CA GLU E 36 -12.82 21.11 -14.12
C GLU E 36 -11.91 21.95 -14.98
N SER E 37 -11.08 21.28 -15.76
CA SER E 37 -10.06 21.95 -16.54
C SER E 37 -9.99 21.44 -17.95
N GLY E 38 -10.48 20.22 -18.16
CA GLY E 38 -10.39 19.57 -19.46
C GLY E 38 -9.00 19.10 -19.86
N ALA E 39 -8.08 19.12 -18.92
CA ALA E 39 -6.76 18.53 -19.14
C ALA E 39 -6.85 17.02 -18.93
N LEU E 40 -6.01 16.30 -19.67
CA LEU E 40 -5.73 14.88 -19.44
C LEU E 40 -4.67 14.64 -18.36
N PHE E 41 -5.12 14.16 -17.22
CA PHE E 41 -4.20 13.83 -16.14
C PHE E 41 -3.72 12.42 -16.14
N VAL E 42 -2.48 12.15 -15.74
CA VAL E 42 -2.09 10.76 -15.46
C VAL E 42 -2.70 10.37 -14.11
N ASP E 43 -3.65 9.43 -14.17
CA ASP E 43 -4.29 8.92 -12.96
C ASP E 43 -3.34 7.99 -12.20
N ARG E 44 -2.74 7.07 -12.93
CA ARG E 44 -1.96 6.00 -12.36
C ARG E 44 -0.93 5.57 -13.37
N PHE E 45 0.22 5.16 -12.85
CA PHE E 45 1.09 4.34 -13.59
C PHE E 45 0.75 2.87 -13.12
N MET E 46 0.09 2.11 -14.00
CA MET E 46 -0.44 0.77 -13.68
C MET E 46 0.65 -0.21 -13.43
N GLN E 47 0.42 -1.03 -12.43
CA GLN E 47 1.46 -1.93 -11.94
C GLN E 47 1.46 -3.33 -12.52
N THR E 48 0.34 -3.84 -13.03
CA THR E 48 0.43 -5.17 -13.70
C THR E 48 1.05 -5.10 -15.05
N THR E 49 1.14 -6.26 -15.69
CA THR E 49 1.54 -6.32 -17.12
C THR E 49 0.33 -6.22 -18.04
N MET E 50 -0.83 -5.81 -17.52
CA MET E 50 -2.03 -5.65 -18.36
C MET E 50 -2.20 -4.31 -19.13
N SER E 51 -2.57 -4.38 -20.42
CA SER E 51 -3.02 -3.19 -21.22
C SER E 51 -4.51 -3.24 -21.37
N TYR E 52 -5.10 -2.07 -21.55
CA TYR E 52 -6.57 -1.97 -21.76
C TYR E 52 -6.99 -2.79 -23.01
N PRO E 53 -8.06 -3.60 -22.90
CA PRO E 53 -8.41 -4.49 -24.01
C PRO E 53 -9.13 -3.75 -25.14
N CYS E 54 -9.72 -2.61 -24.78
CA CYS E 54 -10.53 -1.75 -25.66
C CYS E 54 -10.13 -0.27 -25.56
N ASN E 55 -10.46 0.53 -26.58
CA ASN E 55 -10.36 1.99 -26.36
C ASN E 55 -11.41 2.30 -25.29
N TYR E 56 -11.02 3.22 -24.37
CA TYR E 56 -11.78 3.51 -23.16
C TYR E 56 -11.93 5.00 -22.92
N GLY E 57 -13.14 5.44 -22.66
CA GLY E 57 -13.43 6.89 -22.48
C GLY E 57 -14.79 7.13 -21.92
N PHE E 58 -15.39 8.27 -22.27
CA PHE E 58 -16.67 8.67 -21.75
C PHE E 58 -17.47 9.44 -22.70
N ILE E 59 -18.77 9.44 -22.43
CA ILE E 59 -19.66 10.31 -23.18
C ILE E 59 -19.84 11.67 -22.52
N PRO E 60 -19.42 12.72 -23.22
CA PRO E 60 -19.46 14.07 -22.71
C PRO E 60 -20.88 14.52 -22.54
N ASP E 61 -21.11 15.37 -21.53
CA ASP E 61 -22.44 15.86 -21.21
C ASP E 61 -23.36 14.78 -20.70
N THR E 62 -22.83 13.97 -19.83
CA THR E 62 -23.67 12.95 -19.26
C THR E 62 -23.21 12.82 -17.85
N LEU E 63 -24.11 12.33 -17.04
CA LEU E 63 -23.82 12.13 -15.65
C LEU E 63 -24.47 10.86 -15.13
N SER E 64 -23.63 9.93 -14.72
CA SER E 64 -24.04 8.77 -14.00
C SER E 64 -24.53 9.18 -12.62
N ASN E 65 -25.28 8.27 -12.03
CA ASN E 65 -25.67 8.40 -10.63
C ASN E 65 -24.44 8.58 -9.72
N ASP E 66 -23.25 8.24 -10.23
CA ASP E 66 -21.99 8.35 -9.46
C ASP E 66 -21.40 9.72 -9.66
N GLY E 67 -22.22 10.62 -10.19
CA GLY E 67 -21.84 11.99 -10.42
C GLY E 67 -20.80 12.15 -11.52
N ASP E 68 -20.36 11.03 -12.08
CA ASP E 68 -19.42 11.02 -13.23
C ASP E 68 -20.11 10.79 -14.59
N PRO E 69 -19.38 10.98 -15.69
CA PRO E 69 -19.99 10.70 -16.97
C PRO E 69 -20.15 9.20 -17.22
N VAL E 70 -20.97 8.90 -18.20
CA VAL E 70 -21.20 7.52 -18.59
C VAL E 70 -19.91 7.01 -19.24
N ASP E 71 -19.31 5.95 -18.71
CA ASP E 71 -18.09 5.48 -19.34
C ASP E 71 -18.35 4.41 -20.36
N VAL E 72 -17.41 4.25 -21.26
CA VAL E 72 -17.61 3.47 -22.46
C VAL E 72 -16.33 2.76 -22.87
N LEU E 73 -16.50 1.49 -23.19
CA LEU E 73 -15.54 0.70 -23.89
C LEU E 73 -15.91 0.64 -25.41
N VAL E 74 -15.04 1.25 -26.22
CA VAL E 74 -15.23 1.21 -27.63
C VAL E 74 -14.34 0.11 -28.13
N VAL E 75 -14.97 -0.93 -28.62
CA VAL E 75 -14.29 -1.99 -29.31
C VAL E 75 -14.10 -1.48 -30.71
N ALA E 76 -12.87 -1.49 -31.13
CA ALA E 76 -12.47 -1.07 -32.46
C ALA E 76 -11.35 -1.99 -32.90
N HIS E 77 -10.95 -1.95 -34.16
CA HIS E 77 -9.78 -2.77 -34.57
C HIS E 77 -8.44 -2.07 -34.31
N HIS E 78 -8.47 -0.81 -33.91
CA HIS E 78 -7.24 -0.02 -33.76
C HIS E 78 -7.24 0.91 -32.58
N PRO E 79 -6.09 1.14 -31.94
CA PRO E 79 -6.13 2.23 -30.99
C PRO E 79 -6.26 3.62 -31.64
N VAL E 80 -6.42 4.59 -30.75
CA VAL E 80 -6.73 5.96 -31.07
C VAL E 80 -6.00 6.88 -30.03
N VAL E 81 -5.49 8.03 -30.45
CA VAL E 81 -4.74 8.95 -29.56
C VAL E 81 -5.68 9.36 -28.44
N PRO E 82 -5.16 9.41 -27.20
CA PRO E 82 -6.02 9.93 -26.15
C PRO E 82 -6.51 11.34 -26.43
N GLY E 83 -7.74 11.60 -26.10
CA GLY E 83 -8.29 12.89 -26.41
C GLY E 83 -9.07 12.95 -27.71
N SER E 84 -8.92 11.91 -28.57
CA SER E 84 -9.71 11.89 -29.83
C SER E 84 -11.16 11.43 -29.56
N VAL E 85 -12.07 11.79 -30.44
CA VAL E 85 -13.47 11.39 -30.27
C VAL E 85 -13.91 10.33 -31.35
N ILE E 86 -14.53 9.25 -30.83
CA ILE E 86 -15.17 8.21 -31.67
C ILE E 86 -16.68 8.26 -31.60
N LYS E 87 -17.26 8.46 -32.78
CA LYS E 87 -18.71 8.24 -32.95
C LYS E 87 -18.97 6.75 -32.99
N CYS E 88 -19.85 6.31 -32.10
CA CYS E 88 -20.15 4.88 -31.93
C CYS E 88 -21.61 4.61 -31.73
N ARG E 89 -21.91 3.33 -31.62
CA ARG E 89 -23.24 2.91 -31.17
C ARG E 89 -23.11 1.94 -30.05
N ALA E 90 -23.93 2.06 -29.02
CA ALA E 90 -23.97 1.13 -27.90
C ALA E 90 -24.54 -0.22 -28.38
N ILE E 91 -23.88 -1.29 -28.01
CA ILE E 91 -24.40 -2.66 -28.29
C ILE E 91 -24.64 -3.45 -26.98
N GLY E 92 -24.22 -2.88 -25.85
CA GLY E 92 -24.36 -3.55 -24.57
C GLY E 92 -23.77 -2.78 -23.43
N VAL E 93 -23.67 -3.51 -22.33
CA VAL E 93 -23.27 -2.98 -21.04
C VAL E 93 -22.59 -4.08 -20.24
N LEU E 94 -21.49 -3.70 -19.58
CA LEU E 94 -20.73 -4.58 -18.71
C LEU E 94 -21.01 -4.12 -17.30
N MET E 95 -21.43 -5.05 -16.48
CA MET E 95 -21.84 -4.72 -15.13
C MET E 95 -20.88 -5.20 -14.09
N MET E 96 -20.45 -4.24 -13.28
CA MET E 96 -19.47 -4.49 -12.25
C MET E 96 -19.78 -3.81 -10.93
N GLU E 97 -19.11 -4.31 -9.92
CA GLU E 97 -19.05 -3.60 -8.67
C GLU E 97 -17.63 -3.49 -8.22
N ASP E 98 -17.22 -2.28 -7.88
CA ASP E 98 -15.88 -2.04 -7.40
C ASP E 98 -15.98 -1.60 -5.96
N GLU E 99 -14.88 -1.12 -5.42
CA GLU E 99 -14.81 -0.80 -3.99
C GLU E 99 -15.73 0.40 -3.72
N SER E 100 -15.76 1.30 -4.69
CA SER E 100 -16.72 2.40 -4.69
C SER E 100 -18.12 1.90 -5.09
N GLY E 101 -18.36 0.59 -5.03
CA GLY E 101 -19.73 0.02 -5.22
C GLY E 101 -20.06 -0.57 -6.58
N LEU E 102 -21.09 -0.01 -7.21
CA LEU E 102 -21.61 -0.47 -8.51
C LEU E 102 -21.04 0.35 -9.66
N ASP E 103 -20.76 -0.34 -10.77
CA ASP E 103 -20.07 0.24 -11.94
C ASP E 103 -20.56 -0.38 -13.28
N GLU E 104 -21.07 0.46 -14.16
CA GLU E 104 -21.53 -0.03 -15.45
C GLU E 104 -20.78 0.69 -16.54
N LYS E 105 -20.31 -0.08 -17.50
CA LYS E 105 -19.60 0.45 -18.62
C LYS E 105 -20.33 0.01 -19.85
N ILE E 106 -20.67 0.99 -20.69
CA ILE E 106 -21.22 0.72 -22.01
C ILE E 106 -20.17 0.08 -22.87
N ILE E 107 -20.64 -0.84 -23.70
CA ILE E 107 -19.86 -1.45 -24.78
C ILE E 107 -20.41 -0.87 -26.05
N ALA E 108 -19.55 -0.30 -26.86
CA ALA E 108 -19.97 0.32 -28.13
C ALA E 108 -18.95 0.00 -29.18
N VAL E 109 -19.33 0.28 -30.40
CA VAL E 109 -18.52 -0.01 -31.57
C VAL E 109 -18.60 1.18 -32.52
N PRO E 110 -17.57 1.40 -33.37
CA PRO E 110 -17.66 2.53 -34.30
C PRO E 110 -18.88 2.44 -35.18
N THR E 111 -19.38 3.61 -35.58
CA THR E 111 -20.47 3.71 -36.58
C THR E 111 -19.99 3.30 -37.95
N SER E 112 -20.95 2.92 -38.79
CA SER E 112 -20.60 2.31 -40.06
C SER E 112 -19.93 3.33 -41.01
N LYS E 113 -20.09 4.62 -40.76
CA LYS E 113 -19.22 5.62 -41.43
C LYS E 113 -17.78 5.53 -40.99
N LEU E 114 -17.51 5.28 -39.72
CA LEU E 114 -16.12 5.23 -39.28
C LEU E 114 -15.49 3.91 -39.71
N ASP E 115 -16.28 2.84 -39.57
CA ASP E 115 -15.81 1.51 -39.90
C ASP E 115 -16.96 0.55 -40.14
N ILE E 116 -17.24 0.37 -41.43
CA ILE E 116 -18.34 -0.48 -41.96
C ILE E 116 -18.28 -1.95 -41.51
N THR E 117 -17.12 -2.41 -41.09
CA THR E 117 -16.86 -3.82 -40.71
C THR E 117 -17.52 -4.21 -39.35
N PHE E 118 -18.13 -3.25 -38.69
CA PHE E 118 -18.77 -3.52 -37.42
C PHE E 118 -20.26 -3.54 -37.58
N ASP E 119 -20.69 -3.46 -38.83
CA ASP E 119 -22.08 -3.16 -39.15
C ASP E 119 -22.96 -4.37 -38.77
N HIS E 120 -22.37 -5.54 -38.78
CA HIS E 120 -23.09 -6.77 -38.47
C HIS E 120 -23.05 -7.00 -36.96
N ILE E 121 -22.37 -6.13 -36.23
CA ILE E 121 -22.35 -6.29 -34.77
C ILE E 121 -23.40 -5.47 -34.08
N LYS E 122 -24.45 -6.15 -33.62
CA LYS E 122 -25.62 -5.44 -33.14
C LYS E 122 -25.85 -5.66 -31.65
N GLU E 123 -25.40 -6.79 -31.13
CA GLU E 123 -25.52 -7.11 -29.73
C GLU E 123 -24.26 -7.81 -29.29
N LEU E 124 -24.11 -7.97 -27.99
CA LEU E 124 -22.85 -8.56 -27.39
C LEU E 124 -22.60 -9.93 -27.96
N ASP E 125 -23.74 -10.49 -28.27
CA ASP E 125 -23.88 -11.75 -28.94
C ASP E 125 -23.00 -11.92 -30.15
N ASP E 126 -22.80 -10.79 -30.82
CA ASP E 126 -22.07 -10.72 -32.11
C ASP E 126 -20.58 -10.53 -31.94
N LEU E 127 -20.17 -10.13 -30.73
CA LEU E 127 -18.75 -10.06 -30.34
C LEU E 127 -18.06 -11.44 -30.12
N CYS E 128 -16.80 -11.52 -30.53
CA CYS E 128 -15.90 -12.60 -30.13
C CYS E 128 -16.05 -12.96 -28.64
N GLU E 129 -16.19 -14.25 -28.39
CA GLU E 129 -16.41 -14.69 -27.04
C GLU E 129 -15.17 -14.40 -26.23
N MET E 130 -14.03 -14.57 -26.86
CA MET E 130 -12.71 -14.43 -26.21
C MET E 130 -12.36 -12.98 -25.89
N LEU E 131 -12.77 -12.09 -26.78
CA LEU E 131 -12.62 -10.67 -26.52
C LEU E 131 -13.39 -10.35 -25.26
N LYS E 132 -14.59 -10.90 -25.19
CA LYS E 132 -15.45 -10.61 -24.04
C LYS E 132 -14.85 -11.11 -22.73
N LYS E 133 -14.20 -12.27 -22.80
CA LYS E 133 -13.58 -12.89 -21.63
C LYS E 133 -12.31 -12.13 -21.25
N ARG E 134 -11.62 -11.64 -22.27
CA ARG E 134 -10.41 -10.86 -22.11
C ARG E 134 -10.75 -9.60 -21.33
N ILE E 135 -11.91 -9.05 -21.64
CA ILE E 135 -12.39 -7.82 -21.01
C ILE E 135 -12.72 -8.08 -19.55
N VAL E 136 -13.41 -9.18 -19.26
CA VAL E 136 -13.75 -9.49 -17.86
C VAL E 136 -12.44 -9.74 -17.11
N HIS E 137 -11.54 -10.49 -17.72
CA HIS E 137 -10.33 -10.89 -17.03
C HIS E 137 -9.53 -9.61 -16.70
N PHE E 138 -9.37 -8.75 -17.70
CA PHE E 138 -8.77 -7.42 -17.49
C PHE E 138 -9.36 -6.73 -16.25
N PHE E 139 -10.67 -6.53 -16.24
CA PHE E 139 -11.22 -5.69 -15.21
C PHE E 139 -11.08 -6.28 -13.80
N GLU E 140 -11.21 -7.59 -13.76
CA GLU E 140 -11.16 -8.32 -12.51
C GLU E 140 -9.77 -8.39 -11.93
N HIS E 141 -8.76 -8.03 -12.71
CA HIS E 141 -7.37 -8.22 -12.27
C HIS E 141 -6.40 -7.03 -12.32
N TYR E 142 -6.80 -5.98 -13.00
CA TYR E 142 -5.85 -4.93 -13.35
C TYR E 142 -5.52 -4.04 -12.18
N LYS E 143 -6.33 -4.11 -11.13
CA LYS E 143 -6.05 -3.39 -9.90
C LYS E 143 -5.47 -4.29 -8.81
N ASP E 144 -5.12 -5.52 -9.17
CA ASP E 144 -4.75 -6.56 -8.18
C ASP E 144 -3.59 -6.08 -7.34
N LEU E 145 -2.71 -5.31 -7.96
CA LEU E 145 -1.51 -4.85 -7.28
C LEU E 145 -1.72 -3.43 -6.75
N GLU E 146 -2.93 -2.93 -6.90
CA GLU E 146 -3.34 -1.66 -6.33
C GLU E 146 -4.04 -1.86 -5.00
N LYS E 147 -3.21 -1.75 -4.01
CA LYS E 147 -3.61 -1.39 -2.67
C LYS E 147 -4.93 -0.59 -2.55
N GLY E 148 -5.91 -1.22 -1.92
CA GLY E 148 -7.18 -0.54 -1.58
C GLY E 148 -8.13 -0.45 -2.76
N LYS E 149 -8.13 -1.51 -3.56
CA LYS E 149 -8.85 -1.47 -4.81
C LYS E 149 -9.05 -2.82 -5.48
N TRP E 150 -10.22 -2.90 -6.14
CA TRP E 150 -10.77 -4.13 -6.68
C TRP E 150 -12.04 -3.89 -7.52
N VAL E 151 -12.35 -4.95 -8.25
CA VAL E 151 -13.55 -5.10 -9.12
C VAL E 151 -14.11 -6.51 -9.14
N LYS E 152 -15.44 -6.60 -9.16
CA LYS E 152 -16.19 -7.83 -9.57
C LYS E 152 -17.21 -7.58 -10.70
N VAL E 153 -17.19 -8.47 -11.69
CA VAL E 153 -18.05 -8.40 -12.84
C VAL E 153 -19.30 -9.27 -12.63
N THR E 154 -20.45 -8.62 -12.48
CA THR E 154 -21.68 -9.32 -12.11
C THR E 154 -22.52 -9.83 -13.28
N GLY E 155 -22.33 -9.21 -14.46
CA GLY E 155 -22.98 -9.66 -15.68
C GLY E 155 -22.98 -8.68 -16.85
N TRP E 156 -23.96 -8.85 -17.72
CA TRP E 156 -24.07 -8.01 -18.89
C TRP E 156 -25.50 -7.55 -19.12
N GLY E 157 -25.63 -6.42 -19.78
CA GLY E 157 -26.89 -5.92 -20.25
C GLY E 157 -26.89 -5.89 -21.75
N ASP E 158 -28.08 -5.89 -22.33
CA ASP E 158 -28.22 -5.77 -23.77
C ASP E 158 -28.28 -4.34 -24.28
N LYS E 159 -28.60 -4.23 -25.55
CA LYS E 159 -28.63 -2.96 -26.23
C LYS E 159 -29.65 -2.06 -25.59
N VAL E 160 -30.84 -2.57 -25.34
CA VAL E 160 -31.92 -1.76 -24.77
C VAL E 160 -31.48 -1.20 -23.40
N LYS E 161 -30.67 -2.00 -22.74
CA LYS E 161 -30.23 -1.65 -21.42
C LYS E 161 -29.21 -0.53 -21.57
N ALA E 162 -28.41 -0.60 -22.64
CA ALA E 162 -27.30 0.35 -22.83
C ALA E 162 -27.93 1.70 -23.12
N GLU E 163 -28.91 1.67 -24.01
CA GLU E 163 -29.57 2.89 -24.45
C GLU E 163 -30.29 3.65 -23.33
N THR E 164 -30.81 2.92 -22.36
CA THR E 164 -31.55 3.49 -21.24
C THR E 164 -30.56 4.16 -20.27
N LEU E 165 -29.49 3.46 -19.99
CA LEU E 165 -28.36 4.04 -19.25
C LEU E 165 -27.91 5.39 -19.84
N ILE E 166 -27.74 5.43 -21.16
CA ILE E 166 -27.25 6.63 -21.85
C ILE E 166 -28.27 7.77 -21.70
N LYS E 167 -29.53 7.43 -21.96
CA LYS E 167 -30.63 8.39 -21.91
C LYS E 167 -30.76 8.99 -20.51
N GLU E 168 -30.84 8.12 -19.52
CA GLU E 168 -30.82 8.50 -18.09
C GLU E 168 -29.62 9.37 -17.70
N GLY E 169 -28.54 9.22 -18.44
CA GLY E 169 -27.25 9.87 -18.14
C GLY E 169 -27.15 11.22 -18.81
N ILE E 170 -27.77 11.31 -19.99
CA ILE E 170 -28.00 12.57 -20.69
C ILE E 170 -28.98 13.45 -19.94
N ASP E 171 -30.00 12.83 -19.37
CA ASP E 171 -31.11 13.53 -18.73
C ASP E 171 -30.73 13.97 -17.33
N ARG E 172 -29.70 13.33 -16.77
CA ARG E 172 -29.24 13.59 -15.39
C ARG E 172 -28.24 14.76 -15.31
N ASN F 14 30.66 -5.00 -57.86
CA ASN F 14 31.06 -4.05 -56.77
C ASN F 14 29.99 -3.85 -55.69
N GLU F 15 29.26 -4.92 -55.39
CA GLU F 15 28.20 -4.87 -54.41
C GLU F 15 28.51 -5.76 -53.22
N ILE F 16 28.13 -5.28 -52.04
CA ILE F 16 28.43 -5.96 -50.79
C ILE F 16 27.19 -6.33 -49.99
N ASN F 17 27.28 -7.49 -49.35
CA ASN F 17 26.32 -7.98 -48.39
C ASN F 17 26.76 -7.62 -46.99
N VAL F 18 25.83 -7.05 -46.26
CA VAL F 18 26.11 -6.51 -44.91
C VAL F 18 25.10 -7.13 -43.99
N ILE F 19 25.53 -7.86 -43.01
CA ILE F 19 24.62 -8.33 -42.02
C ILE F 19 24.55 -7.31 -40.91
N ILE F 20 23.33 -6.84 -40.70
CA ILE F 20 22.96 -5.78 -39.76
C ILE F 20 22.82 -6.29 -38.34
N GLU F 21 23.46 -5.55 -37.44
CA GLU F 21 23.48 -5.93 -36.04
C GLU F 21 22.61 -5.00 -35.26
N ILE F 22 22.58 -3.75 -35.74
CA ILE F 22 21.91 -2.64 -35.05
C ILE F 22 21.23 -1.71 -36.04
N PRO F 23 19.92 -1.67 -35.97
CA PRO F 23 19.12 -0.90 -36.88
C PRO F 23 19.15 0.56 -36.48
N MET F 24 19.17 1.44 -37.47
CA MET F 24 19.04 2.89 -37.20
C MET F 24 17.94 3.14 -36.21
N ASN F 25 18.18 4.17 -35.40
CA ASN F 25 17.24 4.69 -34.42
C ASN F 25 16.63 3.67 -33.47
N SER F 26 17.32 2.57 -33.25
CA SER F 26 16.79 1.54 -32.33
C SER F 26 17.10 1.91 -30.88
N GLY F 27 16.49 1.26 -29.92
CA GLY F 27 16.72 1.77 -28.53
C GLY F 27 18.18 1.78 -28.14
N PRO F 28 18.47 1.29 -26.94
CA PRO F 28 19.76 1.16 -26.32
C PRO F 28 20.44 -0.17 -26.54
N ILE F 29 19.83 -1.10 -27.25
CA ILE F 29 20.51 -2.42 -27.32
C ILE F 29 21.59 -2.50 -28.36
N LYS F 30 22.79 -2.72 -27.87
CA LYS F 30 23.94 -2.87 -28.72
C LYS F 30 24.20 -4.35 -28.95
N TYR F 31 23.86 -4.77 -30.16
CA TYR F 31 23.99 -6.18 -30.52
C TYR F 31 25.34 -6.41 -31.14
N GLU F 32 25.79 -7.63 -30.92
CA GLU F 32 27.06 -8.10 -31.48
C GLU F 32 26.95 -9.56 -31.97
N PHE F 33 27.25 -9.76 -33.25
CA PHE F 33 27.30 -11.10 -33.83
C PHE F 33 28.43 -12.00 -33.31
N ASP F 34 28.04 -13.09 -32.69
CA ASP F 34 29.00 -14.12 -32.36
C ASP F 34 29.24 -14.95 -33.60
N LYS F 35 30.46 -14.82 -34.05
CA LYS F 35 30.93 -15.47 -35.25
C LYS F 35 31.06 -16.95 -35.01
N GLU F 36 31.56 -17.26 -33.82
CA GLU F 36 31.61 -18.64 -33.36
C GLU F 36 30.27 -19.31 -33.66
N SER F 37 29.30 -18.97 -32.82
CA SER F 37 28.00 -19.59 -32.81
C SER F 37 27.04 -19.11 -33.87
N GLY F 38 27.35 -17.94 -34.42
CA GLY F 38 26.45 -17.27 -35.36
C GLY F 38 25.28 -16.61 -34.69
N ALA F 39 25.36 -16.50 -33.37
CA ALA F 39 24.27 -15.89 -32.62
C ALA F 39 24.48 -14.39 -32.42
N LEU F 40 23.34 -13.75 -32.17
CA LEU F 40 23.25 -12.33 -31.87
C LEU F 40 23.33 -12.18 -30.37
N PHE F 41 24.44 -11.64 -29.91
CA PHE F 41 24.68 -11.35 -28.49
C PHE F 41 24.32 -9.87 -28.16
N VAL F 42 23.73 -9.63 -26.98
CA VAL F 42 23.69 -8.24 -26.47
C VAL F 42 25.09 -7.89 -25.97
N ASP F 43 25.77 -7.01 -26.68
CA ASP F 43 27.07 -6.52 -26.20
C ASP F 43 26.84 -5.57 -24.99
N ARG F 44 25.91 -4.64 -25.13
CA ARG F 44 25.66 -3.63 -24.09
C ARG F 44 24.26 -3.15 -24.11
N PHE F 45 23.76 -2.82 -22.93
CA PHE F 45 22.68 -1.85 -22.77
C PHE F 45 23.30 -0.47 -22.65
N MET F 46 23.17 0.29 -23.73
CA MET F 46 23.85 1.57 -23.84
C MET F 46 23.33 2.55 -22.82
N GLN F 47 24.22 3.29 -22.16
CA GLN F 47 23.77 4.09 -21.04
C GLN F 47 23.34 5.48 -21.46
N THR F 48 23.71 5.95 -22.66
CA THR F 48 23.29 7.31 -23.04
C THR F 48 21.89 7.27 -23.60
N THR F 49 21.50 8.42 -24.14
CA THR F 49 20.16 8.69 -24.67
C THR F 49 20.25 8.62 -26.21
N MET F 50 21.41 8.24 -26.72
CA MET F 50 21.64 8.23 -28.18
C MET F 50 21.25 6.91 -28.86
N SER F 51 20.72 7.07 -30.09
CA SER F 51 20.37 5.94 -30.96
C SER F 51 21.19 5.90 -32.21
N TYR F 52 21.44 4.71 -32.71
CA TYR F 52 22.28 4.61 -33.90
C TYR F 52 21.70 5.46 -34.99
N PRO F 53 22.59 6.18 -35.65
CA PRO F 53 22.25 7.11 -36.70
C PRO F 53 22.00 6.42 -38.03
N CYS F 54 22.50 5.19 -38.13
CA CYS F 54 22.39 4.35 -39.32
C CYS F 54 22.25 2.91 -38.90
N ASN F 55 21.81 2.09 -39.86
CA ASN F 55 21.82 0.63 -39.67
C ASN F 55 23.28 0.28 -39.69
N TYR F 56 23.68 -0.59 -38.77
CA TYR F 56 25.10 -0.95 -38.59
C TYR F 56 25.33 -2.46 -38.50
N GLY F 57 26.42 -2.90 -39.13
CA GLY F 57 26.89 -4.28 -39.04
C GLY F 57 28.20 -4.53 -39.76
N PHE F 58 28.24 -5.61 -40.53
CA PHE F 58 29.52 -6.07 -41.09
C PHE F 58 29.34 -6.90 -42.33
N ILE F 59 30.48 -7.12 -42.99
CA ILE F 59 30.50 -7.90 -44.23
C ILE F 59 30.99 -9.28 -43.89
N PRO F 60 30.16 -10.29 -44.17
CA PRO F 60 30.54 -11.67 -43.93
C PRO F 60 31.80 -12.01 -44.70
N ASP F 61 32.56 -12.92 -44.14
CA ASP F 61 33.69 -13.48 -44.87
C ASP F 61 34.61 -12.36 -45.31
N THR F 62 34.69 -11.36 -44.43
CA THR F 62 35.82 -10.43 -44.46
C THR F 62 36.47 -10.42 -43.11
N LEU F 63 37.61 -9.72 -43.08
CA LEU F 63 38.55 -9.78 -41.96
C LEU F 63 39.53 -8.60 -41.96
N SER F 64 39.33 -7.69 -41.00
CA SER F 64 40.16 -6.49 -40.89
C SER F 64 41.44 -6.76 -40.13
N ASN F 65 42.22 -5.69 -39.99
CA ASN F 65 43.48 -5.73 -39.24
C ASN F 65 43.27 -6.22 -37.83
N ASP F 66 42.28 -5.63 -37.16
CA ASP F 66 41.96 -5.96 -35.74
C ASP F 66 41.42 -7.38 -35.68
N GLY F 67 41.45 -8.03 -36.82
CA GLY F 67 41.07 -9.44 -36.92
C GLY F 67 39.57 -9.61 -36.91
N ASP F 68 38.87 -8.46 -36.87
CA ASP F 68 37.39 -8.44 -36.92
C ASP F 68 36.88 -8.17 -38.33
N PRO F 69 35.68 -8.67 -38.63
CA PRO F 69 35.08 -8.41 -39.93
C PRO F 69 35.03 -6.93 -40.16
N VAL F 70 35.04 -6.56 -41.42
CA VAL F 70 34.88 -5.18 -41.85
C VAL F 70 33.44 -4.74 -41.57
N ASP F 71 33.33 -3.60 -40.91
CA ASP F 71 32.05 -3.16 -40.40
C ASP F 71 31.60 -1.93 -41.12
N VAL F 72 30.29 -1.82 -41.23
CA VAL F 72 29.69 -0.89 -42.17
C VAL F 72 28.55 -0.13 -41.56
N LEU F 73 28.52 1.17 -41.82
CA LEU F 73 27.29 1.93 -41.58
C LEU F 73 26.53 2.12 -42.88
N VAL F 74 25.30 1.62 -42.88
CA VAL F 74 24.41 1.68 -44.06
C VAL F 74 23.34 2.75 -43.93
N VAL F 75 23.54 3.82 -44.65
CA VAL F 75 22.59 4.89 -44.69
C VAL F 75 21.42 4.41 -45.56
N ALA F 76 20.27 4.37 -44.92
CA ALA F 76 18.98 3.97 -45.51
C ALA F 76 17.90 4.88 -44.94
N HIS F 77 16.69 4.78 -45.42
CA HIS F 77 15.63 5.70 -44.99
C HIS F 77 14.85 5.13 -43.86
N HIS F 78 15.09 3.85 -43.59
CA HIS F 78 14.29 3.00 -42.67
C HIS F 78 15.16 1.95 -41.98
N PRO F 79 14.77 1.52 -40.76
CA PRO F 79 15.49 0.45 -40.09
C PRO F 79 15.16 -0.93 -40.63
N VAL F 80 16.03 -1.87 -40.29
CA VAL F 80 15.87 -3.25 -40.76
C VAL F 80 16.02 -4.09 -39.50
N VAL F 81 15.45 -5.29 -39.45
CA VAL F 81 15.52 -6.05 -38.21
C VAL F 81 16.95 -6.51 -38.05
N PRO F 82 17.42 -6.68 -36.80
CA PRO F 82 18.77 -7.19 -36.62
C PRO F 82 18.96 -8.61 -37.18
N GLY F 83 20.02 -8.82 -37.91
CA GLY F 83 20.31 -10.16 -38.44
C GLY F 83 19.99 -10.23 -39.92
N SER F 84 19.38 -9.17 -40.45
CA SER F 84 19.00 -9.21 -41.82
C SER F 84 20.12 -8.64 -42.62
N VAL F 85 20.05 -8.81 -43.94
CA VAL F 85 21.20 -8.53 -44.82
C VAL F 85 20.81 -7.56 -45.88
N ILE F 86 21.57 -6.48 -45.94
CA ILE F 86 21.34 -5.44 -46.94
C ILE F 86 22.46 -5.37 -47.97
N LYS F 87 22.07 -5.58 -49.22
CA LYS F 87 22.99 -5.38 -50.34
C LYS F 87 23.18 -3.92 -50.51
N CYS F 88 24.45 -3.53 -50.52
CA CYS F 88 24.85 -2.13 -50.58
CA CYS F 88 24.81 -2.12 -50.58
C CYS F 88 26.10 -1.94 -51.38
N ARG F 89 26.35 -0.68 -51.67
CA ARG F 89 27.57 -0.24 -52.31
C ARG F 89 28.22 0.90 -51.51
N ALA F 90 29.49 0.70 -51.18
CA ALA F 90 30.28 1.64 -50.36
C ALA F 90 30.43 2.95 -51.10
N ILE F 91 30.39 4.05 -50.35
CA ILE F 91 30.63 5.38 -50.92
C ILE F 91 31.72 6.15 -50.20
N GLY F 92 32.25 5.54 -49.14
CA GLY F 92 33.19 6.26 -48.28
C GLY F 92 33.55 5.54 -47.03
N VAL F 93 34.37 6.16 -46.20
CA VAL F 93 34.85 5.54 -44.97
C VAL F 93 34.88 6.60 -43.86
N LEU F 94 34.56 6.19 -42.65
CA LEU F 94 34.67 7.10 -41.52
C LEU F 94 35.87 6.62 -40.71
N MET F 95 36.76 7.56 -40.41
CA MET F 95 38.01 7.22 -39.77
C MET F 95 38.03 7.76 -38.38
N MET F 96 38.38 6.87 -37.48
CA MET F 96 38.32 7.13 -36.07
C MET F 96 39.54 6.59 -35.36
N GLU F 97 39.76 7.13 -34.18
CA GLU F 97 40.56 6.41 -33.21
C GLU F 97 39.81 6.38 -31.88
N ASP F 98 40.03 5.33 -31.13
CA ASP F 98 39.43 5.18 -29.81
C ASP F 98 40.49 4.82 -28.77
N GLU F 99 40.01 4.39 -27.63
CA GLU F 99 40.87 4.14 -26.48
C GLU F 99 41.79 2.97 -26.81
N SER F 100 41.69 2.49 -28.03
CA SER F 100 42.37 1.26 -28.42
C SER F 100 42.96 1.35 -29.81
N GLY F 101 43.07 2.56 -30.33
CA GLY F 101 43.68 2.75 -31.63
C GLY F 101 42.71 3.14 -32.69
N LEU F 102 43.12 2.90 -33.92
CA LEU F 102 42.35 3.31 -35.09
C LEU F 102 41.17 2.38 -35.38
N ASP F 103 40.02 3.02 -35.64
CA ASP F 103 38.83 2.34 -36.11
C ASP F 103 38.38 3.00 -37.38
N GLU F 104 38.01 2.19 -38.35
CA GLU F 104 37.49 2.72 -39.58
C GLU F 104 36.20 2.00 -39.91
N LYS F 105 35.28 2.75 -40.53
CA LYS F 105 33.97 2.23 -40.86
C LYS F 105 33.54 2.66 -42.26
N ILE F 106 33.19 1.67 -43.06
CA ILE F 106 32.66 1.93 -44.40
C ILE F 106 31.29 2.57 -44.27
N ILE F 107 31.07 3.56 -45.12
CA ILE F 107 29.80 4.17 -45.30
C ILE F 107 29.29 3.61 -46.64
N ALA F 108 28.14 2.93 -46.57
CA ALA F 108 27.46 2.32 -47.70
C ALA F 108 26.03 2.81 -47.75
N VAL F 109 25.47 2.79 -48.95
CA VAL F 109 24.05 3.01 -49.21
C VAL F 109 23.45 1.78 -49.93
N PRO F 110 22.14 1.53 -49.79
CA PRO F 110 21.50 0.40 -50.49
C PRO F 110 21.70 0.45 -51.99
N THR F 111 21.77 -0.72 -52.64
CA THR F 111 21.80 -0.79 -54.12
C THR F 111 20.56 -0.15 -54.65
N SER F 112 20.57 0.21 -55.91
CA SER F 112 19.42 0.85 -56.56
C SER F 112 18.27 -0.13 -56.80
N LYS F 113 18.59 -1.41 -56.76
CA LYS F 113 17.56 -2.49 -56.80
C LYS F 113 16.68 -2.48 -55.52
N LEU F 114 17.35 -2.45 -54.39
CA LEU F 114 16.66 -2.32 -53.12
C LEU F 114 15.97 -0.95 -52.94
N ASP F 115 16.67 0.14 -53.26
CA ASP F 115 16.10 1.51 -53.14
C ASP F 115 16.67 2.47 -54.18
N ILE F 116 15.87 2.69 -55.22
CA ILE F 116 16.31 3.50 -56.39
C ILE F 116 16.55 4.95 -55.97
N THR F 117 16.07 5.34 -54.79
CA THR F 117 16.20 6.75 -54.34
C THR F 117 17.63 7.14 -53.97
N PHE F 118 18.47 6.14 -53.67
CA PHE F 118 19.90 6.35 -53.42
C PHE F 118 20.77 6.35 -54.72
N ASP F 119 20.13 6.26 -55.87
CA ASP F 119 20.91 6.00 -57.09
C ASP F 119 21.95 7.12 -57.27
N HIS F 120 21.51 8.34 -56.99
CA HIS F 120 22.32 9.53 -57.15
C HIS F 120 23.36 9.75 -56.06
N ILE F 121 23.37 8.87 -55.07
CA ILE F 121 24.35 9.00 -53.98
C ILE F 121 25.67 8.29 -54.37
N LYS F 122 26.63 9.06 -54.85
CA LYS F 122 27.92 8.48 -55.35
C LYS F 122 29.15 8.71 -54.45
N GLU F 123 29.20 9.86 -53.80
CA GLU F 123 30.25 10.10 -52.81
C GLU F 123 29.67 10.61 -51.49
N LEU F 124 30.56 10.69 -50.52
CA LEU F 124 30.22 11.22 -49.19
C LEU F 124 29.64 12.59 -49.34
N ASP F 125 30.13 13.34 -50.33
CA ASP F 125 29.73 14.75 -50.50
C ASP F 125 28.26 14.83 -50.87
N ASP F 126 27.78 13.71 -51.34
CA ASP F 126 26.39 13.62 -51.79
C ASP F 126 25.46 13.52 -50.60
N LEU F 127 25.97 13.12 -49.47
CA LEU F 127 25.13 13.03 -48.28
C LEU F 127 24.81 14.38 -47.64
N CYS F 128 23.60 14.47 -47.14
CA CYS F 128 23.22 15.48 -46.15
C CYS F 128 24.37 15.83 -45.21
N GLU F 129 24.67 17.12 -45.15
CA GLU F 129 25.73 17.59 -44.27
C GLU F 129 25.39 17.33 -42.82
N MET F 130 24.08 17.47 -42.53
CA MET F 130 23.54 17.30 -41.19
C MET F 130 23.55 15.82 -40.77
N LEU F 131 23.26 14.93 -41.68
CA LEU F 131 23.43 13.49 -41.38
C LEU F 131 24.86 13.22 -41.06
N LYS F 132 25.76 13.72 -41.88
CA LYS F 132 27.17 13.41 -41.65
C LYS F 132 27.61 13.89 -40.28
N LYS F 133 27.20 15.10 -39.92
CA LYS F 133 27.39 15.64 -38.58
C LYS F 133 26.78 14.83 -37.42
N ARG F 134 25.54 14.42 -37.63
CA ARG F 134 24.83 13.61 -36.66
C ARG F 134 25.61 12.31 -36.46
N ILE F 135 26.16 11.80 -37.52
CA ILE F 135 26.92 10.51 -37.39
C ILE F 135 28.15 10.70 -36.51
N VAL F 136 28.89 11.75 -36.82
CA VAL F 136 30.13 12.03 -36.14
C VAL F 136 29.91 12.22 -34.64
N HIS F 137 28.81 12.86 -34.34
CA HIS F 137 28.49 13.28 -33.00
C HIS F 137 28.08 12.05 -32.24
N PHE F 138 27.43 11.11 -32.93
CA PHE F 138 26.91 9.94 -32.24
C PHE F 138 28.10 9.18 -31.77
N PHE F 139 29.00 8.95 -32.70
CA PHE F 139 30.23 8.16 -32.38
C PHE F 139 31.12 8.79 -31.32
N GLU F 140 31.24 10.12 -31.39
CA GLU F 140 32.12 10.86 -30.47
C GLU F 140 31.53 10.90 -29.11
N HIS F 141 30.25 10.53 -29.00
CA HIS F 141 29.54 10.69 -27.73
C HIS F 141 28.82 9.52 -27.15
N TYR F 142 28.62 8.48 -27.96
CA TYR F 142 27.79 7.35 -27.52
C TYR F 142 28.42 6.49 -26.44
N LYS F 143 29.74 6.59 -26.26
CA LYS F 143 30.45 5.77 -25.28
C LYS F 143 30.90 6.58 -24.08
N ASP F 144 30.41 7.81 -24.00
CA ASP F 144 30.86 8.79 -22.96
C ASP F 144 30.65 8.29 -21.54
N LEU F 145 29.69 7.38 -21.39
CA LEU F 145 29.25 6.97 -20.06
C LEU F 145 29.77 5.57 -19.81
N GLU F 146 30.68 5.14 -20.66
CA GLU F 146 31.47 3.96 -20.41
C GLU F 146 32.82 4.41 -19.85
N LYS F 147 33.15 3.91 -18.66
CA LYS F 147 34.41 4.28 -18.01
C LYS F 147 35.51 3.88 -18.91
N GLY F 148 36.44 4.81 -19.13
CA GLY F 148 37.72 4.57 -19.82
C GLY F 148 37.66 4.63 -21.33
N LYS F 149 36.47 4.82 -21.89
CA LYS F 149 36.27 4.66 -23.32
C LYS F 149 35.94 5.96 -23.96
N TRP F 150 36.39 6.08 -25.19
CA TRP F 150 36.11 7.27 -25.99
C TRP F 150 36.39 7.08 -27.47
N VAL F 151 35.84 8.00 -28.24
CA VAL F 151 36.03 7.99 -29.68
C VAL F 151 36.28 9.38 -30.20
N LYS F 152 37.24 9.50 -31.08
CA LYS F 152 37.37 10.74 -31.84
C LYS F 152 37.49 10.48 -33.32
N VAL F 153 36.71 11.23 -34.08
CA VAL F 153 36.71 11.06 -35.53
C VAL F 153 37.85 11.90 -36.06
N THR F 154 38.73 11.27 -36.84
CA THR F 154 39.85 11.97 -37.36
C THR F 154 39.53 12.50 -38.76
N GLY F 155 38.67 11.77 -39.49
CA GLY F 155 38.25 12.20 -40.84
C GLY F 155 37.42 11.20 -41.65
N TRP F 156 37.44 11.41 -42.96
CA TRP F 156 36.68 10.56 -43.88
C TRP F 156 37.51 10.03 -45.03
N GLY F 157 37.16 8.85 -45.51
CA GLY F 157 37.75 8.25 -46.66
C GLY F 157 36.86 8.26 -47.87
N ASP F 158 37.57 8.37 -48.99
CA ASP F 158 37.24 8.10 -50.41
C ASP F 158 36.49 6.78 -50.65
N LYS F 159 35.73 6.71 -51.73
CA LYS F 159 35.16 5.44 -52.15
C LYS F 159 36.23 4.40 -52.50
N VAL F 160 37.36 4.86 -53.04
CA VAL F 160 38.44 3.92 -53.40
C VAL F 160 39.13 3.47 -52.12
N LYS F 161 39.15 4.36 -51.14
CA LYS F 161 39.63 3.96 -49.82
C LYS F 161 38.79 2.83 -49.24
N ALA F 162 37.49 2.93 -49.45
CA ALA F 162 36.59 1.91 -48.91
C ALA F 162 36.78 0.60 -49.69
N GLU F 163 36.85 0.69 -50.99
CA GLU F 163 36.99 -0.52 -51.79
C GLU F 163 38.30 -1.23 -51.41
N THR F 164 39.40 -0.53 -51.56
CA THR F 164 40.67 -0.98 -50.95
C THR F 164 40.48 -1.73 -49.63
N LEU F 165 39.94 -1.03 -48.65
CA LEU F 165 39.58 -1.61 -47.33
C LEU F 165 38.86 -2.91 -47.48
N ILE F 166 37.88 -2.90 -48.36
CA ILE F 166 36.99 -4.08 -48.57
C ILE F 166 37.85 -5.17 -49.17
N LYS F 167 38.45 -4.85 -50.30
CA LYS F 167 39.41 -5.75 -50.96
C LYS F 167 40.28 -6.45 -49.88
N GLU F 168 40.88 -5.60 -49.05
CA GLU F 168 41.85 -6.08 -48.06
C GLU F 168 41.27 -7.02 -47.01
N GLY F 169 39.96 -6.89 -46.76
CA GLY F 169 39.33 -7.68 -45.66
C GLY F 169 38.91 -9.05 -46.16
N ILE F 170 38.59 -9.06 -47.45
CA ILE F 170 38.22 -10.29 -48.18
C ILE F 170 39.45 -11.17 -48.39
N ASP F 171 40.56 -10.52 -48.72
CA ASP F 171 41.83 -11.20 -48.96
C ASP F 171 42.38 -11.63 -47.62
N ARG F 172 42.39 -10.72 -46.67
CA ARG F 172 42.94 -11.04 -45.36
C ARG F 172 42.25 -12.27 -44.80
N ASN F 173 41.10 -12.58 -45.36
CA ASN F 173 40.24 -13.63 -44.80
C ASN F 173 40.66 -15.05 -45.23
N ILE G 7 -0.20 -30.67 22.46
CA ILE G 7 -1.71 -30.52 22.70
C ILE G 7 -2.52 -31.16 21.60
N LYS G 8 -3.51 -31.93 22.03
CA LYS G 8 -4.46 -32.58 21.14
C LYS G 8 -5.60 -31.63 20.77
N ALA G 9 -6.20 -31.94 19.63
CA ALA G 9 -7.24 -31.15 19.03
C ALA G 9 -8.47 -31.32 19.85
N LYS G 10 -8.68 -32.52 20.33
CA LYS G 10 -9.94 -32.90 21.00
C LYS G 10 -9.76 -33.00 22.48
N ALA G 11 -10.76 -32.54 23.21
CA ALA G 11 -10.74 -32.53 24.67
C ALA G 11 -11.62 -33.64 25.31
N ASN G 12 -12.58 -34.10 24.53
CA ASN G 12 -13.15 -35.42 24.61
C ASN G 12 -14.14 -35.46 23.47
N ASN G 13 -15.29 -36.07 23.69
CA ASN G 13 -16.03 -36.58 22.55
C ASN G 13 -16.25 -35.51 21.53
N ASN G 14 -16.98 -34.50 21.97
CA ASN G 14 -17.29 -33.36 21.14
C ASN G 14 -16.77 -32.04 21.71
N GLU G 15 -15.50 -32.08 22.07
CA GLU G 15 -14.83 -30.92 22.60
C GLU G 15 -13.44 -30.76 22.05
N ILE G 16 -13.04 -29.50 21.92
CA ILE G 16 -11.76 -29.16 21.28
C ILE G 16 -10.93 -28.20 22.13
N ASN G 17 -9.64 -28.28 21.90
CA ASN G 17 -8.69 -27.39 22.45
C ASN G 17 -8.43 -26.33 21.39
N VAL G 18 -8.59 -25.08 21.76
CA VAL G 18 -8.21 -23.98 20.87
C VAL G 18 -7.18 -23.14 21.54
N ILE G 19 -6.08 -22.92 20.84
CA ILE G 19 -5.05 -22.01 21.33
C ILE G 19 -5.35 -20.61 20.79
N ILE G 20 -5.42 -19.66 21.74
CA ILE G 20 -5.84 -18.31 21.42
C ILE G 20 -4.63 -17.49 20.99
N GLU G 21 -4.73 -16.87 19.84
CA GLU G 21 -3.70 -15.96 19.39
C GLU G 21 -4.06 -14.47 19.62
N ILE G 22 -5.33 -14.12 19.41
CA ILE G 22 -5.82 -12.76 19.53
C ILE G 22 -7.07 -12.73 20.43
N PRO G 23 -7.02 -12.05 21.61
CA PRO G 23 -8.17 -11.95 22.49
C PRO G 23 -9.24 -11.03 21.98
N MET G 24 -10.46 -11.31 22.41
CA MET G 24 -11.57 -10.46 22.09
C MET G 24 -11.27 -9.02 22.63
N ASN G 25 -11.65 -8.03 21.86
CA ASN G 25 -11.61 -6.62 22.31
C ASN G 25 -10.26 -6.09 22.78
N SER G 26 -9.21 -6.53 22.13
CA SER G 26 -7.88 -6.38 22.62
C SER G 26 -7.03 -5.33 21.92
N GLY G 27 -7.58 -4.58 20.95
CA GLY G 27 -6.81 -3.50 20.37
C GLY G 27 -6.27 -3.86 19.03
N PRO G 28 -5.20 -3.18 18.60
CA PRO G 28 -4.66 -3.20 17.24
C PRO G 28 -3.69 -4.31 16.91
N ILE G 29 -3.15 -4.97 17.92
CA ILE G 29 -2.17 -6.02 17.67
C ILE G 29 -2.78 -7.35 17.18
N LYS G 30 -2.32 -7.77 16.01
CA LYS G 30 -2.70 -9.03 15.44
C LYS G 30 -1.54 -10.03 15.58
N TYR G 31 -1.74 -10.99 16.45
CA TYR G 31 -0.77 -12.03 16.70
C TYR G 31 -1.05 -13.27 15.84
N GLU G 32 0.04 -13.93 15.49
CA GLU G 32 0.00 -15.23 14.89
C GLU G 32 1.15 -16.08 15.43
N PHE G 33 0.83 -17.26 15.96
CA PHE G 33 1.84 -18.26 16.30
C PHE G 33 2.55 -18.76 15.06
N ASP G 34 3.86 -18.85 15.20
CA ASP G 34 4.69 -19.53 14.22
C ASP G 34 4.73 -21.04 14.55
N LYS G 35 4.06 -21.87 13.77
CA LYS G 35 4.09 -23.32 14.08
C LYS G 35 5.56 -23.84 14.14
N GLU G 36 6.30 -23.48 13.12
CA GLU G 36 7.73 -23.79 13.10
C GLU G 36 8.41 -23.59 14.47
N SER G 37 8.38 -22.37 14.97
CA SER G 37 9.13 -22.04 16.19
C SER G 37 8.30 -22.25 17.41
N GLY G 38 6.98 -22.20 17.23
CA GLY G 38 6.05 -22.11 18.35
C GLY G 38 6.07 -20.72 18.98
N ALA G 39 6.74 -19.78 18.31
CA ALA G 39 6.76 -18.38 18.73
C ALA G 39 5.47 -17.63 18.33
N LEU G 40 4.99 -16.77 19.21
CA LEU G 40 3.94 -15.77 18.91
C LEU G 40 4.56 -14.50 18.31
N PHE G 41 4.34 -14.33 17.02
CA PHE G 41 4.85 -13.19 16.26
C PHE G 41 3.74 -12.19 16.13
N VAL G 42 4.13 -10.91 16.06
CA VAL G 42 3.18 -9.87 15.73
C VAL G 42 2.95 -9.97 14.23
N ASP G 43 1.72 -10.24 13.80
CA ASP G 43 1.54 -10.28 12.33
C ASP G 43 1.43 -8.87 11.80
N ARG G 44 0.65 -8.08 12.50
CA ARG G 44 0.60 -6.64 12.26
C ARG G 44 -0.05 -5.82 13.33
N PHE G 45 0.32 -4.54 13.28
CA PHE G 45 -0.39 -3.49 13.97
C PHE G 45 -1.49 -3.08 13.00
N MET G 46 -2.72 -3.40 13.39
CA MET G 46 -3.91 -3.16 12.59
C MET G 46 -4.18 -1.68 12.51
N GLN G 47 -4.76 -1.25 11.40
CA GLN G 47 -4.84 0.16 11.12
C GLN G 47 -6.22 0.71 11.27
N THR G 48 -7.25 -0.11 11.40
CA THR G 48 -8.59 0.48 11.63
C THR G 48 -8.79 0.72 13.13
N THR G 49 -9.97 1.22 13.50
CA THR G 49 -10.32 1.28 14.91
C THR G 49 -11.07 0.02 15.40
N MET G 50 -11.05 -1.05 14.60
CA MET G 50 -11.69 -2.33 15.03
C MET G 50 -10.83 -3.22 15.96
N SER G 51 -11.46 -3.81 16.97
CA SER G 51 -10.81 -4.92 17.65
C SER G 51 -11.56 -6.25 17.39
N TYR G 52 -10.90 -7.37 17.59
CA TYR G 52 -11.56 -8.69 17.37
C TYR G 52 -12.80 -8.82 18.25
N PRO G 53 -13.88 -9.30 17.67
CA PRO G 53 -15.16 -9.38 18.38
C PRO G 53 -15.25 -10.60 19.26
N CYS G 54 -14.26 -11.47 19.17
CA CYS G 54 -14.13 -12.64 20.08
C CYS G 54 -12.70 -13.00 20.22
N ASN G 55 -12.46 -13.96 21.08
CA ASN G 55 -11.20 -14.69 21.11
C ASN G 55 -11.01 -15.48 19.79
N TYR G 56 -9.84 -15.29 19.19
CA TYR G 56 -9.52 -15.94 17.95
C TYR G 56 -8.27 -16.82 18.06
N GLY G 57 -8.36 -18.04 17.57
CA GLY G 57 -7.22 -18.94 17.53
C GLY G 57 -7.32 -20.09 16.54
N PHE G 58 -6.74 -21.23 16.94
CA PHE G 58 -6.76 -22.46 16.08
C PHE G 58 -6.68 -23.75 16.86
N ILE G 59 -7.05 -24.86 16.21
CA ILE G 59 -7.00 -26.15 16.85
C ILE G 59 -5.63 -26.79 16.61
N PRO G 60 -4.86 -26.98 17.68
CA PRO G 60 -3.57 -27.61 17.44
C PRO G 60 -3.75 -29.04 16.97
N ASP G 61 -2.79 -29.49 16.19
CA ASP G 61 -2.72 -30.89 15.80
C ASP G 61 -3.72 -31.18 14.69
N THR G 62 -4.03 -30.13 13.93
CA THR G 62 -4.96 -30.18 12.80
C THR G 62 -4.42 -29.40 11.63
N LEU G 63 -5.02 -29.66 10.49
CA LEU G 63 -4.50 -29.21 9.22
C LEU G 63 -5.63 -29.03 8.22
N SER G 64 -5.80 -27.80 7.75
CA SER G 64 -6.83 -27.47 6.79
C SER G 64 -6.28 -27.64 5.40
N ASN G 65 -7.15 -27.38 4.43
CA ASN G 65 -6.76 -27.56 3.03
C ASN G 65 -5.67 -26.61 2.57
N ASP G 66 -5.41 -25.60 3.39
CA ASP G 66 -4.42 -24.56 3.05
C ASP G 66 -3.15 -24.86 3.80
N GLY G 67 -3.13 -26.02 4.43
CA GLY G 67 -1.98 -26.45 5.21
C GLY G 67 -1.88 -25.77 6.57
N ASP G 68 -2.75 -24.81 6.80
CA ASP G 68 -2.75 -24.14 8.09
C ASP G 68 -3.71 -24.86 9.01
N PRO G 69 -3.50 -24.75 10.31
CA PRO G 69 -4.46 -25.41 11.18
C PRO G 69 -5.86 -24.83 11.05
N VAL G 70 -6.77 -25.57 11.64
CA VAL G 70 -8.16 -25.20 11.63
C VAL G 70 -8.33 -24.08 12.61
N ASP G 71 -8.88 -22.97 12.13
CA ASP G 71 -9.05 -21.80 12.97
C ASP G 71 -10.49 -21.63 13.46
N VAL G 72 -10.58 -20.94 14.59
CA VAL G 72 -11.79 -20.87 15.41
C VAL G 72 -12.02 -19.45 15.99
N LEU G 73 -13.28 -19.04 16.02
CA LEU G 73 -13.77 -17.89 16.81
C LEU G 73 -14.44 -18.43 18.06
N VAL G 74 -13.82 -18.15 19.20
CA VAL G 74 -14.34 -18.61 20.46
C VAL G 74 -15.08 -17.51 21.12
N VAL G 75 -16.39 -17.68 21.15
CA VAL G 75 -17.28 -16.74 21.81
C VAL G 75 -17.20 -17.05 23.29
N ALA G 76 -16.94 -16.00 24.05
CA ALA G 76 -16.76 -16.05 25.49
C ALA G 76 -17.09 -14.71 26.08
N HIS G 77 -17.38 -14.75 27.36
CA HIS G 77 -17.73 -13.57 28.12
C HIS G 77 -16.55 -12.61 28.34
N HIS G 78 -15.33 -13.14 28.26
CA HIS G 78 -14.12 -12.38 28.62
C HIS G 78 -12.93 -12.70 27.73
N PRO G 79 -12.03 -11.71 27.54
CA PRO G 79 -10.83 -12.04 26.79
C PRO G 79 -9.89 -12.90 27.63
N VAL G 80 -8.88 -13.43 26.98
CA VAL G 80 -7.99 -14.46 27.54
C VAL G 80 -6.58 -14.07 27.05
N VAL G 81 -5.52 -14.44 27.75
CA VAL G 81 -4.19 -14.10 27.24
C VAL G 81 -3.81 -14.92 26.02
N PRO G 82 -3.09 -14.32 25.08
CA PRO G 82 -2.60 -15.04 23.94
C PRO G 82 -1.77 -16.24 24.35
N GLY G 83 -1.82 -17.28 23.55
CA GLY G 83 -1.06 -18.44 23.85
C GLY G 83 -1.72 -19.34 24.87
N SER G 84 -2.76 -18.83 25.52
CA SER G 84 -3.60 -19.68 26.40
C SER G 84 -4.68 -20.53 25.67
N VAL G 85 -5.09 -21.62 26.33
CA VAL G 85 -5.87 -22.65 25.66
C VAL G 85 -7.21 -22.77 26.26
N ILE G 86 -8.21 -22.77 25.40
CA ILE G 86 -9.54 -22.96 25.88
C ILE G 86 -10.26 -24.11 25.25
N LYS G 87 -10.84 -24.90 26.15
CA LYS G 87 -11.68 -26.05 25.76
C LYS G 87 -13.08 -25.62 25.43
N CYS G 88 -13.45 -25.95 24.21
CA CYS G 88 -14.66 -25.50 23.62
C CYS G 88 -15.42 -26.63 23.01
N ARG G 89 -16.62 -26.29 22.57
CA ARG G 89 -17.40 -27.09 21.63
C ARG G 89 -17.85 -26.20 20.48
N ALA G 90 -17.69 -26.76 19.28
CA ALA G 90 -18.03 -26.13 18.00
C ALA G 90 -19.50 -26.07 17.87
N ILE G 91 -20.01 -25.00 17.30
CA ILE G 91 -21.46 -24.85 17.16
C ILE G 91 -21.81 -24.46 15.74
N GLY G 92 -20.83 -24.19 14.95
CA GLY G 92 -21.09 -23.67 13.64
C GLY G 92 -19.80 -23.22 12.99
N VAL G 93 -19.96 -22.48 11.91
CA VAL G 93 -18.88 -22.09 11.05
C VAL G 93 -19.23 -20.80 10.23
N LEU G 94 -18.22 -19.97 10.11
CA LEU G 94 -18.40 -18.72 9.42
C LEU G 94 -17.79 -18.93 8.08
N MET G 95 -18.59 -18.78 7.05
CA MET G 95 -18.13 -19.02 5.69
C MET G 95 -17.81 -17.73 4.95
N MET G 96 -16.58 -17.67 4.52
CA MET G 96 -16.05 -16.46 3.95
C MET G 96 -15.23 -16.76 2.75
N GLU G 97 -15.11 -15.75 1.90
CA GLU G 97 -14.04 -15.71 0.91
C GLU G 97 -13.29 -14.39 0.91
N ASP G 98 -11.97 -14.51 0.90
CA ASP G 98 -11.06 -13.38 0.76
C ASP G 98 -10.27 -13.52 -0.52
N GLU G 99 -9.19 -12.75 -0.58
CA GLU G 99 -8.41 -12.51 -1.81
C GLU G 99 -7.71 -13.79 -2.23
N SER G 100 -7.67 -14.73 -1.31
CA SER G 100 -6.88 -15.93 -1.50
C SER G 100 -7.77 -17.14 -1.73
N GLY G 101 -9.05 -16.90 -2.01
CA GLY G 101 -10.03 -17.98 -2.10
C GLY G 101 -10.87 -18.16 -0.85
N LEU G 102 -11.22 -19.43 -0.58
CA LEU G 102 -12.17 -19.78 0.52
C LEU G 102 -11.61 -19.75 1.93
N ASP G 103 -12.41 -19.29 2.86
CA ASP G 103 -12.02 -19.29 4.25
C ASP G 103 -13.21 -19.56 5.12
N GLU G 104 -13.06 -20.52 6.00
CA GLU G 104 -14.11 -20.84 6.90
C GLU G 104 -13.53 -20.84 8.32
N LYS G 105 -14.24 -20.24 9.28
CA LYS G 105 -13.82 -20.35 10.68
C LYS G 105 -14.86 -21.11 11.51
N ILE G 106 -14.42 -22.03 12.34
CA ILE G 106 -15.31 -22.66 13.29
C ILE G 106 -15.74 -21.60 14.31
N ILE G 107 -17.00 -21.64 14.73
CA ILE G 107 -17.50 -20.89 15.83
C ILE G 107 -17.72 -21.84 17.00
N ALA G 108 -17.23 -21.45 18.18
CA ALA G 108 -17.17 -22.36 19.33
C ALA G 108 -17.47 -21.60 20.64
N VAL G 109 -17.93 -22.33 21.65
CA VAL G 109 -18.17 -21.71 22.95
C VAL G 109 -17.45 -22.58 23.97
N PRO G 110 -17.00 -21.99 25.07
CA PRO G 110 -16.41 -22.76 26.17
C PRO G 110 -17.27 -23.95 26.62
N THR G 111 -16.62 -25.03 26.99
CA THR G 111 -17.34 -26.17 27.58
C THR G 111 -17.96 -25.70 28.85
N SER G 112 -18.98 -26.42 29.31
CA SER G 112 -19.74 -26.03 30.46
C SER G 112 -18.91 -26.24 31.73
N LYS G 113 -17.99 -27.15 31.67
CA LYS G 113 -17.01 -27.15 32.69
C LYS G 113 -16.41 -25.73 32.91
N LEU G 114 -16.05 -25.05 31.84
CA LEU G 114 -15.32 -23.80 31.99
C LEU G 114 -16.28 -22.68 32.23
N ASP G 115 -17.50 -22.82 31.72
CA ASP G 115 -18.49 -21.79 31.88
C ASP G 115 -19.88 -22.23 31.54
N ILE G 116 -20.56 -22.64 32.60
CA ILE G 116 -21.88 -23.21 32.54
C ILE G 116 -22.88 -22.31 31.88
N THR G 117 -22.59 -21.01 31.81
CA THR G 117 -23.58 -20.12 31.25
C THR G 117 -23.64 -20.37 29.74
N PHE G 118 -22.76 -21.22 29.25
CA PHE G 118 -22.79 -21.49 27.81
C PHE G 118 -23.63 -22.78 27.50
N ASP G 119 -24.08 -23.43 28.56
CA ASP G 119 -24.57 -24.81 28.44
C ASP G 119 -25.73 -24.95 27.44
N HIS G 120 -26.61 -23.96 27.47
CA HIS G 120 -27.83 -23.91 26.64
C HIS G 120 -27.60 -23.40 25.22
N ILE G 121 -26.33 -23.13 24.83
CA ILE G 121 -26.03 -22.61 23.48
C ILE G 121 -25.50 -23.76 22.64
N LYS G 122 -26.33 -24.26 21.73
CA LYS G 122 -26.02 -25.50 21.00
C LYS G 122 -25.77 -25.27 19.51
N GLU G 123 -26.45 -24.25 18.97
CA GLU G 123 -26.34 -23.83 17.57
CA GLU G 123 -26.27 -23.83 17.57
C GLU G 123 -26.17 -22.32 17.47
N LEU G 124 -25.84 -21.92 16.26
CA LEU G 124 -25.58 -20.55 15.93
C LEU G 124 -26.79 -19.70 16.28
N ASP G 125 -27.98 -20.27 16.19
CA ASP G 125 -29.18 -19.46 16.32
C ASP G 125 -29.43 -19.17 17.76
N ASP G 126 -28.61 -19.78 18.59
CA ASP G 126 -28.67 -19.52 20.04
C ASP G 126 -27.82 -18.28 20.39
N LEU G 127 -26.98 -17.87 19.48
CA LEU G 127 -26.12 -16.68 19.71
C LEU G 127 -26.91 -15.43 19.51
N CYS G 128 -26.53 -14.41 20.24
CA CYS G 128 -26.97 -13.04 19.98
C CYS G 128 -26.85 -12.70 18.50
N GLU G 129 -27.94 -12.20 17.99
CA GLU G 129 -28.02 -11.75 16.61
C GLU G 129 -27.11 -10.55 16.36
N MET G 130 -27.15 -9.57 17.25
CA MET G 130 -26.25 -8.43 17.05
C MET G 130 -24.79 -8.90 17.02
N LEU G 131 -24.46 -9.79 17.94
CA LEU G 131 -23.10 -10.30 17.98
C LEU G 131 -22.71 -10.98 16.65
N LYS G 132 -23.60 -11.80 16.13
CA LYS G 132 -23.27 -12.43 14.85
C LYS G 132 -23.05 -11.36 13.80
N LYS G 133 -23.91 -10.34 13.77
CA LYS G 133 -23.71 -9.16 12.85
C LYS G 133 -22.38 -8.37 13.03
N ARG G 134 -22.05 -8.15 14.29
CA ARG G 134 -20.75 -7.65 14.74
C ARG G 134 -19.58 -8.43 14.22
N ILE G 135 -19.67 -9.76 14.27
CA ILE G 135 -18.56 -10.57 13.77
C ILE G 135 -18.39 -10.42 12.22
N VAL G 136 -19.51 -10.50 11.53
CA VAL G 136 -19.54 -10.37 10.08
C VAL G 136 -18.97 -9.00 9.68
N HIS G 137 -19.43 -7.95 10.40
CA HIS G 137 -19.08 -6.56 10.05
C HIS G 137 -17.58 -6.43 10.22
N PHE G 138 -17.04 -6.99 11.32
CA PHE G 138 -15.58 -7.03 11.53
C PHE G 138 -14.80 -7.74 10.38
N PHE G 139 -15.21 -8.95 10.03
CA PHE G 139 -14.43 -9.63 9.02
C PHE G 139 -14.49 -8.85 7.71
N GLU G 140 -15.65 -8.30 7.42
CA GLU G 140 -15.82 -7.57 6.17
C GLU G 140 -14.99 -6.26 6.01
N HIS G 141 -14.55 -5.67 7.14
CA HIS G 141 -13.94 -4.34 7.13
C HIS G 141 -12.55 -4.18 7.76
N TYR G 142 -12.13 -5.15 8.54
CA TYR G 142 -10.91 -5.01 9.33
C TYR G 142 -9.63 -4.92 8.53
N LYS G 143 -9.71 -5.32 7.26
CA LYS G 143 -8.58 -5.28 6.36
C LYS G 143 -8.76 -4.17 5.35
N ASP G 144 -9.77 -3.33 5.56
CA ASP G 144 -10.13 -2.29 4.55
C ASP G 144 -8.98 -1.30 4.29
N LEU G 145 -8.06 -1.19 5.24
CA LEU G 145 -6.96 -0.22 5.11
C LEU G 145 -5.71 -0.98 4.82
N GLU G 146 -5.89 -2.25 4.49
CA GLU G 146 -4.81 -3.07 4.00
C GLU G 146 -4.94 -3.30 2.53
N LYS G 147 -3.86 -2.92 1.90
CA LYS G 147 -3.71 -2.96 0.47
C LYS G 147 -3.53 -4.38 -0.04
N GLY G 148 -4.45 -4.80 -0.89
CA GLY G 148 -4.39 -6.12 -1.51
C GLY G 148 -5.10 -7.15 -0.65
N LYS G 149 -6.09 -6.69 0.10
CA LYS G 149 -6.78 -7.53 1.08
C LYS G 149 -8.26 -7.20 1.30
N TRP G 150 -9.06 -8.26 1.33
CA TRP G 150 -10.53 -8.12 1.48
C TRP G 150 -11.16 -9.48 1.83
N VAL G 151 -12.44 -9.41 2.18
CA VAL G 151 -13.20 -10.50 2.74
C VAL G 151 -14.67 -10.27 2.54
N LYS G 152 -15.38 -11.35 2.18
CA LYS G 152 -16.84 -11.35 2.03
C LYS G 152 -17.42 -12.56 2.70
N VAL G 153 -18.31 -12.37 3.66
CA VAL G 153 -19.00 -13.50 4.26
C VAL G 153 -20.11 -13.99 3.30
N THR G 154 -20.15 -15.29 3.09
CA THR G 154 -21.14 -15.89 2.19
C THR G 154 -22.13 -16.67 3.01
N GLY G 155 -21.79 -16.97 4.25
CA GLY G 155 -22.75 -17.56 5.17
C GLY G 155 -22.23 -18.33 6.37
N TRP G 156 -23.16 -19.05 6.98
CA TRP G 156 -22.86 -19.86 8.14
C TRP G 156 -23.09 -21.33 7.85
N GLY G 157 -22.22 -22.16 8.43
CA GLY G 157 -22.47 -23.59 8.56
C GLY G 157 -22.88 -24.04 9.98
N ASP G 158 -23.59 -25.15 10.01
CA ASP G 158 -24.10 -25.62 11.25
C ASP G 158 -23.13 -26.51 11.97
N LYS G 159 -23.60 -27.09 13.07
CA LYS G 159 -22.69 -27.80 13.96
C LYS G 159 -22.08 -29.01 13.27
N VAL G 160 -22.95 -29.77 12.58
CA VAL G 160 -22.51 -30.96 11.85
C VAL G 160 -21.47 -30.57 10.87
N LYS G 161 -21.75 -29.48 10.18
CA LYS G 161 -20.74 -28.96 9.28
C LYS G 161 -19.43 -28.63 9.99
N ALA G 162 -19.50 -28.08 11.20
CA ALA G 162 -18.26 -27.75 11.92
C ALA G 162 -17.52 -29.03 12.32
N GLU G 163 -18.28 -29.99 12.83
CA GLU G 163 -17.67 -31.22 13.29
C GLU G 163 -17.01 -31.94 12.16
N THR G 164 -17.55 -31.82 10.96
CA THR G 164 -16.91 -32.52 9.82
C THR G 164 -15.61 -31.82 9.40
N LEU G 165 -15.54 -30.50 9.58
CA LEU G 165 -14.30 -29.75 9.29
C LEU G 165 -13.22 -30.05 10.31
N ILE G 166 -13.65 -30.24 11.54
CA ILE G 166 -12.73 -30.61 12.59
C ILE G 166 -12.26 -32.04 12.36
N LYS G 167 -13.18 -32.92 12.05
CA LYS G 167 -12.77 -34.31 11.78
C LYS G 167 -11.85 -34.37 10.55
N GLU G 168 -12.17 -33.66 9.49
CA GLU G 168 -11.25 -33.71 8.37
C GLU G 168 -9.89 -33.20 8.73
N GLY G 169 -9.88 -32.13 9.52
CA GLY G 169 -8.64 -31.36 9.71
C GLY G 169 -7.72 -32.20 10.55
N ILE G 170 -8.32 -32.97 11.46
CA ILE G 170 -7.57 -33.98 12.20
C ILE G 170 -7.04 -35.06 11.25
N ASP G 171 -7.91 -35.57 10.39
CA ASP G 171 -7.54 -36.71 9.52
C ASP G 171 -6.42 -36.31 8.61
N ARG G 172 -6.33 -35.00 8.41
CA ARG G 172 -5.33 -34.43 7.51
C ARG G 172 -4.06 -34.19 8.29
N PHE H 3 9.93 -25.24 29.67
CA PHE H 3 10.62 -24.36 30.65
C PHE H 3 10.32 -24.81 32.08
N ILE H 4 9.19 -25.49 32.28
CA ILE H 4 8.82 -25.95 33.62
C ILE H 4 9.86 -27.02 34.00
N LYS H 5 10.54 -27.54 33.00
CA LYS H 5 11.51 -28.62 33.23
C LYS H 5 12.96 -28.15 33.17
N LYS H 6 13.15 -26.88 32.85
CA LYS H 6 14.49 -26.30 32.75
C LYS H 6 14.71 -25.32 33.90
N ILE H 7 13.80 -25.39 34.87
CA ILE H 7 13.81 -24.52 36.04
C ILE H 7 13.82 -25.27 37.33
N LYS H 8 14.78 -24.91 38.18
CA LYS H 8 14.93 -25.56 39.48
C LYS H 8 13.90 -25.01 40.45
N ALA H 9 13.57 -25.85 41.42
CA ALA H 9 12.66 -25.49 42.48
C ALA H 9 13.24 -24.34 43.32
N LYS H 10 14.57 -24.32 43.40
CA LYS H 10 15.27 -23.36 44.27
C LYS H 10 16.30 -22.48 43.57
N ALA H 11 16.18 -21.20 43.88
CA ALA H 11 16.98 -20.17 43.26
C ALA H 11 18.25 -20.10 44.08
N ASN H 12 18.15 -20.70 45.26
CA ASN H 12 19.28 -21.06 46.11
C ASN H 12 18.79 -21.54 47.47
N ASN H 13 19.71 -21.51 48.42
CA ASN H 13 19.49 -22.11 49.73
C ASN H 13 18.28 -21.49 50.41
N ASN H 14 17.94 -20.29 49.98
CA ASN H 14 16.88 -19.57 50.66
C ASN H 14 15.65 -19.35 49.78
N GLU H 15 15.87 -19.38 48.48
CA GLU H 15 14.90 -18.84 47.55
C GLU H 15 14.38 -19.84 46.56
N ILE H 16 13.10 -19.66 46.29
CA ILE H 16 12.31 -20.50 45.38
C ILE H 16 11.87 -19.79 44.10
N ASN H 17 12.05 -20.49 42.99
CA ASN H 17 11.50 -20.08 41.71
C ASN H 17 10.04 -20.45 41.70
N VAL H 18 9.19 -19.45 41.44
CA VAL H 18 7.74 -19.62 41.39
C VAL H 18 7.16 -19.17 40.05
N ILE H 19 6.62 -20.17 39.32
CA ILE H 19 5.87 -19.94 38.05
C ILE H 19 4.45 -19.49 38.37
N ILE H 20 4.11 -18.30 37.86
CA ILE H 20 2.81 -17.68 38.05
C ILE H 20 1.78 -18.18 37.02
N GLU H 21 0.61 -18.54 37.53
CA GLU H 21 -0.49 -18.96 36.69
C GLU H 21 -1.56 -17.87 36.59
N ILE H 22 -1.93 -17.32 37.73
CA ILE H 22 -2.91 -16.24 37.84
C ILE H 22 -2.33 -14.95 38.51
N PRO H 23 -2.40 -13.76 37.86
CA PRO H 23 -2.05 -12.50 38.52
C PRO H 23 -3.05 -11.95 39.54
N MET H 24 -2.51 -11.22 40.50
CA MET H 24 -3.37 -10.57 41.48
C MET H 24 -4.29 -9.61 40.75
N ASN H 25 -5.50 -9.53 41.25
CA ASN H 25 -6.50 -8.58 40.84
C ASN H 25 -6.86 -8.65 39.39
N SER H 26 -6.90 -9.86 38.85
CA SER H 26 -6.85 -10.04 37.40
C SER H 26 -8.15 -10.37 36.68
N GLY H 27 -9.25 -10.52 37.36
CA GLY H 27 -10.46 -10.78 36.64
C GLY H 27 -10.87 -12.20 36.78
N PRO H 28 -11.71 -12.69 35.84
CA PRO H 28 -12.29 -13.96 36.13
C PRO H 28 -11.56 -15.14 35.55
N ILE H 29 -10.47 -14.92 34.83
CA ILE H 29 -9.83 -16.10 34.26
C ILE H 29 -8.90 -16.87 35.20
N LYS H 30 -9.27 -18.11 35.47
CA LYS H 30 -8.44 -18.98 36.30
C LYS H 30 -7.62 -19.89 35.42
N TYR H 31 -6.35 -19.50 35.28
CA TYR H 31 -5.36 -20.26 34.54
C TYR H 31 -4.65 -21.27 35.38
N GLU H 32 -4.12 -22.25 34.66
CA GLU H 32 -3.44 -23.43 35.19
C GLU H 32 -2.49 -23.98 34.13
N PHE H 33 -1.20 -24.06 34.45
CA PHE H 33 -0.25 -24.73 33.57
C PHE H 33 -0.50 -26.27 33.50
N ASP H 34 -0.37 -26.78 32.31
CA ASP H 34 -0.38 -28.22 32.16
C ASP H 34 1.07 -28.59 32.14
N LYS H 35 1.53 -29.24 33.19
CA LYS H 35 2.95 -29.60 33.27
C LYS H 35 3.33 -30.73 32.30
N GLU H 36 2.38 -31.53 31.83
CA GLU H 36 2.73 -32.44 30.75
C GLU H 36 3.34 -31.52 29.68
N SER H 37 2.50 -30.70 29.08
CA SER H 37 2.88 -30.03 27.83
C SER H 37 3.36 -28.62 28.01
N GLY H 38 3.28 -28.12 29.22
CA GLY H 38 3.78 -26.77 29.52
C GLY H 38 2.93 -25.70 28.87
N ALA H 39 1.78 -26.14 28.39
CA ALA H 39 0.70 -25.26 27.89
C ALA H 39 -0.14 -24.63 29.01
N LEU H 40 -0.50 -23.37 28.78
CA LEU H 40 -1.31 -22.63 29.70
C LEU H 40 -2.79 -22.76 29.35
N PHE H 41 -3.51 -23.39 30.25
CA PHE H 41 -4.94 -23.62 30.05
C PHE H 41 -5.77 -22.75 30.89
N VAL H 42 -6.94 -22.40 30.34
CA VAL H 42 -8.03 -21.83 31.10
C VAL H 42 -8.80 -22.90 31.81
N ASP H 43 -8.81 -22.77 33.13
CA ASP H 43 -9.34 -23.79 33.95
C ASP H 43 -10.81 -23.52 34.09
N ARG H 44 -11.14 -22.25 34.24
CA ARG H 44 -12.49 -21.84 34.11
C ARG H 44 -12.60 -20.34 34.15
N PHE H 45 -13.77 -19.87 33.73
CA PHE H 45 -14.19 -18.50 33.85
C PHE H 45 -14.92 -18.44 35.19
N MET H 46 -14.32 -17.77 36.18
CA MET H 46 -14.85 -17.84 37.54
C MET H 46 -16.09 -17.02 37.57
N GLN H 47 -17.09 -17.42 38.36
CA GLN H 47 -18.44 -16.83 38.27
C GLN H 47 -18.76 -15.74 39.33
N THR H 48 -17.95 -15.63 40.36
CA THR H 48 -18.23 -14.56 41.35
C THR H 48 -17.54 -13.29 40.90
N THR H 49 -17.73 -12.22 41.66
CA THR H 49 -17.09 -10.94 41.33
C THR H 49 -15.67 -10.83 41.93
N MET H 50 -15.17 -11.94 42.48
CA MET H 50 -13.84 -11.97 43.13
C MET H 50 -12.65 -12.22 42.25
N SER H 51 -11.56 -11.47 42.48
CA SER H 51 -10.26 -11.83 41.93
C SER H 51 -9.17 -12.28 42.90
N TYR H 52 -8.18 -12.98 42.36
CA TYR H 52 -7.06 -13.41 43.19
C TYR H 52 -6.44 -12.22 43.93
N PRO H 53 -6.24 -12.34 45.26
CA PRO H 53 -5.64 -11.26 46.08
C PRO H 53 -4.12 -11.16 45.98
N CYS H 54 -3.52 -12.15 45.34
CA CYS H 54 -2.08 -12.19 45.15
C CYS H 54 -1.81 -12.86 43.84
N ASN H 55 -0.58 -12.73 43.43
CA ASN H 55 -0.09 -13.54 42.32
C ASN H 55 -0.07 -15.04 42.80
N TYR H 56 -0.60 -15.90 41.95
CA TYR H 56 -0.75 -17.33 42.25
C TYR H 56 -0.06 -18.23 41.26
N GLY H 57 0.61 -19.25 41.78
CA GLY H 57 1.33 -20.19 40.92
C GLY H 57 1.95 -21.30 41.71
N PHE H 58 3.07 -21.82 41.26
CA PHE H 58 3.59 -23.07 41.83
C PHE H 58 5.06 -23.15 41.68
N ILE H 59 5.68 -23.99 42.51
CA ILE H 59 7.13 -24.30 42.32
C ILE H 59 7.35 -25.48 41.36
N PRO H 60 8.14 -25.23 40.31
CA PRO H 60 8.55 -26.29 39.42
C PRO H 60 9.47 -27.31 40.09
N ASP H 61 9.38 -28.53 39.58
CA ASP H 61 10.15 -29.65 40.10
C ASP H 61 9.75 -29.92 41.49
N THR H 62 8.48 -29.76 41.76
CA THR H 62 7.94 -30.24 43.03
C THR H 62 6.78 -31.16 42.79
N LEU H 63 6.43 -31.86 43.87
CA LEU H 63 5.26 -32.74 43.91
C LEU H 63 4.71 -32.73 45.30
N SER H 64 3.43 -32.48 45.42
CA SER H 64 2.81 -32.53 46.70
C SER H 64 2.25 -33.93 46.85
N ASN H 65 1.58 -34.18 47.94
CA ASN H 65 1.01 -35.49 48.12
C ASN H 65 0.09 -35.76 46.98
N ASP H 66 -0.81 -34.81 46.76
CA ASP H 66 -1.87 -34.90 45.75
C ASP H 66 -1.38 -34.91 44.28
N GLY H 67 -0.11 -35.24 44.10
CA GLY H 67 0.47 -35.41 42.76
C GLY H 67 0.76 -34.14 41.99
N ASP H 68 0.18 -33.03 42.45
CA ASP H 68 0.49 -31.70 41.85
C ASP H 68 1.79 -31.06 42.40
N PRO H 69 2.30 -30.00 41.73
CA PRO H 69 3.36 -29.20 42.31
C PRO H 69 2.94 -28.48 43.57
N VAL H 70 3.91 -27.97 44.29
CA VAL H 70 3.64 -27.13 45.45
C VAL H 70 3.22 -25.73 45.02
N ASP H 71 2.11 -25.35 45.59
CA ASP H 71 1.43 -24.08 45.37
C ASP H 71 1.96 -22.93 46.22
N VAL H 72 2.03 -21.76 45.59
CA VAL H 72 2.38 -20.47 46.27
C VAL H 72 1.49 -19.25 45.91
N LEU H 73 1.02 -18.60 46.97
CA LEU H 73 0.52 -17.21 46.87
C LEU H 73 1.67 -16.27 47.03
N VAL H 74 2.08 -15.61 45.93
CA VAL H 74 3.16 -14.61 46.01
C VAL H 74 2.55 -13.22 46.28
N VAL H 75 2.66 -12.80 47.54
CA VAL H 75 2.29 -11.44 47.93
C VAL H 75 3.25 -10.48 47.34
N ALA H 76 2.72 -9.52 46.58
CA ALA H 76 3.59 -8.59 45.87
C ALA H 76 2.83 -7.28 45.64
N HIS H 77 3.50 -6.23 45.14
CA HIS H 77 2.79 -4.93 45.03
C HIS H 77 2.05 -4.77 43.71
N HIS H 78 2.38 -5.64 42.76
CA HIS H 78 1.87 -5.59 41.38
C HIS H 78 1.70 -6.97 40.73
N PRO H 79 0.89 -7.02 39.66
CA PRO H 79 0.68 -8.26 38.95
C PRO H 79 1.80 -8.53 37.99
N VAL H 80 1.97 -9.81 37.71
CA VAL H 80 2.91 -10.17 36.72
C VAL H 80 2.12 -10.96 35.69
N VAL H 81 2.73 -11.06 34.54
CA VAL H 81 2.17 -11.79 33.39
C VAL H 81 2.11 -13.29 33.65
N PRO H 82 0.96 -13.92 33.34
CA PRO H 82 0.91 -15.38 33.54
C PRO H 82 1.97 -16.09 32.78
N GLY H 83 2.64 -17.01 33.41
CA GLY H 83 3.70 -17.68 32.70
C GLY H 83 5.04 -17.16 33.11
N SER H 84 5.04 -16.06 33.86
CA SER H 84 6.30 -15.46 34.33
C SER H 84 6.76 -16.05 35.67
N VAL H 85 8.06 -15.98 35.91
CA VAL H 85 8.71 -16.53 37.12
C VAL H 85 9.16 -15.46 38.15
N ILE H 86 8.63 -15.56 39.36
CA ILE H 86 9.12 -14.75 40.49
C ILE H 86 10.07 -15.54 41.39
N LYS H 87 11.25 -15.00 41.63
CA LYS H 87 12.13 -15.51 42.68
C LYS H 87 11.71 -14.91 43.99
N CYS H 88 11.27 -15.77 44.92
CA CYS H 88 10.84 -15.31 46.23
C CYS H 88 11.46 -16.10 47.35
N ARG H 89 10.83 -15.93 48.50
CA ARG H 89 11.19 -16.67 49.71
C ARG H 89 9.92 -16.84 50.54
N ALA H 90 9.83 -18.01 51.16
CA ALA H 90 8.62 -18.38 51.92
C ALA H 90 8.72 -17.77 53.26
N ILE H 91 7.56 -17.41 53.78
CA ILE H 91 7.45 -16.82 55.08
C ILE H 91 6.30 -17.54 55.77
N GLY H 92 5.63 -18.39 55.03
CA GLY H 92 4.48 -19.08 55.60
C GLY H 92 3.80 -20.02 54.64
N VAL H 93 2.71 -20.56 55.20
CA VAL H 93 1.76 -21.45 54.53
C VAL H 93 0.35 -21.20 55.03
N LEU H 94 -0.60 -21.21 54.09
CA LEU H 94 -2.03 -21.12 54.38
C LEU H 94 -2.64 -22.51 54.29
N MET H 95 -3.39 -22.89 55.31
CA MET H 95 -3.94 -24.25 55.40
C MET H 95 -5.43 -24.29 55.37
N MET H 96 -5.90 -25.18 54.49
CA MET H 96 -7.32 -25.34 54.26
C MET H 96 -7.70 -26.75 53.78
N GLU H 97 -9.01 -26.90 53.64
CA GLU H 97 -9.66 -28.11 53.16
C GLU H 97 -10.82 -27.74 52.27
N ASP H 98 -10.94 -28.52 51.21
CA ASP H 98 -12.09 -28.41 50.32
C ASP H 98 -12.69 -29.80 50.20
N GLU H 99 -13.41 -30.01 49.10
CA GLU H 99 -14.09 -31.27 48.85
C GLU H 99 -13.11 -32.36 48.51
N SER H 100 -12.09 -32.04 47.75
CA SER H 100 -11.12 -33.08 47.40
C SER H 100 -10.20 -33.46 48.58
N GLY H 101 -10.39 -32.85 49.76
CA GLY H 101 -9.49 -33.11 50.90
C GLY H 101 -8.74 -31.91 51.47
N LEU H 102 -7.43 -32.07 51.64
CA LEU H 102 -6.62 -31.09 52.35
C LEU H 102 -5.81 -30.29 51.37
N ASP H 103 -5.65 -29.00 51.66
CA ASP H 103 -4.90 -28.10 50.75
C ASP H 103 -4.09 -27.10 51.51
N GLU H 104 -2.81 -27.10 51.20
CA GLU H 104 -1.93 -26.13 51.80
C GLU H 104 -1.22 -25.35 50.72
N LYS H 105 -1.15 -24.04 50.93
CA LYS H 105 -0.46 -23.18 49.99
C LYS H 105 0.61 -22.34 50.67
N ILE H 106 1.77 -22.35 50.06
CA ILE H 106 2.87 -21.55 50.55
C ILE H 106 2.63 -20.05 50.33
N ILE H 107 2.94 -19.29 51.36
CA ILE H 107 2.95 -17.83 51.28
C ILE H 107 4.35 -17.29 51.19
N ALA H 108 4.55 -16.47 50.18
CA ALA H 108 5.87 -16.02 49.86
C ALA H 108 5.85 -14.59 49.35
N VAL H 109 7.03 -13.97 49.47
CA VAL H 109 7.25 -12.59 48.98
C VAL H 109 8.50 -12.53 48.10
N PRO H 110 8.59 -11.55 47.20
CA PRO H 110 9.79 -11.48 46.36
C PRO H 110 11.07 -11.27 47.14
N THR H 111 12.19 -11.55 46.52
CA THR H 111 13.46 -11.36 47.16
C THR H 111 13.85 -9.87 47.05
N SER H 112 14.69 -9.46 47.97
CA SER H 112 15.04 -8.06 48.12
C SER H 112 15.75 -7.59 46.90
N LYS H 113 16.25 -8.54 46.14
CA LYS H 113 16.77 -8.21 44.83
C LYS H 113 15.66 -7.80 43.86
N LEU H 114 14.48 -8.42 43.98
CA LEU H 114 13.37 -8.10 43.09
C LEU H 114 12.62 -6.90 43.65
N ASP H 115 12.35 -6.94 44.96
CA ASP H 115 11.68 -5.84 45.65
C ASP H 115 12.20 -5.62 47.07
N ILE H 116 13.02 -4.57 47.23
CA ILE H 116 13.72 -4.35 48.51
C ILE H 116 12.72 -3.96 49.56
N THR H 117 11.55 -3.54 49.15
CA THR H 117 10.50 -3.13 50.09
C THR H 117 9.83 -4.26 50.86
N PHE H 118 10.20 -5.51 50.59
CA PHE H 118 9.61 -6.66 51.34
C PHE H 118 10.64 -7.23 52.33
N ASP H 119 11.76 -6.55 52.43
CA ASP H 119 12.90 -7.09 53.14
C ASP H 119 12.61 -7.28 54.58
N HIS H 120 11.74 -6.43 55.10
CA HIS H 120 11.39 -6.51 56.51
C HIS H 120 10.31 -7.54 56.76
N ILE H 121 9.80 -8.15 55.70
CA ILE H 121 8.74 -9.15 55.87
C ILE H 121 9.36 -10.55 55.93
N LYS H 122 9.45 -11.05 57.17
CA LYS H 122 10.09 -12.33 57.48
C LYS H 122 9.13 -13.37 57.98
N GLU H 123 8.10 -12.93 58.69
CA GLU H 123 7.02 -13.83 59.12
C GLU H 123 5.67 -13.26 58.73
N LEU H 124 4.69 -14.16 58.76
CA LEU H 124 3.33 -13.81 58.41
C LEU H 124 2.87 -12.60 59.23
N ASP H 125 3.41 -12.45 60.41
CA ASP H 125 2.89 -11.40 61.34
C ASP H 125 3.23 -10.06 60.81
N ASP H 126 4.14 -10.04 59.85
CA ASP H 126 4.68 -8.79 59.23
C ASP H 126 3.81 -8.31 58.07
N LEU H 127 2.91 -9.20 57.64
CA LEU H 127 1.91 -8.88 56.60
C LEU H 127 0.74 -8.16 57.16
N CYS H 128 0.29 -7.21 56.36
CA CYS H 128 -0.92 -6.46 56.59
C CYS H 128 -1.99 -7.39 57.01
N GLU H 129 -2.63 -7.09 58.13
CA GLU H 129 -3.69 -7.93 58.66
C GLU H 129 -4.92 -7.97 57.78
N MET H 130 -5.31 -6.83 57.24
CA MET H 130 -6.42 -6.77 56.30
C MET H 130 -6.13 -7.66 55.08
N LEU H 131 -4.89 -7.66 54.64
CA LEU H 131 -4.54 -8.50 53.53
C LEU H 131 -4.78 -9.98 53.82
N LYS H 132 -4.54 -10.41 55.07
CA LYS H 132 -4.56 -11.84 55.40
C LYS H 132 -5.98 -12.37 55.39
N LYS H 133 -6.82 -11.51 55.91
CA LYS H 133 -8.24 -11.64 55.94
C LYS H 133 -8.83 -11.69 54.53
N ARG H 134 -8.32 -10.87 53.65
CA ARG H 134 -8.76 -10.83 52.25
C ARG H 134 -8.47 -12.17 51.59
N ILE H 135 -7.22 -12.59 51.77
CA ILE H 135 -6.78 -13.84 51.24
C ILE H 135 -7.66 -15.00 51.74
N VAL H 136 -8.09 -14.96 53.01
CA VAL H 136 -8.88 -16.02 53.61
C VAL H 136 -10.31 -15.93 53.06
N HIS H 137 -10.80 -14.70 52.97
CA HIS H 137 -12.14 -14.49 52.47
C HIS H 137 -12.29 -15.02 51.02
N PHE H 138 -11.23 -14.84 50.26
CA PHE H 138 -11.25 -15.15 48.86
C PHE H 138 -11.32 -16.65 48.73
N PHE H 139 -10.42 -17.32 49.43
CA PHE H 139 -10.43 -18.81 49.43
C PHE H 139 -11.74 -19.40 49.94
N GLU H 140 -12.28 -18.79 50.98
CA GLU H 140 -13.53 -19.31 51.51
C GLU H 140 -14.77 -19.12 50.62
N HIS H 141 -14.68 -18.31 49.57
CA HIS H 141 -15.93 -17.94 48.89
C HIS H 141 -15.95 -18.02 47.38
N TYR H 142 -14.79 -18.11 46.80
CA TYR H 142 -14.72 -17.86 45.37
C TYR H 142 -15.14 -19.08 44.57
N LYS H 143 -15.53 -20.15 45.28
CA LYS H 143 -16.06 -21.35 44.68
C LYS H 143 -17.51 -21.50 45.02
N ASP H 144 -18.05 -20.49 45.68
CA ASP H 144 -19.44 -20.48 46.14
C ASP H 144 -20.47 -20.69 45.04
N LEU H 145 -20.12 -20.45 43.79
CA LEU H 145 -21.12 -20.54 42.68
C LEU H 145 -20.86 -21.77 41.83
N GLU H 146 -19.98 -22.62 42.34
CA GLU H 146 -19.51 -23.85 41.66
C GLU H 146 -19.98 -25.08 42.41
N LYS H 147 -20.99 -25.80 41.94
CA LYS H 147 -21.65 -26.79 42.82
C LYS H 147 -20.79 -27.95 43.24
N GLY H 148 -20.95 -28.29 44.51
CA GLY H 148 -20.16 -29.36 45.16
C GLY H 148 -18.73 -28.91 45.39
N LYS H 149 -18.55 -27.59 45.46
CA LYS H 149 -17.21 -27.06 45.77
C LYS H 149 -17.26 -26.20 46.98
N TRP H 150 -16.26 -26.41 47.82
CA TRP H 150 -16.16 -25.66 49.05
C TRP H 150 -14.73 -25.70 49.59
N VAL H 151 -14.50 -24.87 50.61
CA VAL H 151 -13.17 -24.61 51.12
C VAL H 151 -13.30 -24.04 52.52
N LYS H 152 -12.70 -24.70 53.48
CA LYS H 152 -12.60 -24.10 54.80
C LYS H 152 -11.14 -24.01 55.11
N VAL H 153 -10.74 -22.84 55.59
CA VAL H 153 -9.36 -22.55 55.98
C VAL H 153 -9.13 -23.00 57.42
N THR H 154 -8.05 -23.75 57.59
CA THR H 154 -7.78 -24.47 58.82
C THR H 154 -6.97 -23.56 59.69
N GLY H 155 -6.14 -22.74 59.04
CA GLY H 155 -5.22 -21.81 59.73
C GLY H 155 -3.92 -21.55 58.99
N TRP H 156 -2.91 -21.12 59.73
CA TRP H 156 -1.63 -20.75 59.13
C TRP H 156 -0.48 -21.53 59.72
N GLY H 157 0.51 -21.80 58.87
CA GLY H 157 1.79 -22.32 59.28
C GLY H 157 2.91 -21.32 59.11
N ASP H 158 3.98 -21.54 59.87
CA ASP H 158 5.12 -20.61 59.95
C ASP H 158 6.14 -20.91 58.92
N LYS H 159 7.22 -20.16 58.98
CA LYS H 159 8.23 -20.17 57.90
C LYS H 159 8.91 -21.53 57.79
N VAL H 160 9.20 -22.14 58.94
CA VAL H 160 9.87 -23.47 58.98
C VAL H 160 8.92 -24.49 58.34
N LYS H 161 7.67 -24.48 58.78
CA LYS H 161 6.59 -25.27 58.19
C LYS H 161 6.68 -25.21 56.68
N ALA H 162 6.79 -23.99 56.16
CA ALA H 162 6.84 -23.74 54.71
C ALA H 162 7.98 -24.46 54.04
N GLU H 163 9.15 -24.32 54.67
CA GLU H 163 10.42 -24.79 54.07
C GLU H 163 10.47 -26.30 54.14
N THR H 164 9.69 -26.82 55.06
CA THR H 164 9.53 -28.24 55.24
C THR H 164 8.64 -28.77 54.11
N LEU H 165 7.64 -27.99 53.75
CA LEU H 165 6.75 -28.40 52.67
C LEU H 165 7.54 -28.38 51.38
N ILE H 166 8.44 -27.45 51.29
CA ILE H 166 9.12 -27.23 50.03
C ILE H 166 10.11 -28.37 49.78
N LYS H 167 10.73 -28.79 50.86
CA LYS H 167 11.77 -29.85 50.84
C LYS H 167 11.13 -31.17 50.50
N GLU H 168 10.06 -31.43 51.21
CA GLU H 168 9.24 -32.62 50.96
C GLU H 168 8.87 -32.75 49.49
N GLY H 169 8.25 -31.69 48.98
CA GLY H 169 7.83 -31.66 47.58
C GLY H 169 9.02 -31.75 46.66
N ILE H 170 10.15 -31.23 47.08
CA ILE H 170 11.34 -31.42 46.27
C ILE H 170 11.60 -32.92 46.27
N ASP H 171 11.66 -33.52 47.46
CA ASP H 171 12.08 -34.95 47.59
C ASP H 171 11.03 -35.91 47.00
N ARG H 172 9.76 -35.58 47.17
CA ARG H 172 8.68 -36.34 46.57
C ARG H 172 8.66 -36.11 45.07
N ASN I 14 17.90 -7.67 5.39
CA ASN I 14 18.19 -6.60 6.39
C ASN I 14 17.02 -6.33 7.37
N GLU I 15 16.48 -7.42 7.96
CA GLU I 15 15.36 -7.36 8.92
C GLU I 15 15.64 -8.30 10.05
N ILE I 16 15.28 -7.89 11.27
CA ILE I 16 15.59 -8.66 12.49
C ILE I 16 14.35 -9.02 13.30
N ASN I 17 14.42 -10.16 13.96
CA ASN I 17 13.40 -10.63 14.93
C ASN I 17 13.79 -10.24 16.32
N VAL I 18 12.85 -9.60 16.99
CA VAL I 18 13.08 -9.10 18.34
C VAL I 18 12.09 -9.69 19.29
N ILE I 19 12.56 -10.50 20.20
CA ILE I 19 11.73 -10.95 21.29
C ILE I 19 11.67 -9.87 22.37
N ILE I 20 10.44 -9.51 22.72
CA ILE I 20 10.08 -8.46 23.64
C ILE I 20 9.91 -8.98 25.06
N GLU I 21 10.59 -8.29 25.96
CA GLU I 21 10.56 -8.60 27.37
C GLU I 21 9.70 -7.57 28.12
N ILE I 22 9.72 -6.35 27.64
CA ILE I 22 9.09 -5.24 28.34
C ILE I 22 8.47 -4.35 27.33
N PRO I 23 7.14 -4.32 27.36
CA PRO I 23 6.31 -3.53 26.47
C PRO I 23 6.29 -2.08 26.84
N MET I 24 6.17 -1.22 25.85
CA MET I 24 6.04 0.23 26.11
C MET I 24 4.95 0.55 27.10
N ASN I 25 5.27 1.52 27.92
CA ASN I 25 4.34 2.09 28.86
C ASN I 25 3.69 1.07 29.77
N SER I 26 4.40 0.01 30.09
CA SER I 26 3.88 -0.99 31.05
C SER I 26 4.16 -0.64 32.52
N GLY I 27 3.58 -1.36 33.42
CA GLY I 27 3.77 -0.88 34.79
C GLY I 27 5.25 -0.84 35.15
N PRO I 28 5.58 -1.25 36.39
CA PRO I 28 6.89 -1.38 37.00
C PRO I 28 7.60 -2.70 36.78
N ILE I 29 7.03 -3.65 36.04
CA ILE I 29 7.69 -4.96 35.93
C ILE I 29 8.78 -5.01 34.87
N LYS I 30 9.99 -5.19 35.34
CA LYS I 30 11.14 -5.40 34.50
C LYS I 30 11.38 -6.92 34.35
N TYR I 31 10.97 -7.44 33.19
CA TYR I 31 11.15 -8.85 32.81
C TYR I 31 12.51 -9.12 32.22
N GLU I 32 13.00 -10.31 32.47
CA GLU I 32 14.19 -10.78 31.77
C GLU I 32 14.08 -12.24 31.33
N PHE I 33 14.38 -12.45 30.08
CA PHE I 33 14.43 -13.78 29.51
C PHE I 33 15.56 -14.67 30.02
N ASP I 34 15.19 -15.80 30.61
CA ASP I 34 16.19 -16.80 30.99
C ASP I 34 16.45 -17.68 29.82
N LYS I 35 17.64 -17.52 29.28
CA LYS I 35 18.01 -18.11 28.01
C LYS I 35 18.07 -19.62 28.17
N GLU I 36 18.40 -19.99 29.39
CA GLU I 36 18.63 -21.38 29.74
C GLU I 36 17.30 -22.15 29.73
N SER I 37 16.29 -21.58 30.36
CA SER I 37 14.99 -22.21 30.45
C SER I 37 14.01 -21.68 29.42
N GLY I 38 14.34 -20.52 28.87
CA GLY I 38 13.47 -19.83 27.92
C GLY I 38 12.33 -19.15 28.62
N ALA I 39 12.43 -19.10 29.93
CA ALA I 39 11.40 -18.47 30.78
C ALA I 39 11.61 -16.95 30.89
N LEU I 40 10.48 -16.29 31.12
CA LEU I 40 10.42 -14.86 31.44
C LEU I 40 10.45 -14.74 32.94
N PHE I 41 11.56 -14.20 33.40
CA PHE I 41 11.79 -13.93 34.80
C PHE I 41 11.42 -12.46 35.12
N VAL I 42 10.91 -12.24 36.32
CA VAL I 42 10.88 -10.88 36.85
C VAL I 42 12.27 -10.56 37.39
N ASP I 43 12.90 -9.57 36.78
CA ASP I 43 14.20 -9.09 37.27
C ASP I 43 13.94 -8.15 38.46
N ARG I 44 12.99 -7.24 38.30
CA ARG I 44 12.59 -6.42 39.43
C ARG I 44 11.27 -5.82 39.31
N PHE I 45 10.79 -5.39 40.47
CA PHE I 45 9.73 -4.42 40.56
C PHE I 45 10.30 -3.05 40.67
N MET I 46 10.23 -2.35 39.55
CA MET I 46 10.89 -1.07 39.43
C MET I 46 10.34 -0.09 40.46
N GLN I 47 11.21 0.72 41.07
CA GLN I 47 10.80 1.59 42.17
C GLN I 47 10.42 3.02 41.75
N THR I 48 10.77 3.45 40.55
CA THR I 48 10.41 4.82 40.19
C THR I 48 8.98 4.84 39.62
N THR I 49 8.64 5.99 39.07
CA THR I 49 7.28 6.25 38.57
C THR I 49 7.28 6.09 37.04
N MET I 50 8.39 5.64 36.54
CA MET I 50 8.64 5.67 35.12
C MET I 50 8.26 4.35 34.45
N SER I 51 7.71 4.47 33.24
CA SER I 51 7.49 3.28 32.39
C SER I 51 8.36 3.26 31.17
N TYR I 52 8.63 2.04 30.70
CA TYR I 52 9.44 1.91 29.50
C TYR I 52 8.88 2.77 28.40
N PRO I 53 9.75 3.47 27.69
CA PRO I 53 9.27 4.40 26.67
C PRO I 53 9.04 3.69 25.34
N CYS I 54 9.68 2.53 25.21
CA CYS I 54 9.59 1.66 24.00
C CYS I 54 9.34 0.24 24.43
N ASN I 55 8.95 -0.57 23.45
CA ASN I 55 8.99 -2.03 23.58
C ASN I 55 10.44 -2.40 23.60
N TYR I 56 10.76 -3.30 24.50
CA TYR I 56 12.12 -3.60 24.76
C TYR I 56 12.38 -5.11 24.81
N GLY I 57 13.43 -5.53 24.13
CA GLY I 57 13.90 -6.92 24.16
C GLY I 57 15.22 -7.18 23.48
N PHE I 58 15.30 -8.26 22.73
CA PHE I 58 16.61 -8.72 22.20
C PHE I 58 16.47 -9.60 20.96
N ILE I 59 17.55 -9.67 20.21
CA ILE I 59 17.61 -10.51 19.04
C ILE I 59 18.04 -11.90 19.47
N PRO I 60 17.16 -12.88 19.26
CA PRO I 60 17.57 -14.24 19.54
C PRO I 60 18.74 -14.66 18.69
N ASP I 61 19.60 -15.48 19.28
CA ASP I 61 20.74 -16.05 18.55
C ASP I 61 21.70 -14.99 18.15
N THR I 62 21.82 -14.01 19.02
CA THR I 62 22.96 -13.10 18.96
C THR I 62 23.63 -13.14 20.29
N LEU I 63 24.78 -12.49 20.32
CA LEU I 63 25.69 -12.56 21.46
C LEU I 63 26.63 -11.39 21.37
N SER I 64 26.47 -10.45 22.29
CA SER I 64 27.32 -9.28 22.32
C SER I 64 28.55 -9.58 23.15
N ASN I 65 29.43 -8.60 23.20
CA ASN I 65 30.65 -8.64 24.03
C ASN I 65 30.42 -8.99 25.48
N ASP I 66 29.37 -8.43 26.06
CA ASP I 66 29.07 -8.69 27.49
C ASP I 66 28.54 -10.10 27.59
N GLY I 67 28.60 -10.79 26.47
CA GLY I 67 28.16 -12.17 26.36
C GLY I 67 26.65 -12.29 26.52
N ASP I 68 25.95 -11.17 26.33
CA ASP I 68 24.49 -11.17 26.30
C ASP I 68 24.00 -10.88 24.89
N PRO I 69 22.72 -11.21 24.61
CA PRO I 69 22.17 -10.96 23.31
C PRO I 69 22.03 -9.50 23.10
N VAL I 70 22.15 -9.10 21.85
CA VAL I 70 21.98 -7.72 21.44
C VAL I 70 20.55 -7.28 21.75
N ASP I 71 20.44 -6.26 22.59
CA ASP I 71 19.13 -5.80 22.98
C ASP I 71 18.75 -4.60 22.19
N VAL I 72 17.47 -4.31 22.25
CA VAL I 72 16.84 -3.46 21.24
C VAL I 72 15.67 -2.71 21.80
N LEU I 73 15.64 -1.40 21.57
CA LEU I 73 14.40 -0.68 21.83
C LEU I 73 13.64 -0.53 20.52
N VAL I 74 12.45 -1.12 20.50
CA VAL I 74 11.61 -1.07 19.29
C VAL I 74 10.56 -0.01 19.45
N VAL I 75 10.70 1.03 18.66
CA VAL I 75 9.72 2.14 18.62
C VAL I 75 8.50 1.73 17.82
N ALA I 76 7.33 1.83 18.43
CA ALA I 76 6.04 1.29 17.90
C ALA I 76 4.95 2.18 18.38
N HIS I 77 3.73 2.06 17.87
CA HIS I 77 2.68 2.97 18.31
C HIS I 77 1.94 2.37 19.46
N HIS I 78 2.31 1.14 19.77
CA HIS I 78 1.58 0.29 20.73
C HIS I 78 2.40 -0.79 21.39
N PRO I 79 2.00 -1.16 22.60
CA PRO I 79 2.63 -2.23 23.26
C PRO I 79 2.23 -3.58 22.70
N VAL I 80 3.06 -4.54 23.03
CA VAL I 80 2.90 -5.92 22.57
C VAL I 80 3.04 -6.72 23.82
N VAL I 81 2.45 -7.92 23.90
CA VAL I 81 2.63 -8.72 25.10
C VAL I 81 4.07 -9.16 25.25
N PRO I 82 4.53 -9.37 26.50
CA PRO I 82 5.87 -9.90 26.67
C PRO I 82 6.03 -11.31 26.07
N GLY I 83 7.18 -11.57 25.44
CA GLY I 83 7.46 -12.86 24.84
C GLY I 83 7.00 -12.95 23.38
N SER I 84 6.40 -11.87 22.88
CA SER I 84 6.01 -11.82 21.49
C SER I 84 7.15 -11.20 20.69
N VAL I 85 7.16 -11.46 19.38
CA VAL I 85 8.33 -11.21 18.54
C VAL I 85 7.94 -10.21 17.46
N ILE I 86 8.64 -9.08 17.44
CA ILE I 86 8.43 -8.07 16.38
C ILE I 86 9.58 -8.09 15.38
N LYS I 87 9.20 -8.24 14.13
CA LYS I 87 10.11 -8.04 13.02
C LYS I 87 10.30 -6.56 12.78
N CYS I 88 11.58 -6.20 12.80
CA CYS I 88 12.03 -4.81 12.74
C CYS I 88 13.20 -4.62 11.84
N ARG I 89 13.49 -3.34 11.66
CA ARG I 89 14.73 -2.90 11.09
C ARG I 89 15.35 -1.81 11.97
N ALA I 90 16.64 -1.99 12.26
CA ALA I 90 17.41 -1.02 13.08
C ALA I 90 17.56 0.28 12.33
N ILE I 91 17.54 1.38 13.07
CA ILE I 91 17.77 2.69 12.47
C ILE I 91 18.91 3.42 13.18
N GLY I 92 19.35 2.84 14.30
CA GLY I 92 20.40 3.45 15.11
C GLY I 92 20.73 2.73 16.38
N VAL I 93 21.45 3.43 17.25
CA VAL I 93 21.97 2.90 18.50
C VAL I 93 21.99 4.01 19.55
N LEU I 94 21.62 3.62 20.76
CA LEU I 94 21.72 4.47 21.91
C LEU I 94 22.99 4.07 22.62
N MET I 95 23.86 5.05 22.87
CA MET I 95 25.16 4.83 23.51
C MET I 95 25.09 5.19 24.94
N MET I 96 25.46 4.25 25.79
CA MET I 96 25.39 4.47 27.19
C MET I 96 26.60 3.94 27.95
N GLU I 97 26.73 4.46 29.15
CA GLU I 97 27.58 3.78 30.10
C GLU I 97 26.84 3.72 31.42
N ASP I 98 27.12 2.70 32.20
CA ASP I 98 26.53 2.64 33.51
C ASP I 98 27.54 2.22 34.59
N GLU I 99 27.00 1.93 35.75
CA GLU I 99 27.81 1.69 36.92
C GLU I 99 28.74 0.51 36.71
N SER I 100 28.72 -0.03 35.50
CA SER I 100 29.45 -1.26 35.24
C SER I 100 29.92 -1.37 33.82
N GLY I 101 30.09 -0.25 33.16
CA GLY I 101 30.67 -0.29 31.82
C GLY I 101 29.81 0.29 30.73
N LEU I 102 30.14 -0.07 29.51
CA LEU I 102 29.46 0.43 28.34
C LEU I 102 28.26 -0.42 27.89
N ASP I 103 27.14 0.28 27.64
CA ASP I 103 25.89 -0.31 27.18
C ASP I 103 25.41 0.35 25.91
N GLU I 104 25.12 -0.46 24.93
CA GLU I 104 24.52 0.04 23.75
C GLU I 104 23.23 -0.69 23.48
N LYS I 105 22.27 0.06 22.95
CA LYS I 105 20.97 -0.51 22.61
C LYS I 105 20.55 -0.07 21.25
N ILE I 106 20.27 -1.07 20.41
CA ILE I 106 19.80 -0.80 19.07
C ILE I 106 18.42 -0.14 19.16
N ILE I 107 18.26 0.89 18.32
CA ILE I 107 17.00 1.51 18.08
C ILE I 107 16.45 0.95 16.77
N ALA I 108 15.23 0.39 16.85
CA ALA I 108 14.56 -0.20 15.65
C ALA I 108 13.11 0.18 15.60
N VAL I 109 12.58 0.22 14.38
CA VAL I 109 11.15 0.35 14.08
C VAL I 109 10.62 -0.91 13.37
N PRO I 110 9.31 -1.18 13.50
CA PRO I 110 8.66 -2.29 12.77
C PRO I 110 8.83 -2.22 11.27
N THR I 111 8.91 -3.38 10.65
CA THR I 111 8.97 -3.46 9.19
C THR I 111 7.69 -2.95 8.67
N SER I 112 7.69 -2.57 7.40
CA SER I 112 6.53 -1.93 6.80
C SER I 112 5.34 -2.87 6.59
N LYS I 113 5.61 -4.17 6.67
CA LYS I 113 4.52 -5.18 6.61
C LYS I 113 3.73 -5.14 7.89
N LEU I 114 4.43 -5.07 9.01
CA LEU I 114 3.75 -4.99 10.27
C LEU I 114 3.03 -3.63 10.40
N ASP I 115 3.75 -2.55 10.06
CA ASP I 115 3.21 -1.19 10.19
C ASP I 115 3.81 -0.20 9.21
N ILE I 116 3.00 0.10 8.22
CA ILE I 116 3.41 0.87 7.04
C ILE I 116 3.73 2.28 7.44
N THR I 117 3.25 2.72 8.60
CA THR I 117 3.35 4.14 8.98
C THR I 117 4.78 4.49 9.42
N PHE I 118 5.63 3.49 9.56
CA PHE I 118 7.04 3.67 9.91
C PHE I 118 7.94 3.65 8.66
N ASP I 119 7.30 3.57 7.52
CA ASP I 119 8.01 3.32 6.25
C ASP I 119 9.04 4.43 6.04
N HIS I 120 8.63 5.66 6.31
CA HIS I 120 9.47 6.85 6.15
C HIS I 120 10.51 7.08 7.25
N ILE I 121 10.53 6.22 8.25
CA ILE I 121 11.50 6.34 9.34
C ILE I 121 12.74 5.53 9.02
N LYS I 122 13.78 6.23 8.57
CA LYS I 122 15.02 5.61 8.09
C LYS I 122 16.27 5.87 8.97
N GLU I 123 16.25 6.97 9.71
CA GLU I 123 17.36 7.30 10.63
C GLU I 123 16.81 7.96 11.88
N LEU I 124 17.71 8.08 12.85
CA LEU I 124 17.39 8.65 14.15
C LEU I 124 16.76 10.00 13.99
N ASP I 125 17.17 10.71 12.96
CA ASP I 125 16.72 12.07 12.78
C ASP I 125 15.26 12.12 12.42
N ASP I 126 14.77 10.96 12.01
CA ASP I 126 13.41 10.87 11.50
C ASP I 126 12.43 10.70 12.62
N LEU I 127 12.91 10.30 13.77
CA LEU I 127 12.09 10.23 14.98
C LEU I 127 11.89 11.61 15.63
N CYS I 128 10.67 11.80 16.09
CA CYS I 128 10.32 12.82 17.06
C CYS I 128 11.43 13.14 18.11
N GLU I 129 11.80 14.40 18.11
CA GLU I 129 12.86 14.89 18.96
C GLU I 129 12.43 14.67 20.39
N MET I 130 11.14 14.88 20.69
CA MET I 130 10.67 14.74 22.08
C MET I 130 10.65 13.24 22.52
N LEU I 131 10.31 12.35 21.60
CA LEU I 131 10.42 10.92 21.89
C LEU I 131 11.85 10.61 22.24
N LYS I 132 12.79 11.13 21.47
CA LYS I 132 14.18 10.74 21.68
C LYS I 132 14.62 11.24 23.02
N LYS I 133 14.28 12.49 23.30
CA LYS I 133 14.55 13.10 24.58
C LYS I 133 13.95 12.26 25.74
N ARG I 134 12.76 11.70 25.50
CA ARG I 134 12.01 11.00 26.54
C ARG I 134 12.73 9.69 26.82
N ILE I 135 13.28 9.13 25.77
CA ILE I 135 14.00 7.87 25.88
C ILE I 135 15.29 8.05 26.73
N VAL I 136 16.06 9.08 26.39
CA VAL I 136 17.27 9.41 27.11
C VAL I 136 16.98 9.63 28.58
N HIS I 137 15.91 10.37 28.84
CA HIS I 137 15.54 10.75 30.18
C HIS I 137 15.16 9.53 30.98
N PHE I 138 14.60 8.53 30.29
CA PHE I 138 14.08 7.35 30.97
C PHE I 138 15.24 6.54 31.48
N PHE I 139 16.13 6.24 30.55
CA PHE I 139 17.35 5.50 30.88
C PHE I 139 18.23 6.20 31.92
N GLU I 140 18.26 7.53 31.90
CA GLU I 140 19.16 8.25 32.76
C GLU I 140 18.61 8.27 34.14
N HIS I 141 17.35 7.90 34.31
CA HIS I 141 16.68 8.10 35.61
C HIS I 141 15.96 6.92 36.19
N TYR I 142 15.75 5.87 35.38
CA TYR I 142 14.90 4.76 35.80
C TYR I 142 15.55 3.90 36.87
N LYS I 143 16.87 4.00 37.01
CA LYS I 143 17.58 3.16 38.01
C LYS I 143 18.00 4.00 39.22
N ASP I 144 17.48 5.23 39.28
CA ASP I 144 17.92 6.24 40.29
C ASP I 144 17.70 5.74 41.67
N LEU I 145 16.79 4.78 41.79
CA LEU I 145 16.34 4.36 43.11
C LEU I 145 16.89 2.97 43.38
N GLU I 146 17.80 2.53 42.52
CA GLU I 146 18.58 1.36 42.87
C GLU I 146 19.93 1.79 43.41
N LYS I 147 20.21 1.34 44.63
CA LYS I 147 21.48 1.67 45.28
C LYS I 147 22.58 1.31 44.39
N GLY I 148 23.44 2.29 44.14
CA GLY I 148 24.71 2.07 43.46
C GLY I 148 24.64 2.12 41.95
N LYS I 149 23.44 2.25 41.43
CA LYS I 149 23.23 2.07 39.99
C LYS I 149 22.91 3.37 39.35
N TRP I 150 23.35 3.49 38.12
CA TRP I 150 23.11 4.69 37.33
C TRP I 150 23.46 4.47 35.86
N VAL I 151 22.86 5.32 35.06
CA VAL I 151 23.07 5.32 33.63
C VAL I 151 23.25 6.71 33.15
N LYS I 152 24.28 6.91 32.35
CA LYS I 152 24.41 8.14 31.58
C LYS I 152 24.52 7.88 30.08
N VAL I 153 23.83 8.69 29.30
CA VAL I 153 23.81 8.49 27.83
C VAL I 153 24.90 9.33 27.21
N THR I 154 25.70 8.71 26.35
CA THR I 154 26.88 9.35 25.84
C THR I 154 26.69 9.79 24.38
N GLY I 155 25.76 9.15 23.70
CA GLY I 155 25.42 9.52 22.34
C GLY I 155 24.52 8.55 21.63
N TRP I 156 24.49 8.75 20.33
CA TRP I 156 23.65 8.00 19.40
C TRP I 156 24.52 7.52 18.28
N GLY I 157 24.24 6.32 17.78
CA GLY I 157 24.94 5.79 16.65
C GLY I 157 24.10 5.70 15.40
N ASP I 158 24.85 5.52 14.35
CA ASP I 158 24.44 5.39 12.94
C ASP I 158 23.51 4.20 12.73
N LYS I 159 22.86 4.16 11.58
CA LYS I 159 22.23 2.91 11.12
C LYS I 159 23.27 1.82 10.84
N VAL I 160 24.44 2.25 10.36
CA VAL I 160 25.51 1.30 9.97
C VAL I 160 26.20 0.76 11.21
N LYS I 161 26.27 1.60 12.22
CA LYS I 161 26.86 1.19 13.48
C LYS I 161 25.94 0.15 14.11
N ALA I 162 24.65 0.33 13.86
CA ALA I 162 23.65 -0.59 14.39
C ALA I 162 23.77 -1.95 13.65
N GLU I 163 23.84 -1.86 12.34
CA GLU I 163 23.96 -3.08 11.52
C GLU I 163 25.22 -3.89 11.86
N THR I 164 26.36 -3.24 11.74
CA THR I 164 27.61 -3.75 12.34
C THR I 164 27.44 -4.48 13.66
N LEU I 165 26.97 -3.76 14.68
CA LEU I 165 26.71 -4.38 16.01
C LEU I 165 25.93 -5.67 15.87
N ILE I 166 24.98 -5.65 14.94
CA ILE I 166 24.07 -6.79 14.77
C ILE I 166 24.88 -7.93 14.15
N LYS I 167 25.52 -7.60 13.03
CA LYS I 167 26.32 -8.58 12.30
C LYS I 167 27.30 -9.25 13.28
N GLU I 168 27.82 -8.46 14.22
CA GLU I 168 28.87 -8.91 15.16
C GLU I 168 28.36 -9.79 16.31
N GLY I 169 27.07 -9.62 16.62
CA GLY I 169 26.46 -10.34 17.76
C GLY I 169 25.99 -11.70 17.28
N ILE I 170 25.78 -11.72 15.97
CA ILE I 170 25.42 -12.91 15.18
C ILE I 170 26.65 -13.78 14.91
N ASP I 171 27.66 -13.17 14.31
CA ASP I 171 28.94 -13.83 14.09
C ASP I 171 29.44 -14.32 15.44
N ARG I 172 29.29 -13.47 16.45
CA ARG I 172 29.92 -13.72 17.75
C ARG I 172 29.27 -14.92 18.39
N ASN I 173 28.16 -15.32 17.81
CA ASN I 173 27.25 -16.21 18.52
C ASN I 173 27.54 -17.70 18.28
N ILE J 7 -17.57 28.27 30.15
CA ILE J 7 -16.48 28.13 29.14
C ILE J 7 -16.80 28.76 27.78
N LYS J 8 -15.88 29.60 27.33
CA LYS J 8 -16.05 30.31 26.06
C LYS J 8 -15.50 29.51 24.88
N ALA J 9 -16.08 29.71 23.71
CA ALA J 9 -15.56 29.05 22.51
C ALA J 9 -14.03 29.21 22.38
N LYS J 10 -13.52 30.41 22.71
CA LYS J 10 -12.13 30.77 22.40
C LYS J 10 -11.24 31.11 23.55
N ALA J 11 -10.01 30.67 23.46
CA ALA J 11 -9.02 31.13 24.44
C ALA J 11 -8.20 32.24 23.77
N ASN J 12 -6.95 32.36 24.16
CA ASN J 12 -6.10 33.39 23.55
C ASN J 12 -5.47 32.88 22.24
N ASN J 13 -4.94 33.81 21.49
CA ASN J 13 -4.20 33.52 20.29
C ASN J 13 -4.94 32.63 19.28
N ASN J 14 -6.23 32.84 19.15
CA ASN J 14 -7.10 32.09 18.23
C ASN J 14 -7.24 30.59 18.61
N GLU J 15 -6.97 30.26 19.86
CA GLU J 15 -7.22 28.88 20.34
C GLU J 15 -8.66 28.63 20.72
N ILE J 16 -9.01 27.36 20.69
CA ILE J 16 -10.37 26.96 21.02
C ILE J 16 -10.39 26.06 22.24
N ASN J 17 -11.40 26.25 23.04
CA ASN J 17 -11.66 25.32 24.08
C ASN J 17 -12.47 24.18 23.50
N VAL J 18 -12.00 22.95 23.62
CA VAL J 18 -12.89 21.80 23.28
C VAL J 18 -13.30 20.89 24.47
N ILE J 19 -14.58 20.77 24.76
CA ILE J 19 -15.01 19.84 25.78
C ILE J 19 -15.16 18.37 25.23
N ILE J 20 -14.39 17.44 25.77
CA ILE J 20 -14.37 16.02 25.32
C ILE J 20 -15.56 15.22 25.82
N GLU J 21 -16.27 14.63 24.88
CA GLU J 21 -17.35 13.68 25.24
C GLU J 21 -16.85 12.28 25.18
N ILE J 22 -16.02 12.01 24.18
CA ILE J 22 -15.58 10.64 23.91
C ILE J 22 -14.08 10.52 23.70
N PRO J 23 -13.37 9.72 24.53
CA PRO J 23 -11.93 9.60 24.42
C PRO J 23 -11.51 8.72 23.28
N MET J 24 -10.29 8.90 22.78
CA MET J 24 -9.82 8.06 21.68
C MET J 24 -9.65 6.65 22.19
N ASN J 25 -10.01 5.70 21.35
CA ASN J 25 -9.81 4.28 21.61
C ASN J 25 -10.50 3.69 22.81
N SER J 26 -11.67 4.18 23.16
CA SER J 26 -12.24 3.93 24.48
C SER J 26 -13.43 2.94 24.50
N GLY J 27 -13.67 2.28 23.39
CA GLY J 27 -14.61 1.17 23.41
C GLY J 27 -15.89 1.64 22.84
N PRO J 28 -17.01 1.06 23.31
CA PRO J 28 -18.30 1.20 22.70
C PRO J 28 -19.21 2.29 23.26
N ILE J 29 -18.83 2.95 24.37
CA ILE J 29 -19.72 3.97 24.97
C ILE J 29 -19.61 5.29 24.23
N LYS J 30 -20.73 5.65 23.62
CA LYS J 30 -20.84 6.90 22.90
C LYS J 30 -21.45 7.86 23.87
N TYR J 31 -20.62 8.63 24.56
CA TYR J 31 -21.15 9.66 25.47
C TYR J 31 -21.60 10.91 24.72
N GLU J 32 -22.58 11.59 25.28
CA GLU J 32 -22.95 12.91 24.84
C GLU J 32 -23.44 13.82 25.99
N PHE J 33 -22.99 15.08 26.01
CA PHE J 33 -23.50 16.04 27.03
C PHE J 33 -24.91 16.59 26.75
N ASP J 34 -25.79 16.50 27.74
CA ASP J 34 -27.07 17.14 27.60
C ASP J 34 -26.83 18.64 27.66
N LYS J 35 -27.07 19.28 26.52
CA LYS J 35 -26.84 20.71 26.34
C LYS J 35 -27.71 21.54 27.23
N GLU J 36 -28.84 20.97 27.64
CA GLU J 36 -29.79 21.58 28.59
C GLU J 36 -29.18 21.58 29.96
N SER J 37 -28.94 20.38 30.46
CA SER J 37 -28.80 20.17 31.89
C SER J 37 -27.34 20.06 32.27
N GLY J 38 -26.51 20.01 31.23
CA GLY J 38 -25.06 19.83 31.42
C GLY J 38 -24.66 18.45 31.91
N ALA J 39 -25.61 17.55 32.01
CA ALA J 39 -25.29 16.16 32.37
C ALA J 39 -24.65 15.42 31.19
N LEU J 40 -23.74 14.50 31.51
CA LEU J 40 -23.14 13.57 30.55
C LEU J 40 -24.05 12.34 30.43
N PHE J 41 -24.61 12.16 29.24
CA PHE J 41 -25.48 11.02 28.99
C PHE J 41 -24.78 9.98 28.14
N VAL J 42 -25.13 8.72 28.38
CA VAL J 42 -24.79 7.65 27.45
C VAL J 42 -25.76 7.77 26.31
N ASP J 43 -25.22 8.02 25.13
CA ASP J 43 -26.06 8.04 23.90
C ASP J 43 -26.46 6.63 23.42
N ARG J 44 -25.47 5.84 23.09
CA ARG J 44 -25.67 4.49 22.60
C ARG J 44 -24.61 3.70 23.26
N PHE J 45 -24.89 2.41 23.48
CA PHE J 45 -23.85 1.39 23.44
C PHE J 45 -23.63 0.94 21.99
N MET J 46 -22.45 1.23 21.46
CA MET J 46 -22.16 1.04 20.03
C MET J 46 -21.90 -0.44 19.71
N GLN J 47 -22.43 -0.84 18.57
CA GLN J 47 -22.62 -2.28 18.29
C GLN J 47 -21.51 -2.86 17.43
N THR J 48 -20.74 -2.00 16.74
CA THR J 48 -19.64 -2.49 15.98
C THR J 48 -18.50 -2.64 16.92
N THR J 49 -17.40 -3.15 16.42
CA THR J 49 -16.16 -3.31 17.20
C THR J 49 -15.28 -2.04 17.07
N MET J 50 -15.83 -0.97 16.54
CA MET J 50 -15.02 0.25 16.32
C MET J 50 -15.03 1.24 17.51
N SER J 51 -13.87 1.72 17.94
CA SER J 51 -13.85 2.95 18.81
C SER J 51 -13.38 4.18 18.09
N TYR J 52 -13.67 5.35 18.67
CA TYR J 52 -13.21 6.62 18.03
C TYR J 52 -11.73 6.68 17.79
N PRO J 53 -11.36 7.22 16.62
CA PRO J 53 -9.98 7.40 16.20
C PRO J 53 -9.30 8.61 16.88
N CYS J 54 -10.08 9.39 17.59
CA CYS J 54 -9.65 10.66 18.18
C CYS J 54 -10.49 10.94 19.41
N ASN J 55 -10.01 11.82 20.27
CA ASN J 55 -10.88 12.36 21.33
C ASN J 55 -11.93 13.21 20.65
N TYR J 56 -13.15 13.10 21.09
CA TYR J 56 -14.18 13.78 20.38
C TYR J 56 -15.11 14.59 21.30
N GLY J 57 -15.47 15.78 20.79
CA GLY J 57 -16.28 16.70 21.58
C GLY J 57 -16.86 17.83 20.83
N PHE J 58 -16.91 18.98 21.48
CA PHE J 58 -17.53 20.18 20.92
C PHE J 58 -16.93 21.50 21.52
N ILE J 59 -17.21 22.59 20.85
CA ILE J 59 -16.76 23.89 21.27
C ILE J 59 -17.97 24.49 21.95
N PRO J 60 -17.84 24.75 23.23
CA PRO J 60 -18.85 25.41 23.99
C PRO J 60 -19.17 26.81 23.47
N ASP J 61 -20.44 27.15 23.61
CA ASP J 61 -20.88 28.51 23.38
C ASP J 61 -20.86 28.75 21.86
N THR J 62 -21.07 27.66 21.15
CA THR J 62 -21.26 27.73 19.71
C THR J 62 -22.57 27.08 19.33
N LEU J 63 -22.95 27.36 18.11
CA LEU J 63 -24.19 26.82 17.60
C LEU J 63 -24.11 26.57 16.09
N SER J 64 -24.27 25.30 15.72
CA SER J 64 -24.31 24.87 14.31
C SER J 64 -25.67 25.11 13.74
N ASN J 65 -25.81 24.98 12.43
CA ASN J 65 -27.14 25.05 11.83
C ASN J 65 -28.00 23.90 12.29
N ASP J 66 -27.37 22.75 12.53
CA ASP J 66 -28.12 21.59 13.02
C ASP J 66 -28.68 21.81 14.41
N GLY J 67 -28.35 22.94 15.01
CA GLY J 67 -28.87 23.28 16.34
C GLY J 67 -28.02 22.85 17.51
N ASP J 68 -26.91 22.18 17.21
CA ASP J 68 -25.98 21.74 18.25
C ASP J 68 -24.62 22.44 18.13
N PRO J 69 -23.87 22.52 19.24
CA PRO J 69 -22.51 23.04 19.23
C PRO J 69 -21.70 22.50 18.08
N VAL J 70 -20.72 23.29 17.65
CA VAL J 70 -19.79 22.87 16.65
C VAL J 70 -18.99 21.76 17.26
N ASP J 71 -18.94 20.60 16.61
CA ASP J 71 -18.21 19.47 17.16
C ASP J 71 -16.85 19.22 16.54
N VAL J 72 -16.04 18.54 17.33
CA VAL J 72 -14.60 18.50 17.11
C VAL J 72 -13.97 17.15 17.36
N LEU J 73 -13.01 16.87 16.49
CA LEU J 73 -12.14 15.76 16.62
C LEU J 73 -10.77 16.29 16.98
N VAL J 74 -10.34 15.97 18.19
CA VAL J 74 -9.02 16.38 18.61
C VAL J 74 -8.06 15.25 18.42
N VAL J 75 -7.12 15.48 17.52
CA VAL J 75 -6.04 14.60 17.34
C VAL J 75 -4.98 14.81 18.44
N ALA J 76 -4.90 13.82 19.29
CA ALA J 76 -3.97 13.85 20.37
C ALA J 76 -3.21 12.51 20.40
N HIS J 77 -2.14 12.42 21.16
CA HIS J 77 -1.46 11.15 21.37
C HIS J 77 -2.05 10.28 22.47
N HIS J 78 -2.99 10.82 23.24
CA HIS J 78 -3.48 10.13 24.40
C HIS J 78 -4.94 10.44 24.60
N PRO J 79 -5.69 9.50 25.19
CA PRO J 79 -7.10 9.71 25.52
C PRO J 79 -7.17 10.56 26.76
N VAL J 80 -8.34 11.06 27.05
CA VAL J 80 -8.57 12.04 28.07
C VAL J 80 -9.93 11.61 28.65
N VAL J 81 -10.23 11.89 29.93
CA VAL J 81 -11.52 11.52 30.48
C VAL J 81 -12.60 12.35 29.79
N PRO J 82 -13.80 11.78 29.63
CA PRO J 82 -14.97 12.55 29.29
C PRO J 82 -15.24 13.68 30.25
N GLY J 83 -15.57 14.81 29.64
CA GLY J 83 -15.90 16.00 30.41
C GLY J 83 -14.71 16.91 30.61
N SER J 84 -13.50 16.40 30.35
CA SER J 84 -12.28 17.25 30.44
C SER J 84 -12.20 18.20 29.22
N VAL J 85 -11.42 19.29 29.34
CA VAL J 85 -11.35 20.30 28.28
C VAL J 85 -9.94 20.42 27.74
N ILE J 86 -9.80 20.34 26.41
CA ILE J 86 -8.53 20.49 25.77
C ILE J 86 -8.54 21.78 25.00
N LYS J 87 -7.55 22.60 25.27
CA LYS J 87 -7.32 23.78 24.44
C LYS J 87 -6.58 23.38 23.19
N CYS J 88 -7.09 23.81 22.05
CA CYS J 88 -6.48 23.43 20.79
C CYS J 88 -6.52 24.52 19.72
N ARG J 89 -5.91 24.14 18.60
CA ARG J 89 -6.05 24.84 17.36
C ARG J 89 -6.60 23.97 16.25
N ALA J 90 -7.49 24.61 15.51
CA ALA J 90 -8.13 24.02 14.36
C ALA J 90 -7.16 24.01 13.22
N ILE J 91 -7.09 22.90 12.51
CA ILE J 91 -6.24 22.79 11.36
C ILE J 91 -6.99 22.32 10.12
N GLY J 92 -8.31 22.21 10.23
CA GLY J 92 -9.08 21.52 9.18
C GLY J 92 -10.51 21.25 9.54
N VAL J 93 -11.24 20.82 8.51
CA VAL J 93 -12.62 20.33 8.61
C VAL J 93 -12.79 18.93 7.95
N LEU J 94 -13.56 18.04 8.59
CA LEU J 94 -14.02 16.79 7.95
C LEU J 94 -15.45 16.96 7.49
N MET J 95 -15.66 16.78 6.18
CA MET J 95 -17.02 16.98 5.61
C MET J 95 -17.73 15.74 5.16
N MET J 96 -18.92 15.63 5.69
CA MET J 96 -19.74 14.48 5.51
C MET J 96 -21.19 14.84 5.23
N GLU J 97 -21.90 13.84 4.71
CA GLU J 97 -23.33 13.85 4.66
C GLU J 97 -23.85 12.54 5.25
N ASP J 98 -24.84 12.65 6.11
CA ASP J 98 -25.50 11.48 6.64
C ASP J 98 -26.96 11.43 6.15
N GLU J 99 -27.81 10.74 6.87
CA GLU J 99 -29.14 10.51 6.35
C GLU J 99 -29.96 11.74 6.70
N SER J 100 -29.61 12.35 7.82
CA SER J 100 -30.35 13.52 8.27
C SER J 100 -29.80 14.84 7.74
N GLY J 101 -28.85 14.79 6.80
CA GLY J 101 -28.23 16.02 6.21
C GLY J 101 -26.73 16.17 6.08
N LEU J 102 -26.23 17.37 6.30
CA LEU J 102 -24.81 17.64 6.11
C LEU J 102 -24.11 17.61 7.45
N ASP J 103 -22.83 17.25 7.45
CA ASP J 103 -22.12 17.21 8.71
C ASP J 103 -20.65 17.47 8.58
N GLU J 104 -20.19 18.42 9.37
CA GLU J 104 -18.81 18.80 9.30
C GLU J 104 -18.24 18.73 10.69
N LYS J 105 -17.03 18.22 10.83
CA LYS J 105 -16.38 18.22 12.13
C LYS J 105 -15.07 18.92 11.94
N ILE J 106 -14.77 19.82 12.87
CA ILE J 106 -13.51 20.47 12.93
C ILE J 106 -12.54 19.39 13.38
N ILE J 107 -11.37 19.43 12.77
CA ILE J 107 -10.18 18.72 13.15
C ILE J 107 -9.20 19.71 13.82
N ALA J 108 -8.76 19.34 15.01
CA ALA J 108 -7.94 20.18 15.87
C ALA J 108 -6.82 19.39 16.49
N VAL J 109 -5.76 20.09 16.89
CA VAL J 109 -4.68 19.48 17.62
C VAL J 109 -4.48 20.29 18.88
N PRO J 110 -3.83 19.67 19.90
CA PRO J 110 -3.57 20.49 21.11
C PRO J 110 -2.64 21.65 20.80
N THR J 111 -2.77 22.71 21.61
CA THR J 111 -1.86 23.85 21.57
C THR J 111 -0.53 23.43 22.09
N SER J 112 0.50 24.12 21.66
CA SER J 112 1.88 23.71 21.95
C SER J 112 2.20 23.79 23.41
N LYS J 113 1.45 24.61 24.12
CA LYS J 113 1.54 24.63 25.57
C LYS J 113 1.09 23.31 26.20
N LEU J 114 0.06 22.65 25.67
CA LEU J 114 -0.30 21.39 26.25
C LEU J 114 0.61 20.31 25.70
N ASP J 115 1.04 20.45 24.44
CA ASP J 115 1.88 19.42 23.78
C ASP J 115 2.60 19.97 22.54
N ILE J 116 3.89 20.21 22.76
CA ILE J 116 4.74 20.93 21.84
C ILE J 116 4.99 20.07 20.62
N THR J 117 4.73 18.75 20.74
CA THR J 117 4.96 17.85 19.61
C THR J 117 3.94 18.06 18.49
N PHE J 118 2.90 18.83 18.73
CA PHE J 118 2.00 19.15 17.63
C PHE J 118 2.39 20.48 16.92
N ASP J 119 3.54 21.01 17.29
CA ASP J 119 3.75 22.41 16.95
C ASP J 119 3.80 22.57 15.44
N HIS J 120 4.47 21.62 14.82
CA HIS J 120 4.70 21.60 13.37
C HIS J 120 3.44 21.18 12.56
N ILE J 121 2.37 20.81 13.23
CA ILE J 121 1.17 20.48 12.47
C ILE J 121 0.26 21.68 12.26
N LYS J 122 0.19 22.15 11.02
CA LYS J 122 -0.49 23.40 10.75
C LYS J 122 -1.67 23.28 9.84
N GLU J 123 -1.62 22.25 9.01
CA GLU J 123 -2.70 21.94 8.09
C GLU J 123 -2.83 20.43 8.02
N LEU J 124 -3.95 20.02 7.42
CA LEU J 124 -4.36 18.61 7.28
C LEU J 124 -3.25 17.76 6.66
N ASP J 125 -2.58 18.36 5.69
CA ASP J 125 -1.51 17.70 4.95
C ASP J 125 -0.40 17.32 5.88
N ASP J 126 -0.46 17.82 7.12
CA ASP J 126 0.65 17.64 8.04
C ASP J 126 0.47 16.39 8.87
N LEU J 127 -0.76 15.88 8.85
CA LEU J 127 -1.13 14.66 9.59
C LEU J 127 -0.77 13.36 8.91
N CYS J 128 -0.64 12.33 9.71
CA CYS J 128 -0.42 10.98 9.21
C CYS J 128 -1.51 10.62 8.22
N GLU J 129 -1.05 10.18 7.06
CA GLU J 129 -1.96 9.85 5.99
C GLU J 129 -2.89 8.68 6.40
N MET J 130 -2.34 7.73 7.13
CA MET J 130 -3.10 6.59 7.60
C MET J 130 -4.11 6.99 8.70
N LEU J 131 -3.73 7.97 9.53
CA LEU J 131 -4.66 8.45 10.51
C LEU J 131 -5.83 9.03 9.77
N LYS J 132 -5.53 9.74 8.68
CA LYS J 132 -6.65 10.38 7.96
C LYS J 132 -7.65 9.31 7.41
N LYS J 133 -7.13 8.22 6.92
CA LYS J 133 -7.97 7.20 6.32
C LYS J 133 -8.68 6.44 7.44
N ARG J 134 -7.99 6.34 8.56
CA ARG J 134 -8.62 5.68 9.73
C ARG J 134 -9.81 6.45 10.22
N ILE J 135 -9.72 7.76 10.13
CA ILE J 135 -10.83 8.64 10.53
C ILE J 135 -12.05 8.46 9.60
N VAL J 136 -11.77 8.46 8.31
CA VAL J 136 -12.82 8.38 7.28
C VAL J 136 -13.47 7.01 7.36
N HIS J 137 -12.63 6.00 7.59
CA HIS J 137 -13.11 4.64 7.67
C HIS J 137 -14.09 4.54 8.83
N PHE J 138 -13.75 5.22 9.92
CA PHE J 138 -14.59 5.16 11.16
C PHE J 138 -15.94 5.80 10.93
N PHE J 139 -15.91 6.99 10.40
CA PHE J 139 -17.19 7.65 10.20
C PHE J 139 -18.06 6.94 9.19
N GLU J 140 -17.47 6.34 8.17
CA GLU J 140 -18.27 5.70 7.13
C GLU J 140 -18.89 4.36 7.53
N HIS J 141 -18.40 3.77 8.63
CA HIS J 141 -18.81 2.42 9.05
C HIS J 141 -19.34 2.27 10.45
N TYR J 142 -19.15 3.29 11.28
CA TYR J 142 -19.38 3.03 12.68
C TYR J 142 -20.85 2.92 13.01
N LYS J 143 -21.65 3.38 12.08
CA LYS J 143 -23.11 3.30 12.18
C LYS J 143 -23.74 2.18 11.37
N ASP J 144 -22.92 1.24 10.93
CA ASP J 144 -23.40 0.24 9.98
C ASP J 144 -24.43 -0.71 10.60
N LEU J 145 -24.51 -0.78 11.92
CA LEU J 145 -25.39 -1.73 12.57
C LEU J 145 -26.52 -0.99 13.16
N GLU J 146 -26.67 0.24 12.73
CA GLU J 146 -27.74 1.03 13.22
C GLU J 146 -28.72 1.29 12.09
N LYS J 147 -29.96 0.83 12.30
CA LYS J 147 -30.96 0.89 11.26
C LYS J 147 -31.26 2.30 10.91
N GLY J 148 -31.13 2.59 9.61
CA GLY J 148 -31.60 3.84 9.06
C GLY J 148 -30.45 4.81 8.88
N LYS J 149 -29.30 4.43 9.38
CA LYS J 149 -28.20 5.36 9.48
C LYS J 149 -27.20 5.04 8.44
N TRP J 150 -26.70 6.10 7.82
CA TRP J 150 -25.47 6.09 7.02
C TRP J 150 -24.75 7.44 7.02
N VAL J 151 -23.51 7.35 6.58
CA VAL J 151 -22.54 8.46 6.60
C VAL J 151 -21.57 8.28 5.47
N LYS J 152 -21.38 9.37 4.73
CA LYS J 152 -20.42 9.47 3.65
C LYS J 152 -19.56 10.71 3.79
N VAL J 153 -18.25 10.51 3.75
CA VAL J 153 -17.28 11.61 3.79
C VAL J 153 -17.15 12.14 2.38
N THR J 154 -17.62 13.38 2.22
CA THR J 154 -17.61 14.10 0.94
C THR J 154 -16.33 14.88 0.68
N GLY J 155 -15.53 15.07 1.70
CA GLY J 155 -14.29 15.81 1.56
C GLY J 155 -13.83 16.47 2.84
N TRP J 156 -12.76 17.25 2.68
CA TRP J 156 -12.12 18.01 3.73
C TRP J 156 -12.05 19.51 3.44
N GLY J 157 -12.12 20.30 4.51
CA GLY J 157 -11.81 21.74 4.46
C GLY J 157 -10.45 22.06 5.04
N ASP J 158 -9.95 23.24 4.72
CA ASP J 158 -8.68 23.74 5.27
C ASP J 158 -8.89 24.59 6.53
N LYS J 159 -7.80 25.12 7.08
CA LYS J 159 -7.83 25.91 8.34
C LYS J 159 -8.83 27.05 8.25
N VAL J 160 -8.79 27.76 7.12
CA VAL J 160 -9.64 28.93 6.96
C VAL J 160 -11.10 28.53 7.01
N LYS J 161 -11.43 27.59 6.15
CA LYS J 161 -12.69 26.84 6.24
C LYS J 161 -13.10 26.57 7.71
N ALA J 162 -12.23 25.94 8.50
CA ALA J 162 -12.49 25.71 9.95
C ALA J 162 -12.82 27.00 10.73
N GLU J 163 -11.91 27.96 10.57
CA GLU J 163 -11.98 29.25 11.28
C GLU J 163 -13.28 29.94 10.94
N THR J 164 -13.69 29.86 9.68
CA THR J 164 -15.01 30.39 9.27
C THR J 164 -16.17 29.70 9.98
N LEU J 165 -16.11 28.38 9.99
CA LEU J 165 -17.14 27.55 10.66
C LEU J 165 -17.23 27.88 12.14
N ILE J 166 -16.08 28.00 12.79
CA ILE J 166 -16.06 28.29 14.22
C ILE J 166 -16.66 29.68 14.44
N LYS J 167 -16.22 30.61 13.61
CA LYS J 167 -16.76 31.99 13.63
C LYS J 167 -18.28 32.03 13.51
N GLU J 168 -18.78 31.37 12.48
CA GLU J 168 -20.22 31.27 12.29
C GLU J 168 -20.96 30.61 13.44
N GLY J 169 -20.37 29.56 14.01
CA GLY J 169 -21.01 28.87 15.14
C GLY J 169 -21.12 29.80 16.34
N ILE J 170 -20.07 30.60 16.53
CA ILE J 170 -20.01 31.62 17.59
C ILE J 170 -21.09 32.67 17.38
N ASP J 171 -20.98 33.33 16.24
CA ASP J 171 -21.93 34.37 15.85
C ASP J 171 -23.37 33.88 15.83
N ARG J 172 -23.57 32.61 15.51
CA ARG J 172 -24.93 32.05 15.46
C ARG J 172 -25.54 31.88 16.87
N ASN J 173 -24.68 31.88 17.90
CA ASN J 173 -25.11 31.66 19.26
C ASN J 173 -25.48 32.98 19.96
N LYS K 6 -18.67 24.54 47.11
CA LYS K 6 -19.72 23.67 47.72
C LYS K 6 -19.13 22.57 48.57
N ILE K 7 -17.83 22.34 48.44
CA ILE K 7 -17.18 21.32 49.30
C ILE K 7 -16.35 21.97 50.41
N LYS K 8 -16.80 21.76 51.63
CA LYS K 8 -16.09 22.22 52.82
C LYS K 8 -14.62 21.83 52.76
N ALA K 9 -13.78 22.69 53.31
CA ALA K 9 -12.37 22.38 53.39
C ALA K 9 -12.19 21.21 54.33
N LYS K 10 -12.92 21.23 55.45
CA LYS K 10 -12.75 20.25 56.53
C LYS K 10 -14.02 19.48 56.75
N ALA K 11 -13.87 18.17 56.72
CA ALA K 11 -15.01 17.26 56.80
C ALA K 11 -15.34 17.19 58.29
N ASN K 12 -14.33 17.54 59.09
CA ASN K 12 -14.51 17.97 60.47
C ASN K 12 -13.22 18.53 61.03
N ASN K 13 -13.13 18.51 62.35
CA ASN K 13 -11.94 19.04 63.08
C ASN K 13 -10.67 18.34 62.65
N ASN K 14 -10.70 17.03 62.57
CA ASN K 14 -9.49 16.33 62.15
C ASN K 14 -9.26 16.18 60.63
N GLU K 15 -10.24 16.49 59.81
CA GLU K 15 -10.17 15.97 58.47
C GLU K 15 -10.46 16.95 57.36
N ILE K 16 -9.80 16.69 56.25
CA ILE K 16 -9.87 17.59 55.11
C ILE K 16 -10.51 16.85 53.98
N ASN K 17 -11.18 17.60 53.13
CA ASN K 17 -11.63 17.13 51.84
C ASN K 17 -10.63 17.54 50.82
N VAL K 18 -10.32 16.58 49.99
CA VAL K 18 -9.41 16.76 48.91
C VAL K 18 -10.05 16.32 47.59
N ILE K 19 -10.21 17.28 46.69
CA ILE K 19 -10.65 17.06 45.30
C ILE K 19 -9.47 16.56 44.47
N ILE K 20 -9.65 15.39 43.87
CA ILE K 20 -8.60 14.79 43.10
C ILE K 20 -8.65 15.36 41.69
N GLU K 21 -7.47 15.79 41.21
CA GLU K 21 -7.26 16.21 39.81
C GLU K 21 -6.58 15.11 39.01
N ILE K 22 -5.57 14.51 39.62
CA ILE K 22 -4.72 13.53 38.94
C ILE K 22 -4.59 12.25 39.81
N PRO K 23 -5.02 11.09 39.28
CA PRO K 23 -4.89 9.79 39.97
C PRO K 23 -3.46 9.25 40.02
N MET K 24 -3.09 8.58 41.08
CA MET K 24 -1.82 7.87 41.10
C MET K 24 -1.70 7.00 39.85
N ASN K 25 -0.52 6.95 39.27
CA ASN K 25 -0.17 5.98 38.27
C ASN K 25 -0.97 6.10 36.99
N SER K 26 -1.58 7.25 36.76
CA SER K 26 -2.52 7.48 35.67
C SER K 26 -2.00 7.91 34.28
N GLY K 27 -0.71 8.06 34.03
CA GLY K 27 -0.30 8.30 32.66
C GLY K 27 0.17 9.71 32.43
N PRO K 28 0.08 10.22 31.20
CA PRO K 28 0.73 11.48 30.93
C PRO K 28 -0.16 12.68 31.09
N ILE K 29 -1.44 12.47 31.37
CA ILE K 29 -2.35 13.62 31.48
C ILE K 29 -2.31 14.40 32.81
N LYS K 30 -1.93 15.67 32.69
CA LYS K 30 -1.94 16.57 33.84
C LYS K 30 -3.17 17.45 33.81
N TYR K 31 -4.13 17.10 34.66
CA TYR K 31 -5.36 17.82 34.74
C TYR K 31 -5.30 18.89 35.84
N GLU K 32 -6.13 19.89 35.67
CA GLU K 32 -6.21 20.96 36.61
C GLU K 32 -7.57 21.61 36.54
N PHE K 33 -8.24 21.64 37.69
CA PHE K 33 -9.54 22.31 37.78
C PHE K 33 -9.43 23.80 37.64
N ASP K 34 -10.36 24.32 36.89
CA ASP K 34 -10.48 25.71 36.77
C ASP K 34 -11.55 26.14 37.74
N LYS K 35 -11.08 26.91 38.71
CA LYS K 35 -11.93 27.40 39.78
C LYS K 35 -13.11 28.20 39.26
N GLU K 36 -12.89 28.97 38.21
CA GLU K 36 -13.92 29.88 37.75
C GLU K 36 -15.01 29.14 37.06
N SER K 37 -14.63 28.16 36.26
CA SER K 37 -15.62 27.41 35.50
C SER K 37 -16.06 26.23 36.34
N GLY K 38 -15.13 25.73 37.13
CA GLY K 38 -15.32 24.44 37.81
C GLY K 38 -15.03 23.29 36.84
N ALA K 39 -14.38 23.61 35.73
CA ALA K 39 -14.16 22.64 34.67
C ALA K 39 -12.81 22.02 34.83
N LEU K 40 -12.74 20.75 34.46
CA LEU K 40 -11.53 20.00 34.42
C LEU K 40 -10.77 20.18 33.09
N PHE K 41 -9.64 20.89 33.16
CA PHE K 41 -8.79 21.18 32.02
C PHE K 41 -7.61 20.29 31.98
N VAL K 42 -7.22 19.98 30.75
CA VAL K 42 -6.00 19.31 30.52
C VAL K 42 -4.99 20.44 30.55
N ASP K 43 -4.07 20.34 31.50
CA ASP K 43 -3.01 21.35 31.64
C ASP K 43 -1.88 21.07 30.65
N ARG K 44 -1.57 19.80 30.53
CA ARG K 44 -0.33 19.40 29.91
C ARG K 44 -0.50 17.94 29.52
N PHE K 45 -0.01 17.59 28.32
CA PHE K 45 0.37 16.17 28.05
C PHE K 45 1.83 16.05 28.46
N MET K 46 2.06 15.33 29.55
CA MET K 46 3.40 15.31 30.10
C MET K 46 4.26 14.55 29.15
N GLN K 47 5.55 14.88 29.14
CA GLN K 47 6.45 14.46 28.10
C GLN K 47 7.39 13.36 28.58
N THR K 48 7.54 13.22 29.90
CA THR K 48 8.34 12.11 30.41
C THR K 48 7.44 10.88 30.56
N THR K 49 8.05 9.76 30.96
CA THR K 49 7.35 8.47 31.11
C THR K 49 6.93 8.31 32.57
N MET K 50 6.94 9.44 33.31
CA MET K 50 6.66 9.45 34.76
C MET K 50 5.18 9.70 35.00
N SER K 51 4.59 8.93 35.92
CA SER K 51 3.22 9.18 36.40
C SER K 51 3.23 9.65 37.84
N TYR K 52 2.09 10.16 38.28
CA TYR K 52 2.01 10.71 39.60
C TYR K 52 2.12 9.56 40.58
N PRO K 53 2.91 9.70 41.67
CA PRO K 53 3.14 8.62 42.69
C PRO K 53 1.96 8.46 43.60
N CYS K 54 1.11 9.46 43.60
CA CYS K 54 -0.03 9.53 44.50
C CYS K 54 -1.19 10.11 43.76
N ASN K 55 -2.37 9.96 44.36
CA ASN K 55 -3.51 10.73 43.97
C ASN K 55 -3.20 12.19 44.37
N TYR K 56 -3.44 13.11 43.46
CA TYR K 56 -3.04 14.51 43.65
C TYR K 56 -4.19 15.45 43.40
N GLY K 57 -4.37 16.40 44.30
CA GLY K 57 -5.40 17.44 44.08
C GLY K 57 -5.32 18.55 45.09
N PHE K 58 -6.45 18.96 45.61
CA PHE K 58 -6.48 20.14 46.43
C PHE K 58 -7.65 20.23 47.34
N ILE K 59 -7.45 21.05 48.38
CA ILE K 59 -8.47 21.35 49.39
C ILE K 59 -9.28 22.58 48.95
N PRO K 60 -10.58 22.40 48.68
CA PRO K 60 -11.39 23.55 48.35
C PRO K 60 -11.45 24.54 49.51
N ASP K 61 -11.67 25.79 49.14
CA ASP K 61 -11.85 26.87 50.08
C ASP K 61 -10.63 27.14 50.86
N THR K 62 -9.51 26.92 50.23
CA THR K 62 -8.27 27.35 50.81
C THR K 62 -7.60 28.22 49.78
N LEU K 63 -6.72 29.06 50.28
CA LEU K 63 -5.88 29.91 49.42
C LEU K 63 -4.49 29.97 50.02
N SER K 64 -3.49 29.62 49.23
CA SER K 64 -2.08 29.73 49.62
C SER K 64 -1.59 31.15 49.38
N ASN K 65 -0.32 31.40 49.69
CA ASN K 65 0.26 32.72 49.40
C ASN K 65 0.38 32.93 47.89
N ASP K 66 0.54 31.84 47.18
CA ASP K 66 0.70 31.86 45.73
C ASP K 66 -0.61 32.16 44.96
N GLY K 67 -1.66 32.45 45.70
CA GLY K 67 -2.99 32.70 45.12
C GLY K 67 -3.73 31.45 44.67
N ASP K 68 -3.19 30.30 45.02
CA ASP K 68 -3.84 29.04 44.64
C ASP K 68 -4.30 28.27 45.83
N PRO K 69 -5.21 27.29 45.64
CA PRO K 69 -5.63 26.54 46.82
C PRO K 69 -4.53 25.67 47.32
N VAL K 70 -4.69 25.24 48.56
CA VAL K 70 -3.71 24.33 49.16
C VAL K 70 -3.83 22.94 48.51
N ASP K 71 -2.69 22.41 48.09
CA ASP K 71 -2.68 21.17 47.33
C ASP K 71 -2.03 20.03 48.06
N VAL K 72 -2.52 18.84 47.67
CA VAL K 72 -2.41 17.63 48.50
C VAL K 72 -2.05 16.40 47.64
N LEU K 73 -1.04 15.68 48.13
CA LEU K 73 -0.75 14.33 47.70
C LEU K 73 -1.35 13.35 48.69
N VAL K 74 -2.32 12.61 48.18
CA VAL K 74 -3.02 11.64 49.00
C VAL K 74 -2.47 10.28 48.73
N VAL K 75 -1.81 9.71 49.72
CA VAL K 75 -1.28 8.37 49.62
C VAL K 75 -2.45 7.43 49.85
N ALA K 76 -2.78 6.63 48.84
CA ALA K 76 -3.91 5.68 48.95
C ALA K 76 -3.44 4.41 48.28
N HIS K 77 -4.14 3.32 48.45
CA HIS K 77 -3.72 2.08 47.77
C HIS K 77 -4.15 2.06 46.28
N HIS K 78 -5.17 2.83 45.95
CA HIS K 78 -5.74 2.83 44.58
C HIS K 78 -6.10 4.20 44.01
N PRO K 79 -6.11 4.28 42.65
CA PRO K 79 -6.43 5.50 41.97
C PRO K 79 -7.92 5.71 42.15
N VAL K 80 -8.35 6.93 41.94
CA VAL K 80 -9.71 7.35 42.10
C VAL K 80 -9.97 8.20 40.85
N VAL K 81 -11.19 8.43 40.42
CA VAL K 81 -11.34 9.22 39.19
C VAL K 81 -11.12 10.72 39.44
N PRO K 82 -10.61 11.39 38.41
CA PRO K 82 -10.63 12.83 38.46
C PRO K 82 -11.99 13.42 38.87
N GLY K 83 -11.92 14.36 39.79
CA GLY K 83 -13.06 15.13 40.21
C GLY K 83 -13.66 14.52 41.44
N SER K 84 -13.22 13.32 41.79
CA SER K 84 -13.74 12.71 42.98
C SER K 84 -13.03 13.26 44.23
N VAL K 85 -13.68 13.07 45.37
CA VAL K 85 -13.24 13.65 46.63
C VAL K 85 -12.82 12.58 47.66
N ILE K 86 -11.58 12.68 48.11
CA ILE K 86 -11.14 11.89 49.27
C ILE K 86 -11.09 12.72 50.56
N LYS K 87 -11.80 12.25 51.55
CA LYS K 87 -11.62 12.72 52.93
C LYS K 87 -10.42 12.04 53.51
N CYS K 88 -9.46 12.83 53.93
CA CYS K 88 -8.27 12.30 54.55
C CYS K 88 -7.77 13.16 55.68
N ARG K 89 -6.64 12.72 56.20
CA ARG K 89 -5.98 13.37 57.29
C ARG K 89 -4.52 13.60 56.98
N ALA K 90 -4.12 14.82 57.32
CA ALA K 90 -2.78 15.32 57.04
C ALA K 90 -1.73 14.67 57.92
N ILE K 91 -0.61 14.28 57.37
CA ILE K 91 0.38 13.69 58.22
C ILE K 91 1.70 14.31 57.91
N GLY K 92 1.76 15.25 56.99
CA GLY K 92 3.07 15.76 56.53
C GLY K 92 3.04 16.86 55.49
N VAL K 93 4.22 17.46 55.25
CA VAL K 93 4.43 18.45 54.21
C VAL K 93 5.69 18.14 53.44
N LEU K 94 5.56 18.17 52.13
CA LEU K 94 6.73 18.05 51.25
C LEU K 94 6.97 19.48 50.85
N MET K 95 8.20 19.93 51.02
CA MET K 95 8.53 21.34 50.80
C MET K 95 9.48 21.42 49.68
N MET K 96 9.13 22.24 48.69
CA MET K 96 9.93 22.36 47.47
C MET K 96 10.09 23.79 47.00
N GLU K 97 10.95 23.92 46.01
CA GLU K 97 11.15 25.16 45.31
C GLU K 97 11.26 24.85 43.84
N ASP K 98 10.50 25.58 43.03
CA ASP K 98 10.62 25.47 41.58
C ASP K 98 11.13 26.80 41.06
N GLU K 99 11.13 26.92 39.74
CA GLU K 99 11.67 28.12 39.07
C GLU K 99 10.86 29.36 39.43
N SER K 100 9.64 29.11 39.93
CA SER K 100 8.66 30.14 40.27
C SER K 100 8.74 30.51 41.72
N GLY K 101 9.54 29.75 42.45
CA GLY K 101 9.70 29.96 43.87
C GLY K 101 9.17 28.83 44.72
N LEU K 102 8.76 29.21 45.92
CA LEU K 102 8.45 28.23 46.98
C LEU K 102 7.12 27.52 46.76
N ASP K 103 7.10 26.28 47.20
CA ASP K 103 5.95 25.41 47.02
C ASP K 103 5.92 24.31 48.06
N GLU K 104 4.75 24.10 48.61
CA GLU K 104 4.60 23.08 49.63
C GLU K 104 3.39 22.25 49.29
N LYS K 105 3.56 20.95 49.40
CA LYS K 105 2.43 20.06 49.26
C LYS K 105 2.27 19.25 50.51
N ILE K 106 1.04 19.27 50.98
CA ILE K 106 0.57 18.39 52.09
C ILE K 106 0.51 16.90 51.71
N ILE K 107 0.97 16.08 52.65
CA ILE K 107 0.94 14.61 52.52
C ILE K 107 -0.17 14.20 53.44
N ALA K 108 -1.19 13.58 52.84
CA ALA K 108 -2.40 13.16 53.53
C ALA K 108 -2.64 11.67 53.24
N VAL K 109 -3.38 11.01 54.13
CA VAL K 109 -3.81 9.61 53.94
C VAL K 109 -5.32 9.57 54.14
N PRO K 110 -5.99 8.53 53.62
CA PRO K 110 -7.41 8.48 53.83
C PRO K 110 -7.76 8.27 55.32
N THR K 111 -8.91 8.73 55.72
CA THR K 111 -9.36 8.46 57.04
C THR K 111 -9.63 6.97 57.19
N SER K 112 -9.78 6.57 58.44
CA SER K 112 -9.93 5.18 58.76
C SER K 112 -11.31 4.65 58.40
N LYS K 113 -12.32 5.49 58.33
CA LYS K 113 -13.55 5.01 57.74
C LYS K 113 -13.35 4.76 56.23
N LEU K 114 -12.43 5.43 55.55
CA LEU K 114 -12.26 5.13 54.11
C LEU K 114 -11.38 3.93 53.87
N ASP K 115 -10.30 3.85 54.63
CA ASP K 115 -9.38 2.71 54.57
C ASP K 115 -8.65 2.50 55.88
N ILE K 116 -9.20 1.59 56.68
CA ILE K 116 -8.69 1.32 58.02
C ILE K 116 -7.25 0.95 57.97
N THR K 117 -6.78 0.57 56.78
CA THR K 117 -5.42 0.08 56.63
C THR K 117 -4.42 1.24 56.78
N PHE K 118 -4.90 2.48 56.86
CA PHE K 118 -3.97 3.60 57.04
C PHE K 118 -3.93 4.06 58.51
N ASP K 119 -4.91 3.58 59.25
CA ASP K 119 -5.09 3.84 60.69
C ASP K 119 -3.79 4.12 61.45
N HIS K 120 -2.81 3.25 61.20
CA HIS K 120 -1.55 3.24 61.95
C HIS K 120 -0.51 4.15 61.31
N ILE K 121 -0.92 4.94 60.34
CA ILE K 121 0.05 5.86 59.72
C ILE K 121 -0.27 7.24 60.26
N LYS K 122 0.66 7.71 61.08
CA LYS K 122 0.45 8.88 61.95
C LYS K 122 1.34 10.07 61.60
N GLU K 123 2.54 9.74 61.15
CA GLU K 123 3.57 10.71 60.80
CA GLU K 123 3.49 10.75 60.72
C GLU K 123 4.29 10.19 59.56
N LEU K 124 5.01 11.06 58.91
CA LEU K 124 5.75 10.68 57.71
C LEU K 124 6.71 9.48 57.87
N ASP K 125 7.30 9.30 59.07
CA ASP K 125 8.26 8.20 59.30
C ASP K 125 7.52 6.87 59.19
N ASP K 126 6.21 6.94 59.37
CA ASP K 126 5.33 5.77 59.21
C ASP K 126 5.14 5.25 57.75
N LEU K 127 5.50 6.09 56.77
CA LEU K 127 5.39 5.75 55.33
C LEU K 127 6.60 5.04 54.89
N CYS K 128 6.35 4.13 53.95
CA CYS K 128 7.39 3.41 53.22
C CYS K 128 8.51 4.32 52.80
N GLU K 129 9.73 3.98 53.13
CA GLU K 129 10.85 4.83 52.79
C GLU K 129 10.92 5.01 51.28
N MET K 130 10.77 3.90 50.55
CA MET K 130 10.91 3.92 49.07
C MET K 130 9.82 4.75 48.42
N LEU K 131 8.61 4.70 48.96
CA LEU K 131 7.49 5.53 48.48
C LEU K 131 7.85 6.99 48.60
N LYS K 132 8.47 7.36 49.72
CA LYS K 132 8.79 8.76 49.98
C LYS K 132 9.86 9.18 49.01
N LYS K 133 10.81 8.28 48.78
CA LYS K 133 11.84 8.50 47.75
C LYS K 133 11.28 8.60 46.33
N ARG K 134 10.25 7.83 46.07
CA ARG K 134 9.56 7.82 44.80
C ARG K 134 8.90 9.19 44.56
N ILE K 135 8.26 9.73 45.59
CA ILE K 135 7.59 11.04 45.50
C ILE K 135 8.61 12.16 45.16
N VAL K 136 9.66 12.25 45.97
CA VAL K 136 10.81 13.19 45.78
C VAL K 136 11.38 13.13 44.37
N HIS K 137 11.71 11.92 43.95
CA HIS K 137 12.26 11.63 42.61
C HIS K 137 11.30 12.14 41.51
N PHE K 138 10.00 12.02 41.79
CA PHE K 138 9.02 12.34 40.74
C PHE K 138 9.01 13.85 40.52
N PHE K 139 8.80 14.55 41.62
CA PHE K 139 8.71 16.00 41.59
C PHE K 139 10.00 16.66 41.07
N GLU K 140 11.12 16.03 41.35
CA GLU K 140 12.42 16.55 40.96
C GLU K 140 12.70 16.31 39.52
N HIS K 141 11.96 15.38 38.91
CA HIS K 141 12.21 15.09 37.49
C HIS K 141 11.03 15.22 36.55
N TYR K 142 9.83 15.41 37.05
CA TYR K 142 8.66 15.37 36.12
C TYR K 142 8.64 16.54 35.09
N LYS K 143 9.45 17.55 35.32
CA LYS K 143 9.38 18.70 34.45
C LYS K 143 10.66 18.86 33.70
N ASP K 144 11.50 17.82 33.71
CA ASP K 144 12.83 17.90 33.07
C ASP K 144 12.79 18.23 31.60
N LEU K 145 11.64 17.97 30.97
CA LEU K 145 11.56 18.05 29.48
C LEU K 145 10.80 19.27 29.10
N GLU K 146 10.56 20.07 30.11
CA GLU K 146 9.95 21.34 29.92
C GLU K 146 10.98 22.46 30.16
N LYS K 147 11.14 23.33 29.17
CA LYS K 147 12.22 24.35 29.20
C LYS K 147 12.03 25.36 30.31
N GLY K 148 13.12 25.64 31.00
CA GLY K 148 13.15 26.56 32.12
C GLY K 148 12.52 26.03 33.38
N LYS K 149 12.03 24.81 33.34
CA LYS K 149 11.30 24.29 34.50
C LYS K 149 12.17 23.45 35.37
N TRP K 150 12.12 23.73 36.66
CA TRP K 150 12.80 22.88 37.62
C TRP K 150 12.15 22.86 38.98
N VAL K 151 12.56 21.85 39.72
CA VAL K 151 12.06 21.54 41.05
C VAL K 151 13.16 20.97 41.96
N LYS K 152 13.26 21.57 43.15
CA LYS K 152 14.13 21.08 44.22
C LYS K 152 13.38 20.84 45.49
N VAL K 153 13.50 19.60 45.97
CA VAL K 153 12.90 19.24 47.24
C VAL K 153 13.89 19.66 48.33
N THR K 154 13.38 20.41 49.29
CA THR K 154 14.22 21.05 50.30
C THR K 154 14.13 20.30 51.62
N GLY K 155 13.03 19.62 51.82
CA GLY K 155 12.86 18.80 53.01
C GLY K 155 11.41 18.50 53.20
N TRP K 156 11.09 17.95 54.36
CA TRP K 156 9.75 17.62 54.72
C TRP K 156 9.35 18.37 55.97
N GLY K 157 8.06 18.63 56.09
CA GLY K 157 7.46 19.13 57.31
C GLY K 157 6.66 18.06 57.98
N ASP K 158 6.37 18.31 59.24
CA ASP K 158 5.61 17.39 60.07
C ASP K 158 4.13 17.74 60.12
N LYS K 159 3.41 17.01 60.96
CA LYS K 159 1.95 17.06 60.96
C LYS K 159 1.47 18.46 61.33
N VAL K 160 1.94 18.89 62.51
CA VAL K 160 1.70 20.23 63.04
C VAL K 160 1.94 21.24 61.93
N LYS K 161 3.09 21.19 61.35
CA LYS K 161 3.40 22.06 60.21
C LYS K 161 2.25 22.01 59.16
N ALA K 162 1.85 20.79 58.81
CA ALA K 162 0.80 20.58 57.82
C ALA K 162 -0.48 21.29 58.27
N GLU K 163 -0.83 21.03 59.53
CA GLU K 163 -2.10 21.52 60.07
C GLU K 163 -2.16 23.04 60.11
N THR K 164 -1.02 23.62 60.35
CA THR K 164 -0.83 25.07 60.31
C THR K 164 -1.04 25.66 58.93
N LEU K 165 -0.45 24.97 57.95
CA LEU K 165 -0.60 25.31 56.54
C LEU K 165 -2.08 25.32 56.13
N ILE K 166 -2.77 24.24 56.53
CA ILE K 166 -4.20 24.08 56.17
C ILE K 166 -5.04 25.21 56.79
N LYS K 167 -4.86 25.40 58.08
CA LYS K 167 -5.52 26.47 58.86
C LYS K 167 -5.33 27.86 58.24
N GLU K 168 -4.09 28.17 57.90
CA GLU K 168 -3.78 29.43 57.26
C GLU K 168 -4.52 29.60 55.92
N GLY K 169 -4.52 28.52 55.13
CA GLY K 169 -5.15 28.49 53.82
C GLY K 169 -6.62 28.59 53.98
N ILE K 170 -7.15 28.00 55.04
CA ILE K 170 -8.58 28.20 55.30
C ILE K 170 -8.86 29.67 55.69
N ASP K 171 -8.05 30.22 56.58
CA ASP K 171 -8.33 31.57 57.08
C ASP K 171 -8.14 32.60 55.98
N ARG K 172 -7.17 32.35 55.10
CA ARG K 172 -6.77 33.31 54.07
C ARG K 172 -7.83 33.39 52.96
N ASN K 173 -8.55 32.30 52.75
CA ASN K 173 -9.55 32.26 51.70
C ASN K 173 -10.61 33.34 51.89
N GLU L 15 -37.62 5.60 29.83
CA GLU L 15 -38.38 5.32 31.09
C GLU L 15 -37.76 5.98 32.31
N ILE L 16 -36.63 5.46 32.81
CA ILE L 16 -35.93 6.10 33.96
C ILE L 16 -34.50 6.51 33.66
N ASN L 17 -34.10 7.65 34.24
CA ASN L 17 -32.69 8.14 34.16
C ASN L 17 -31.90 7.71 35.36
N VAL L 18 -30.76 7.09 35.13
CA VAL L 18 -29.98 6.59 36.24
C VAL L 18 -28.56 7.14 36.22
N ILE L 19 -28.21 7.86 37.27
CA ILE L 19 -26.86 8.41 37.35
C ILE L 19 -26.01 7.35 37.98
N ILE L 20 -24.98 6.97 37.24
CA ILE L 20 -24.05 5.96 37.71
C ILE L 20 -22.97 6.54 38.69
N GLU L 21 -22.90 5.89 39.85
CA GLU L 21 -21.85 6.10 40.86
C GLU L 21 -20.66 5.15 40.73
N ILE L 22 -20.94 3.87 40.46
CA ILE L 22 -19.93 2.81 40.48
C ILE L 22 -20.10 1.94 39.24
N PRO L 23 -19.08 1.82 38.41
CA PRO L 23 -19.30 1.04 37.21
C PRO L 23 -19.12 -0.45 37.46
N MET L 24 -19.76 -1.26 36.63
CA MET L 24 -19.46 -2.70 36.63
C MET L 24 -18.00 -3.02 36.59
N ASN L 25 -17.63 -3.97 37.41
CA ASN L 25 -16.34 -4.63 37.41
C ASN L 25 -15.18 -3.64 37.59
N SER L 26 -15.48 -2.53 38.21
CA SER L 26 -14.53 -1.40 38.36
C SER L 26 -13.41 -1.46 39.43
N GLY L 27 -13.43 -2.30 40.45
CA GLY L 27 -12.25 -2.27 41.34
C GLY L 27 -12.62 -1.86 42.75
N PRO L 28 -11.65 -1.41 43.57
CA PRO L 28 -12.03 -1.36 44.98
C PRO L 28 -12.88 -0.19 45.38
N ILE L 29 -13.04 0.82 44.53
CA ILE L 29 -13.53 2.13 45.00
C ILE L 29 -15.02 2.32 45.04
N LYS L 30 -15.52 2.75 46.20
CA LYS L 30 -16.95 2.94 46.38
C LYS L 30 -17.38 4.38 46.41
N TYR L 31 -17.89 4.85 45.26
CA TYR L 31 -18.25 6.26 45.11
C TYR L 31 -19.69 6.46 45.51
N GLU L 32 -19.97 7.65 45.94
CA GLU L 32 -21.30 8.04 46.24
C GLU L 32 -21.43 9.55 46.01
N PHE L 33 -22.49 9.97 45.33
CA PHE L 33 -22.81 11.39 45.17
C PHE L 33 -23.28 12.08 46.43
N ASP L 34 -22.65 13.20 46.70
CA ASP L 34 -23.09 14.07 47.77
C ASP L 34 -24.21 14.90 47.18
N LYS L 35 -25.40 14.77 47.73
CA LYS L 35 -26.51 15.55 47.22
C LYS L 35 -26.27 17.03 47.58
N GLU L 36 -25.77 17.27 48.76
CA GLU L 36 -25.64 18.66 49.21
C GLU L 36 -24.74 19.43 48.26
N SER L 37 -23.72 18.78 47.74
CA SER L 37 -22.73 19.46 46.93
C SER L 37 -22.77 19.05 45.48
N GLY L 38 -23.31 17.87 45.22
CA GLY L 38 -23.31 17.31 43.85
C GLY L 38 -21.97 16.73 43.47
N ALA L 39 -21.07 16.69 44.43
CA ALA L 39 -19.73 16.16 44.18
C ALA L 39 -19.75 14.65 44.36
N LEU L 40 -18.90 13.96 43.60
CA LEU L 40 -18.68 12.53 43.79
C LEU L 40 -17.58 12.25 44.80
N PHE L 41 -17.96 11.68 45.91
CA PHE L 41 -17.05 11.36 46.98
C PHE L 41 -16.70 9.87 46.98
N VAL L 42 -15.49 9.59 47.46
CA VAL L 42 -15.07 8.24 47.83
C VAL L 42 -15.66 7.86 49.20
N ASP L 43 -16.68 7.02 49.16
CA ASP L 43 -17.29 6.48 50.34
C ASP L 43 -16.32 5.58 51.03
N ARG L 44 -15.74 4.67 50.30
CA ARG L 44 -14.63 3.91 50.83
C ARG L 44 -13.89 3.13 49.83
N PHE L 45 -12.72 2.72 50.30
CA PHE L 45 -11.86 1.79 49.65
C PHE L 45 -12.22 0.40 50.18
N MET L 46 -12.74 -0.44 49.28
CA MET L 46 -13.37 -1.72 49.67
C MET L 46 -12.29 -2.77 49.92
N GLN L 47 -12.49 -3.56 50.94
CA GLN L 47 -11.44 -4.42 51.45
C GLN L 47 -11.39 -5.82 50.81
N THR L 48 -12.50 -6.27 50.22
CA THR L 48 -12.49 -7.59 49.57
C THR L 48 -11.97 -7.48 48.16
N THR L 49 -11.76 -8.64 47.55
CA THR L 49 -11.39 -8.76 46.17
C THR L 49 -12.60 -8.64 45.26
N MET L 50 -13.76 -8.31 45.79
CA MET L 50 -14.96 -8.19 44.94
C MET L 50 -15.12 -6.87 44.16
N SER L 51 -15.55 -6.95 42.89
CA SER L 51 -16.05 -5.78 42.11
C SER L 51 -17.54 -5.80 41.97
N TYR L 52 -18.09 -4.62 41.68
CA TYR L 52 -19.54 -4.54 41.49
C TYR L 52 -19.88 -5.34 40.21
N PRO L 53 -21.01 -6.08 40.25
CA PRO L 53 -21.44 -7.04 39.21
C PRO L 53 -22.17 -6.33 38.09
N CYS L 54 -22.68 -5.14 38.42
CA CYS L 54 -23.33 -4.22 37.50
C CYS L 54 -22.93 -2.78 37.75
N ASN L 55 -23.33 -1.92 36.81
CA ASN L 55 -23.27 -0.47 37.05
C ASN L 55 -24.32 -0.19 38.12
N TYR L 56 -23.91 0.63 39.12
CA TYR L 56 -24.75 1.00 40.26
C TYR L 56 -24.99 2.51 40.36
N GLY L 57 -26.23 2.92 40.60
CA GLY L 57 -26.55 4.36 40.71
C GLY L 57 -27.88 4.65 41.33
N PHE L 58 -28.44 5.80 40.96
CA PHE L 58 -29.71 6.24 41.47
C PHE L 58 -30.50 7.02 40.48
N ILE L 59 -31.78 7.09 40.78
CA ILE L 59 -32.68 7.98 40.04
C ILE L 59 -32.85 9.34 40.70
N PRO L 60 -32.42 10.38 39.99
CA PRO L 60 -32.49 11.74 40.41
C PRO L 60 -33.90 12.10 40.75
N ASP L 61 -34.08 12.97 41.74
CA ASP L 61 -35.43 13.43 42.11
C ASP L 61 -36.33 12.32 42.55
N THR L 62 -35.75 11.40 43.28
CA THR L 62 -36.55 10.43 43.97
C THR L 62 -36.12 10.39 45.39
N LEU L 63 -37.06 9.97 46.22
CA LEU L 63 -36.79 9.73 47.62
C LEU L 63 -37.40 8.42 48.07
N SER L 64 -36.52 7.52 48.48
CA SER L 64 -36.93 6.35 49.21
C SER L 64 -37.28 6.75 50.62
N ASN L 65 -38.06 5.91 51.26
CA ASN L 65 -38.48 6.18 52.60
C ASN L 65 -37.28 6.27 53.53
N ASP L 66 -36.08 5.98 53.02
CA ASP L 66 -34.86 6.09 53.86
C ASP L 66 -34.25 7.48 53.67
N GLY L 67 -35.04 8.33 53.03
CA GLY L 67 -34.67 9.70 52.73
C GLY L 67 -33.73 9.80 51.55
N ASP L 68 -33.15 8.66 51.17
CA ASP L 68 -32.25 8.59 50.01
C ASP L 68 -33.05 8.37 48.71
N PRO L 69 -32.43 8.71 47.57
CA PRO L 69 -33.00 8.40 46.28
C PRO L 69 -33.10 6.91 46.04
N VAL L 70 -33.96 6.57 45.10
CA VAL L 70 -34.12 5.17 44.67
C VAL L 70 -32.84 4.67 44.00
N ASP L 71 -32.26 3.58 44.51
CA ASP L 71 -31.07 3.04 43.86
C ASP L 71 -31.33 1.91 42.88
N VAL L 72 -30.38 1.73 42.00
CA VAL L 72 -30.57 0.95 40.78
C VAL L 72 -29.29 0.32 40.39
N LEU L 73 -29.35 -0.99 40.21
CA LEU L 73 -28.39 -1.75 39.47
C LEU L 73 -28.78 -1.80 37.97
N VAL L 74 -27.96 -1.17 37.12
CA VAL L 74 -28.16 -1.30 35.67
C VAL L 74 -27.27 -2.37 35.14
N VAL L 75 -27.93 -3.42 34.68
CA VAL L 75 -27.26 -4.51 34.00
C VAL L 75 -27.01 -4.01 32.57
N ALA L 76 -25.77 -4.03 32.16
CA ALA L 76 -25.37 -3.67 30.82
C ALA L 76 -24.25 -4.57 30.39
N HIS L 77 -23.81 -4.44 29.13
CA HIS L 77 -22.69 -5.22 28.70
C HIS L 77 -21.37 -4.51 29.00
N HIS L 78 -21.42 -3.23 29.28
CA HIS L 78 -20.19 -2.47 29.52
C HIS L 78 -20.28 -1.53 30.69
N PRO L 79 -19.14 -1.30 31.39
CA PRO L 79 -19.06 -0.24 32.35
C PRO L 79 -19.20 1.13 31.74
N VAL L 80 -19.50 2.08 32.62
CA VAL L 80 -19.75 3.47 32.26
C VAL L 80 -18.90 4.37 33.21
N VAL L 81 -18.68 5.63 32.88
CA VAL L 81 -17.85 6.48 33.77
C VAL L 81 -18.73 6.88 34.92
N PRO L 82 -18.18 6.95 36.13
CA PRO L 82 -19.06 7.52 37.16
C PRO L 82 -19.54 8.90 36.79
N GLY L 83 -20.80 9.14 37.09
CA GLY L 83 -21.39 10.42 36.85
C GLY L 83 -22.08 10.50 35.50
N SER L 84 -21.87 9.49 34.64
CA SER L 84 -22.63 9.43 33.36
C SER L 84 -24.06 8.95 33.66
N VAL L 85 -24.97 9.30 32.77
CA VAL L 85 -26.40 8.94 32.94
C VAL L 85 -26.87 7.91 31.89
N ILE L 86 -27.46 6.82 32.37
CA ILE L 86 -28.08 5.78 31.51
C ILE L 86 -29.57 5.76 31.59
N LYS L 87 -30.22 5.98 30.44
CA LYS L 87 -31.67 5.76 30.32
C LYS L 87 -31.89 4.30 30.29
N CYS L 88 -32.79 3.83 31.17
CA CYS L 88 -33.11 2.43 31.31
C CYS L 88 -34.55 2.19 31.65
N ARG L 89 -34.85 0.92 31.79
CA ARG L 89 -36.18 0.53 32.22
C ARG L 89 -36.08 -0.56 33.24
N ALA L 90 -36.90 -0.47 34.27
CA ALA L 90 -36.87 -1.42 35.39
C ALA L 90 -37.48 -2.73 34.93
N ILE L 91 -36.85 -3.82 35.28
CA ILE L 91 -37.35 -5.19 35.01
C ILE L 91 -37.58 -5.94 36.35
N GLY L 92 -37.12 -5.36 37.46
CA GLY L 92 -37.30 -5.95 38.77
C GLY L 92 -36.76 -5.20 39.96
N VAL L 93 -36.67 -5.94 41.06
CA VAL L 93 -36.22 -5.42 42.36
C VAL L 93 -35.47 -6.52 43.11
N LEU L 94 -34.35 -6.16 43.70
CA LEU L 94 -33.61 -7.03 44.60
C LEU L 94 -33.83 -6.50 46.01
N MET L 95 -34.36 -7.35 46.87
CA MET L 95 -34.78 -6.91 48.19
C MET L 95 -33.82 -7.36 49.23
N MET L 96 -33.34 -6.39 50.00
CA MET L 96 -32.40 -6.70 51.06
C MET L 96 -32.67 -5.90 52.33
N GLU L 97 -31.78 -6.18 53.25
CA GLU L 97 -31.78 -5.64 54.58
C GLU L 97 -30.34 -5.46 54.88
N ASP L 98 -29.94 -4.30 55.39
CA ASP L 98 -28.59 -4.17 55.92
C ASP L 98 -28.57 -3.55 57.30
N GLU L 99 -27.38 -3.17 57.75
CA GLU L 99 -27.24 -2.76 59.14
C GLU L 99 -28.14 -1.55 59.45
N SER L 100 -28.30 -0.69 58.46
CA SER L 100 -29.11 0.51 58.63
C SER L 100 -30.56 0.25 58.30
N GLY L 101 -30.89 -0.99 57.98
CA GLY L 101 -32.28 -1.36 57.70
C GLY L 101 -32.56 -1.80 56.27
N LEU L 102 -33.77 -1.46 55.84
CA LEU L 102 -34.36 -1.97 54.59
C LEU L 102 -33.57 -1.45 53.44
N ASP L 103 -33.35 -2.30 52.46
CA ASP L 103 -32.62 -1.93 51.26
C ASP L 103 -33.13 -2.65 50.00
N GLU L 104 -33.95 -1.96 49.21
CA GLU L 104 -34.42 -2.48 47.92
C GLU L 104 -33.70 -1.76 46.75
N LYS L 105 -33.07 -2.54 45.88
CA LYS L 105 -32.41 -2.04 44.70
C LYS L 105 -33.10 -2.52 43.47
N ILE L 106 -33.50 -1.56 42.64
CA ILE L 106 -34.06 -1.85 41.32
C ILE L 106 -33.06 -2.46 40.34
N ILE L 107 -33.56 -3.42 39.57
CA ILE L 107 -32.80 -4.01 38.47
C ILE L 107 -33.36 -3.44 37.17
N ALA L 108 -32.47 -2.81 36.39
CA ALA L 108 -32.84 -2.15 35.17
C ALA L 108 -31.86 -2.52 34.14
N VAL L 109 -32.26 -2.33 32.90
CA VAL L 109 -31.40 -2.60 31.72
C VAL L 109 -31.48 -1.41 30.76
N PRO L 110 -30.50 -1.27 29.84
CA PRO L 110 -30.60 -0.11 28.93
C PRO L 110 -31.88 -0.11 28.10
N THR L 111 -32.43 1.07 27.84
CA THR L 111 -33.49 1.16 26.83
C THR L 111 -32.99 0.75 25.47
N SER L 112 -33.93 0.43 24.59
CA SER L 112 -33.58 -0.22 23.35
C SER L 112 -32.92 0.71 22.36
N LYS L 113 -33.20 2.00 22.53
CA LYS L 113 -32.47 3.00 21.76
C LYS L 113 -31.00 3.08 22.20
N LEU L 114 -30.66 2.78 23.46
CA LEU L 114 -29.25 2.74 23.87
C LEU L 114 -28.61 1.44 23.44
N ASP L 115 -29.35 0.34 23.63
CA ASP L 115 -28.83 -1.02 23.37
C ASP L 115 -29.95 -2.00 23.17
N ILE L 116 -30.17 -2.20 21.90
CA ILE L 116 -31.27 -2.95 21.32
C ILE L 116 -31.22 -4.39 21.79
N THR L 117 -30.08 -4.84 22.26
CA THR L 117 -29.86 -6.24 22.63
C THR L 117 -30.45 -6.66 23.97
N PHE L 118 -31.09 -5.73 24.65
CA PHE L 118 -31.76 -6.05 25.89
C PHE L 118 -33.27 -6.12 25.68
N ASP L 119 -33.67 -5.94 24.44
CA ASP L 119 -35.08 -5.65 24.14
C ASP L 119 -35.95 -6.83 24.60
N HIS L 120 -35.41 -8.02 24.47
CA HIS L 120 -36.15 -9.26 24.81
C HIS L 120 -36.17 -9.47 26.32
N ILE L 121 -35.44 -8.63 27.04
CA ILE L 121 -35.39 -8.79 28.52
C ILE L 121 -36.37 -7.93 29.25
N LYS L 122 -37.42 -8.58 29.79
CA LYS L 122 -38.62 -7.89 30.28
C LYS L 122 -38.92 -8.12 31.79
N GLU L 123 -38.46 -9.25 32.27
CA GLU L 123 -38.60 -9.60 33.67
C GLU L 123 -37.34 -10.29 34.11
N LEU L 124 -37.23 -10.53 35.41
CA LEU L 124 -35.96 -11.07 35.98
C LEU L 124 -35.74 -12.43 35.42
N ASP L 125 -36.87 -13.00 35.09
CA ASP L 125 -36.96 -14.22 34.35
C ASP L 125 -36.01 -14.35 33.20
N ASP L 126 -35.86 -13.25 32.47
CA ASP L 126 -35.10 -13.23 31.19
C ASP L 126 -33.61 -13.04 31.40
N LEU L 127 -33.23 -12.74 32.63
CA LEU L 127 -31.82 -12.54 32.97
C LEU L 127 -31.11 -13.87 33.27
N CYS L 128 -29.87 -13.96 32.83
CA CYS L 128 -28.97 -15.06 33.18
C CYS L 128 -29.02 -15.42 34.64
N GLU L 129 -29.22 -16.69 34.89
CA GLU L 129 -29.36 -17.15 36.26
C GLU L 129 -28.06 -16.91 37.00
N MET L 130 -26.94 -17.10 36.33
CA MET L 130 -25.65 -17.04 37.02
C MET L 130 -25.38 -15.58 37.40
N LEU L 131 -25.87 -14.67 36.57
CA LEU L 131 -25.70 -13.23 36.84
C LEU L 131 -26.42 -12.86 38.07
N LYS L 132 -27.61 -13.42 38.21
CA LYS L 132 -28.44 -13.10 39.34
C LYS L 132 -27.79 -13.69 40.60
N LYS L 133 -27.21 -14.85 40.47
CA LYS L 133 -26.61 -15.44 41.66
C LYS L 133 -25.39 -14.61 42.06
N ARG L 134 -24.63 -14.19 41.06
CA ARG L 134 -23.44 -13.39 41.26
C ARG L 134 -23.73 -12.09 41.98
N ILE L 135 -24.84 -11.46 41.64
CA ILE L 135 -25.34 -10.28 42.30
C ILE L 135 -25.62 -10.55 43.81
N VAL L 136 -26.40 -11.59 44.10
CA VAL L 136 -26.70 -11.95 45.48
C VAL L 136 -25.36 -12.25 46.19
N HIS L 137 -24.54 -13.04 45.56
CA HIS L 137 -23.30 -13.42 46.23
C HIS L 137 -22.47 -12.15 46.55
N PHE L 138 -22.54 -11.17 45.62
CA PHE L 138 -21.77 -9.94 45.78
C PHE L 138 -22.28 -9.22 47.03
N PHE L 139 -23.60 -9.03 47.07
CA PHE L 139 -24.19 -8.20 48.10
C PHE L 139 -24.01 -8.78 49.51
N GLU L 140 -24.19 -10.10 49.60
CA GLU L 140 -24.13 -10.84 50.84
C GLU L 140 -22.72 -10.93 51.37
N HIS L 141 -21.73 -10.60 50.55
CA HIS L 141 -20.31 -10.81 50.94
C HIS L 141 -19.35 -9.60 50.97
N TYR L 142 -19.69 -8.54 50.28
CA TYR L 142 -18.72 -7.51 49.96
C TYR L 142 -18.41 -6.61 51.15
N LYS L 143 -19.22 -6.72 52.20
CA LYS L 143 -18.99 -5.98 53.44
C LYS L 143 -18.42 -6.86 54.52
N ASP L 144 -17.98 -8.06 54.16
CA ASP L 144 -17.63 -9.06 55.13
C ASP L 144 -16.41 -8.62 55.92
N LEU L 145 -15.63 -7.72 55.33
CA LEU L 145 -14.39 -7.28 56.00
C LEU L 145 -14.55 -5.86 56.54
N GLU L 146 -15.78 -5.38 56.50
CA GLU L 146 -16.13 -4.06 57.07
C GLU L 146 -16.81 -4.19 58.46
N LYS L 147 -16.16 -3.67 59.50
CA LYS L 147 -16.78 -3.75 60.84
C LYS L 147 -18.05 -2.98 60.82
N GLY L 148 -19.07 -3.62 61.34
CA GLY L 148 -20.29 -2.95 61.70
C GLY L 148 -21.22 -2.91 60.54
N LYS L 149 -20.85 -3.66 59.51
CA LYS L 149 -21.68 -3.75 58.32
C LYS L 149 -21.86 -5.17 57.78
N TRP L 150 -23.05 -5.35 57.22
CA TRP L 150 -23.59 -6.63 56.78
C TRP L 150 -24.81 -6.41 55.93
N VAL L 151 -25.16 -7.47 55.20
CA VAL L 151 -26.32 -7.51 54.30
C VAL L 151 -27.00 -8.86 54.31
N LYS L 152 -28.33 -8.86 54.34
CA LYS L 152 -29.12 -10.04 53.99
C LYS L 152 -30.11 -9.78 52.86
N VAL L 153 -30.07 -10.69 51.87
CA VAL L 153 -30.96 -10.66 50.73
C VAL L 153 -32.27 -11.37 51.14
N THR L 154 -33.42 -10.73 50.97
CA THR L 154 -34.62 -11.38 51.41
C THR L 154 -35.43 -11.96 50.27
N GLY L 155 -35.36 -11.35 49.09
CA GLY L 155 -36.11 -11.84 47.95
C GLY L 155 -35.86 -11.04 46.68
N TRP L 156 -36.74 -11.27 45.70
CA TRP L 156 -36.77 -10.46 44.48
C TRP L 156 -38.19 -10.04 44.23
N GLY L 157 -38.35 -8.97 43.49
CA GLY L 157 -39.65 -8.52 43.07
C GLY L 157 -39.67 -8.38 41.57
N ASP L 158 -40.87 -8.32 41.01
CA ASP L 158 -41.05 -8.28 39.56
C ASP L 158 -41.15 -6.83 39.04
N LYS L 159 -41.47 -6.70 37.76
CA LYS L 159 -41.52 -5.41 37.09
C LYS L 159 -42.50 -4.49 37.79
N VAL L 160 -43.66 -5.04 38.15
CA VAL L 160 -44.77 -4.25 38.73
C VAL L 160 -44.35 -3.68 40.10
N LYS L 161 -43.63 -4.51 40.81
CA LYS L 161 -43.11 -4.18 42.09
C LYS L 161 -42.07 -3.07 41.93
N ALA L 162 -41.35 -3.11 40.81
CA ALA L 162 -40.26 -2.17 40.58
C ALA L 162 -40.85 -0.80 40.26
N GLU L 163 -41.84 -0.82 39.38
CA GLU L 163 -42.49 0.38 38.90
C GLU L 163 -43.24 1.09 40.05
N THR L 164 -43.61 0.33 41.06
CA THR L 164 -44.38 0.87 42.14
C THR L 164 -43.45 1.56 43.13
N LEU L 165 -42.32 0.93 43.39
CA LEU L 165 -41.26 1.54 44.20
C LEU L 165 -40.79 2.84 43.58
N ILE L 166 -40.70 2.85 42.26
CA ILE L 166 -40.23 4.02 41.54
C ILE L 166 -41.24 5.17 41.67
N LYS L 167 -42.51 4.85 41.46
CA LYS L 167 -43.58 5.86 41.48
C LYS L 167 -43.76 6.40 42.92
N GLU L 168 -43.64 5.50 43.88
CA GLU L 168 -43.65 5.91 45.29
C GLU L 168 -42.47 6.86 45.61
N GLY L 169 -41.35 6.64 44.95
CA GLY L 169 -40.11 7.38 45.19
C GLY L 169 -40.17 8.76 44.60
N ILE L 170 -40.83 8.85 43.45
CA ILE L 170 -41.05 10.10 42.73
C ILE L 170 -42.11 10.95 43.40
N ASP L 171 -42.95 10.31 44.20
CA ASP L 171 -44.11 11.01 44.76
C ASP L 171 -43.77 11.46 46.16
N ARG L 172 -42.69 10.89 46.69
CA ARG L 172 -42.34 11.05 48.11
C ARG L 172 -41.34 12.18 48.33
O1 PG4 M . -19.47 -12.90 -17.05
C1 PG4 M . -18.55 -13.19 -18.12
C2 PG4 M . -19.15 -13.77 -19.41
O2 PG4 M . -18.43 -13.36 -20.60
C3 PG4 M . -18.75 -14.06 -21.82
C4 PG4 M . -19.63 -13.26 -22.77
O3 PG4 M . -21.01 -12.99 -22.37
C5 PG4 M . -21.63 -12.10 -23.35
C6 PG4 M . -23.13 -12.19 -23.61
O4 PG4 M . -23.38 -12.43 -25.01
C7 PG4 M . -24.13 -13.63 -25.26
C8 PG4 M . -23.46 -14.59 -26.19
O5 PG4 M . -22.49 -15.36 -25.45
O1 PG4 N . -33.16 -14.99 47.37
C1 PG4 N . -32.03 -15.67 46.75
C2 PG4 N . -32.08 -15.28 45.30
O2 PG4 N . -31.39 -16.11 44.32
C3 PG4 N . -32.17 -16.19 43.10
C4 PG4 N . -31.30 -16.44 41.87
O3 PG4 N . -32.23 -16.65 40.79
C5 PG4 N . -32.93 -15.43 40.47
C6 PG4 N . -34.39 -15.23 40.87
O4 PG4 N . -35.04 -14.35 39.87
C7 PG4 N . -36.41 -14.67 39.51
C8 PG4 N . -36.74 -14.88 37.99
O5 PG4 N . -36.63 -16.26 37.52
#